data_4P69
#
_entry.id   4P69
#
_cell.length_a   198.160
_cell.length_b   198.160
_cell.length_c   156.071
_cell.angle_alpha   90.000
_cell.angle_beta   90.000
_cell.angle_gamma   120.000
#
_symmetry.space_group_name_H-M   'P 63'
#
loop_
_entity.id
_entity.type
_entity.pdbx_description
1 polymer 'Isocitrate dehydrogenase kinase/phosphatase'
2 polymer 'Isocitrate dehydrogenase [NADP]'
3 non-polymer 'ADENOSINE MONOPHOSPHATE'
4 non-polymer "ADENOSINE-5'-DIPHOSPHATE"
5 water water
#
loop_
_entity_poly.entity_id
_entity_poly.type
_entity_poly.pdbx_seq_one_letter_code
_entity_poly.pdbx_strand_id
1 'polypeptide(L)'
;GLELLIAQTILQGFDAQYGRFLEVTSGAQQRFEQADWHAVQQAMKNRIHLYDHHVGLVVEQLRCITNGQSTDAEFLLRVK
EHYTRLLPDYPRFEIAESFFNSVYCRLFDHRSLTPERLFIFSSQPERRFRTIPRPLAKDFHPDHGWESLLMRVISDLPLR
LHWQNKSRDIHYIIRHLTETLGPENLSKSHLQVANELFYRNKAAWLVGKLITPSGTLPFLLPIHQTDDGELFIDTCLTTT
AEASIVFGFARSYFMVYAPLPAALVEWLREILPGKTTAELYMAIGCQKHAKTESYREYLVYLQGCNEQFIEAPGIRGMVM
LVFTLPGFDRVFKVIKDKFAPQKEMSAAHVRACYQLVKEHDRVGRMADTQEFENFVLEKRHISPALMELLLQEAAEKITD
LGEQIVIRHLYIERRMVPLNIWLEQVEGQQLRDAIEEYGNAIRQLAAANIFPGDMLFKNFGVTRHGRVVFYDYAEICYMT
EVNFRDIPPPRYPEDELASEPWYSVSPGDVFPEEFRHWLCADPRIGPLFEEMHADLFRADYWRALQNRIREGHVEDVYAY
RRRQRFSV
;
A,B
2 'polypeptide(L)'
;ESKVVVPAQGKKITLQNGKLNVPENPIIPYIEGDGIGVDVTPAMLKVVDAAVEKAYKGERKISWMEIYTGEKSTQVYGQD
VWLPAETLDLIREYRVAIKGPLTTPVGGGIRSLNVALRQELDLYICLRPVRYYQGTPSPVKHPELTDMVIFRENSEDIYA
GIEWKADSADAEKVIKFLREEMGVKKIRFPEHCGIGIKPCSEEGTKRLVRAAIEYAIANDRDSVTLVHKGNIMKFTEGAF
KDWGYQLAREEFGGELIDGGPWLKVKNPNTGKEIVIKDVIADAFLQQILLRPAEYDVIACMNLNGDYISDALAAQVGGIG
IAPGANIGDECALFEATHGTAPKYAGQDKVNPGSIILSAEMMLRHMGWTEAADLIVKGMEGAINAKTVTYDFERLMDGAK
LLKCSEFGDAIIENM
;
C,D
#
loop_
_chem_comp.id
_chem_comp.type
_chem_comp.name
_chem_comp.formula
ADP non-polymer ADENOSINE-5'-DIPHOSPHATE 'C10 H15 N5 O10 P2'
AMP non-polymer 'ADENOSINE MONOPHOSPHATE' 'C10 H14 N5 O7 P'
#
# COMPACT_ATOMS: atom_id res chain seq x y z
N GLY A 1 -23.77 2.87 17.88
CA GLY A 1 -23.82 2.21 19.17
C GLY A 1 -24.21 0.75 19.06
N LEU A 2 -25.26 0.36 19.76
CA LEU A 2 -25.85 -0.94 19.53
C LEU A 2 -26.40 -1.00 18.12
N GLU A 3 -26.90 0.14 17.67
CA GLU A 3 -27.83 0.15 16.58
C GLU A 3 -27.23 -0.48 15.37
N LEU A 4 -26.05 -0.03 15.00
CA LEU A 4 -25.47 -0.49 13.78
C LEU A 4 -25.28 -1.97 13.90
N LEU A 5 -25.18 -2.45 15.12
CA LEU A 5 -25.19 -3.86 15.33
C LEU A 5 -26.54 -4.39 14.96
N ILE A 6 -27.56 -3.67 15.40
CA ILE A 6 -28.87 -4.17 15.13
C ILE A 6 -29.14 -4.15 13.66
N ALA A 7 -28.96 -3.01 13.04
CA ALA A 7 -29.40 -2.84 11.67
C ALA A 7 -28.70 -3.84 10.79
N GLN A 8 -27.43 -4.03 11.02
CA GLN A 8 -26.70 -4.96 10.20
C GLN A 8 -27.33 -6.28 10.39
N THR A 9 -27.68 -6.55 11.64
CA THR A 9 -28.07 -7.88 12.00
C THR A 9 -29.27 -8.22 11.20
N ILE A 10 -30.20 -7.30 11.10
CA ILE A 10 -31.33 -7.55 10.27
C ILE A 10 -30.86 -7.69 8.85
N LEU A 11 -30.10 -6.72 8.41
CA LEU A 11 -29.78 -6.62 7.02
C LEU A 11 -29.06 -7.87 6.65
N GLN A 12 -28.22 -8.33 7.55
CA GLN A 12 -27.55 -9.57 7.30
C GLN A 12 -28.64 -10.58 7.18
N GLY A 13 -29.63 -10.42 8.03
CA GLY A 13 -30.61 -11.45 8.18
C GLY A 13 -31.24 -11.63 6.85
N PHE A 14 -31.48 -10.53 6.17
CA PHE A 14 -32.19 -10.62 4.93
C PHE A 14 -31.39 -11.42 3.95
N ASP A 15 -30.09 -11.18 3.93
CA ASP A 15 -29.34 -11.71 2.84
C ASP A 15 -29.52 -13.17 2.92
N ALA A 16 -29.40 -13.72 4.11
CA ALA A 16 -29.42 -15.14 4.23
C ALA A 16 -30.73 -15.56 3.70
N GLN A 17 -31.76 -14.79 4.02
CA GLN A 17 -33.07 -15.27 3.75
C GLN A 17 -33.10 -15.47 2.29
N TYR A 18 -32.65 -14.48 1.55
CA TYR A 18 -32.79 -14.55 0.13
C TYR A 18 -31.99 -15.64 -0.47
N GLY A 19 -30.78 -15.86 0.01
CA GLY A 19 -29.94 -16.83 -0.63
C GLY A 19 -30.65 -18.15 -0.55
N ARG A 20 -31.13 -18.48 0.61
CA ARG A 20 -31.75 -19.77 0.80
C ARG A 20 -32.88 -19.84 -0.18
N PHE A 21 -33.51 -18.70 -0.39
CA PHE A 21 -34.63 -18.65 -1.27
C PHE A 21 -34.12 -19.05 -2.61
N LEU A 22 -32.95 -18.57 -2.95
CA LEU A 22 -32.39 -18.91 -4.24
C LEU A 22 -32.00 -20.36 -4.37
N GLU A 23 -31.38 -20.93 -3.35
CA GLU A 23 -30.94 -22.31 -3.44
C GLU A 23 -32.09 -23.24 -3.60
N VAL A 24 -33.14 -22.98 -2.87
CA VAL A 24 -34.26 -23.89 -2.87
C VAL A 24 -34.85 -23.95 -4.26
N THR A 25 -34.88 -22.82 -4.93
CA THR A 25 -35.39 -22.74 -6.27
C THR A 25 -34.59 -23.57 -7.23
N SER A 26 -33.29 -23.54 -7.03
CA SER A 26 -32.34 -23.99 -8.00
C SER A 26 -32.65 -25.42 -8.28
N GLY A 27 -33.20 -26.07 -7.30
CA GLY A 27 -33.51 -27.47 -7.36
C GLY A 27 -34.54 -27.72 -8.41
N ALA A 28 -35.25 -26.68 -8.77
CA ALA A 28 -36.49 -26.86 -9.47
C ALA A 28 -36.18 -27.64 -10.70
N GLN A 29 -35.09 -27.31 -11.34
CA GLN A 29 -34.83 -27.94 -12.59
C GLN A 29 -34.67 -29.40 -12.34
N GLN A 30 -33.97 -29.75 -11.28
CA GLN A 30 -33.66 -31.15 -11.11
C GLN A 30 -34.92 -31.92 -10.96
N ARG A 31 -35.87 -31.39 -10.20
CA ARG A 31 -37.09 -32.12 -9.98
C ARG A 31 -37.84 -32.31 -11.28
N PHE A 32 -38.00 -31.25 -12.03
CA PHE A 32 -38.76 -31.37 -13.24
C PHE A 32 -38.02 -32.39 -14.03
N GLU A 33 -36.71 -32.29 -14.02
CA GLU A 33 -35.92 -33.11 -14.89
C GLU A 33 -36.30 -34.48 -14.47
N GLN A 34 -36.18 -34.72 -13.18
CA GLN A 34 -36.52 -35.99 -12.62
C GLN A 34 -37.97 -35.94 -12.29
N ALA A 35 -38.41 -36.99 -11.63
CA ALA A 35 -39.79 -37.19 -11.29
C ALA A 35 -39.95 -37.19 -9.80
N ASP A 36 -40.06 -36.02 -9.19
CA ASP A 36 -40.33 -35.96 -7.78
C ASP A 36 -41.50 -35.04 -7.60
N TRP A 37 -42.42 -35.13 -8.53
CA TRP A 37 -43.54 -34.25 -8.57
C TRP A 37 -44.20 -34.12 -7.23
N HIS A 38 -43.95 -35.02 -6.32
CA HIS A 38 -44.40 -34.77 -4.97
C HIS A 38 -43.47 -33.77 -4.36
N ALA A 39 -42.20 -33.96 -4.60
CA ALA A 39 -41.15 -33.13 -4.06
C ALA A 39 -41.34 -31.75 -4.59
N VAL A 40 -41.83 -31.68 -5.80
CA VAL A 40 -41.99 -30.42 -6.44
C VAL A 40 -42.95 -29.66 -5.59
N GLN A 41 -44.02 -30.34 -5.20
CA GLN A 41 -45.06 -29.68 -4.44
C GLN A 41 -44.53 -29.21 -3.13
N GLN A 42 -43.77 -30.07 -2.48
CA GLN A 42 -43.33 -29.78 -1.14
C GLN A 42 -42.45 -28.57 -1.09
N ALA A 43 -41.48 -28.54 -1.98
CA ALA A 43 -40.46 -27.52 -1.92
C ALA A 43 -41.18 -26.22 -2.01
N MET A 44 -42.19 -26.23 -2.85
CA MET A 44 -43.04 -25.10 -2.99
C MET A 44 -43.69 -24.90 -1.66
N LYS A 45 -43.99 -25.97 -0.95
CA LYS A 45 -44.62 -25.82 0.33
C LYS A 45 -43.69 -25.14 1.30
N ASN A 46 -42.45 -25.61 1.38
CA ASN A 46 -41.44 -25.03 2.27
C ASN A 46 -41.07 -23.61 1.96
N ARG A 47 -41.01 -23.28 0.69
CA ARG A 47 -40.49 -22.00 0.29
C ARG A 47 -41.33 -20.99 0.98
N ILE A 48 -42.60 -21.30 1.14
CA ILE A 48 -43.53 -20.38 1.77
C ILE A 48 -43.05 -20.16 3.18
N HIS A 49 -42.39 -21.16 3.72
CA HIS A 49 -42.02 -21.11 5.12
C HIS A 49 -40.64 -20.56 5.38
N LEU A 50 -39.90 -20.23 4.34
CA LEU A 50 -38.56 -19.68 4.53
C LEU A 50 -38.47 -18.30 5.13
N TYR A 51 -39.21 -17.37 4.57
CA TYR A 51 -39.03 -15.98 4.90
C TYR A 51 -39.32 -15.80 6.35
N ASP A 52 -40.33 -16.48 6.84
CA ASP A 52 -40.75 -16.34 8.20
C ASP A 52 -39.72 -16.82 9.20
N HIS A 53 -38.99 -17.86 8.86
CA HIS A 53 -38.07 -18.44 9.82
C HIS A 53 -37.00 -17.45 10.20
N HIS A 54 -36.31 -16.94 9.19
CA HIS A 54 -35.15 -16.16 9.45
C HIS A 54 -35.61 -15.00 10.25
N VAL A 55 -36.71 -14.43 9.83
CA VAL A 55 -37.23 -13.27 10.48
C VAL A 55 -37.45 -13.70 11.88
N GLY A 56 -37.99 -14.88 12.03
CA GLY A 56 -38.26 -15.37 13.34
C GLY A 56 -36.91 -15.43 14.00
N LEU A 57 -35.94 -15.87 13.24
CA LEU A 57 -34.65 -16.09 13.81
C LEU A 57 -34.09 -14.79 14.30
N VAL A 58 -34.18 -13.75 13.49
CA VAL A 58 -33.49 -12.55 13.82
C VAL A 58 -33.95 -12.01 15.15
N VAL A 59 -35.24 -11.97 15.34
CA VAL A 59 -35.77 -11.23 16.44
C VAL A 59 -35.15 -11.84 17.66
N GLU A 60 -35.03 -13.16 17.66
CA GLU A 60 -34.47 -13.76 18.83
C GLU A 60 -33.08 -13.22 18.95
N GLN A 61 -32.38 -13.09 17.84
CA GLN A 61 -31.04 -12.59 17.96
C GLN A 61 -31.16 -11.23 18.56
N LEU A 62 -32.09 -10.46 18.04
CA LEU A 62 -32.18 -9.10 18.46
C LEU A 62 -32.47 -9.08 19.93
N ARG A 63 -33.33 -9.96 20.37
CA ARG A 63 -33.75 -9.86 21.73
C ARG A 63 -32.47 -10.00 22.49
N CYS A 64 -31.75 -11.06 22.18
CA CYS A 64 -30.61 -11.44 22.99
C CYS A 64 -29.59 -10.35 22.96
N ILE A 65 -29.18 -9.92 21.79
CA ILE A 65 -28.72 -8.56 21.67
C ILE A 65 -29.85 -7.67 22.18
N THR A 66 -31.00 -8.15 21.74
CA THR A 66 -32.29 -7.73 22.10
C THR A 66 -32.22 -7.08 23.46
N ASN A 67 -31.55 -7.72 24.41
CA ASN A 67 -31.51 -7.20 25.77
C ASN A 67 -30.09 -6.99 26.28
N GLU A 74 -37.87 7.49 21.42
CA GLU A 74 -36.66 7.75 20.67
C GLU A 74 -36.16 6.45 20.07
N PHE A 75 -34.91 6.42 19.69
CA PHE A 75 -34.32 5.19 19.25
C PHE A 75 -35.04 4.79 18.01
N LEU A 76 -34.94 3.52 17.68
CA LEU A 76 -35.85 2.97 16.71
C LEU A 76 -35.54 3.67 15.43
N LEU A 77 -35.76 4.98 15.45
CA LEU A 77 -35.54 5.74 14.25
C LEU A 77 -34.09 5.63 13.91
N ARG A 78 -33.25 5.70 14.92
CA ARG A 78 -31.85 5.77 14.64
C ARG A 78 -31.59 4.52 13.85
N VAL A 79 -32.23 3.45 14.24
CA VAL A 79 -32.02 2.24 13.50
C VAL A 79 -32.49 2.38 12.06
N LYS A 80 -33.61 3.05 11.80
CA LYS A 80 -34.05 3.10 10.42
C LYS A 80 -33.04 3.81 9.57
N GLU A 81 -32.51 4.92 10.08
CA GLU A 81 -31.55 5.64 9.30
C GLU A 81 -30.35 4.78 9.12
N HIS A 82 -29.88 4.20 10.21
CA HIS A 82 -28.66 3.44 10.14
C HIS A 82 -28.88 2.30 9.20
N TYR A 83 -29.96 1.58 9.43
CA TYR A 83 -30.30 0.51 8.54
C TYR A 83 -30.59 1.14 7.23
N THR A 84 -31.29 2.25 7.28
CA THR A 84 -31.73 2.92 6.09
C THR A 84 -30.56 3.37 5.26
N ARG A 85 -29.52 3.84 5.91
CA ARG A 85 -28.37 4.41 5.23
C ARG A 85 -27.67 3.38 4.37
N LEU A 86 -27.78 2.14 4.77
CA LEU A 86 -27.14 1.02 4.13
C LEU A 86 -27.61 0.72 2.73
N LEU A 87 -28.86 1.08 2.45
CA LEU A 87 -29.59 0.56 1.31
C LEU A 87 -29.01 0.94 -0.03
N PRO A 88 -28.55 2.16 -0.18
CA PRO A 88 -28.03 2.58 -1.46
C PRO A 88 -26.87 1.69 -1.79
N ASP A 89 -26.72 1.31 -3.03
CA ASP A 89 -25.73 0.31 -3.37
C ASP A 89 -26.02 -1.04 -2.75
N TYR A 90 -27.28 -1.43 -2.72
CA TYR A 90 -27.65 -2.77 -2.37
C TYR A 90 -28.54 -3.28 -3.48
N PRO A 91 -28.28 -4.44 -4.04
CA PRO A 91 -28.98 -4.74 -5.27
C PRO A 91 -30.46 -4.77 -5.06
N ARG A 92 -30.92 -5.39 -3.99
CA ARG A 92 -32.34 -5.48 -3.76
C ARG A 92 -32.73 -5.07 -2.37
N PHE A 93 -32.76 -3.78 -2.15
CA PHE A 93 -33.15 -3.23 -0.89
C PHE A 93 -34.57 -3.61 -0.60
N GLU A 94 -35.40 -3.55 -1.61
CA GLU A 94 -36.81 -3.34 -1.46
C GLU A 94 -37.34 -4.40 -0.58
N ILE A 95 -36.92 -5.61 -0.84
CA ILE A 95 -37.27 -6.68 0.03
C ILE A 95 -36.67 -6.31 1.36
N ALA A 96 -35.50 -5.71 1.30
CA ALA A 96 -34.72 -5.51 2.49
C ALA A 96 -35.52 -4.66 3.41
N GLU A 97 -36.26 -3.74 2.85
CA GLU A 97 -37.14 -2.95 3.66
C GLU A 97 -38.18 -3.86 4.24
N SER A 98 -38.76 -4.67 3.37
CA SER A 98 -39.91 -5.47 3.72
C SER A 98 -39.50 -6.39 4.82
N PHE A 99 -38.26 -6.81 4.78
CA PHE A 99 -37.76 -7.62 5.86
C PHE A 99 -37.74 -6.82 7.12
N PHE A 100 -37.41 -5.55 7.00
CA PHE A 100 -37.28 -4.74 8.18
C PHE A 100 -38.60 -4.65 8.87
N ASN A 101 -39.61 -4.32 8.10
CA ASN A 101 -40.89 -4.04 8.66
C ASN A 101 -41.31 -5.30 9.37
N SER A 102 -41.02 -6.43 8.77
CA SER A 102 -41.51 -7.65 9.29
C SER A 102 -40.97 -7.78 10.68
N VAL A 103 -39.72 -7.41 10.86
CA VAL A 103 -39.13 -7.56 12.16
C VAL A 103 -39.85 -6.68 13.15
N TYR A 104 -40.06 -5.43 12.77
CA TYR A 104 -40.61 -4.51 13.72
C TYR A 104 -41.93 -5.06 14.10
N CYS A 105 -42.70 -5.48 13.11
CA CYS A 105 -44.03 -5.91 13.38
C CYS A 105 -43.90 -7.08 14.30
N ARG A 106 -42.95 -7.94 14.03
CA ARG A 106 -42.78 -9.14 14.83
C ARG A 106 -42.43 -8.80 16.26
N LEU A 107 -41.62 -7.78 16.42
CA LEU A 107 -41.22 -7.37 17.75
C LEU A 107 -42.37 -6.85 18.57
N PHE A 108 -43.22 -6.06 17.93
CA PHE A 108 -44.26 -5.33 18.60
C PHE A 108 -45.65 -5.90 18.34
N ASP A 109 -45.71 -7.14 17.91
CA ASP A 109 -46.98 -7.76 17.70
C ASP A 109 -47.77 -6.88 16.76
N HIS A 110 -47.11 -6.39 15.73
CA HIS A 110 -47.84 -5.60 14.76
C HIS A 110 -48.59 -4.40 15.32
N ARG A 111 -47.89 -3.53 16.02
CA ARG A 111 -48.52 -2.34 16.57
C ARG A 111 -47.77 -1.07 16.19
N SER A 112 -48.48 0.05 16.13
CA SER A 112 -47.83 1.34 16.08
C SER A 112 -47.17 1.70 14.77
N LEU A 113 -47.56 1.06 13.70
CA LEU A 113 -46.87 1.24 12.46
C LEU A 113 -46.98 2.67 11.96
N THR A 114 -45.88 3.22 11.49
CA THR A 114 -45.94 4.56 10.97
C THR A 114 -44.78 4.73 10.06
N PRO A 115 -44.82 5.70 9.18
CA PRO A 115 -43.80 5.77 8.18
C PRO A 115 -42.50 5.90 8.93
N GLU A 116 -42.62 6.63 10.00
CA GLU A 116 -41.57 6.98 10.87
C GLU A 116 -40.93 5.75 11.44
N ARG A 117 -41.75 4.92 12.06
CA ARG A 117 -41.22 3.74 12.72
C ARG A 117 -40.62 2.72 11.78
N LEU A 118 -41.25 2.51 10.63
CA LEU A 118 -40.78 1.50 9.70
C LEU A 118 -41.23 1.73 8.27
N PHE A 119 -40.75 0.89 7.37
CA PHE A 119 -40.80 1.15 5.96
C PHE A 119 -42.14 0.79 5.35
N ILE A 120 -43.16 1.57 5.66
CA ILE A 120 -44.40 1.43 4.95
C ILE A 120 -44.19 1.84 3.50
N PHE A 121 -43.33 2.83 3.29
CA PHE A 121 -43.08 3.35 1.96
C PHE A 121 -41.61 3.36 1.63
N SER A 122 -41.32 3.36 0.35
CA SER A 122 -40.05 2.93 -0.22
C SER A 122 -38.82 3.49 0.43
N SER A 123 -38.71 4.79 0.43
CA SER A 123 -37.53 5.42 0.98
C SER A 123 -36.32 5.11 0.13
N GLN A 124 -36.46 5.25 -1.17
CA GLN A 124 -35.32 5.11 -2.09
C GLN A 124 -35.79 5.09 -3.52
N PRO A 133 -26.86 -4.05 -15.55
CA PRO A 133 -26.46 -4.85 -14.39
C PRO A 133 -26.06 -6.20 -14.88
N ARG A 134 -27.05 -6.93 -15.35
CA ARG A 134 -26.84 -8.15 -16.09
C ARG A 134 -28.08 -8.41 -16.89
N PRO A 135 -28.04 -9.27 -17.88
CA PRO A 135 -29.17 -9.39 -18.78
C PRO A 135 -29.96 -10.65 -18.53
N LEU A 136 -31.26 -10.53 -18.36
CA LEU A 136 -32.14 -11.67 -18.20
C LEU A 136 -32.27 -12.57 -19.41
N ALA A 137 -32.54 -11.98 -20.57
CA ALA A 137 -32.76 -12.79 -21.76
C ALA A 137 -32.12 -12.18 -22.97
N LYS A 138 -31.84 -12.99 -23.98
CA LYS A 138 -31.14 -12.51 -25.15
C LYS A 138 -31.98 -12.65 -26.39
N ASP A 139 -32.08 -11.61 -27.19
CA ASP A 139 -32.99 -11.65 -28.32
C ASP A 139 -32.53 -12.61 -29.38
N PHE A 140 -33.48 -13.04 -30.21
CA PHE A 140 -33.18 -13.91 -31.31
C PHE A 140 -33.84 -13.39 -32.55
N HIS A 141 -33.21 -13.65 -33.68
CA HIS A 141 -33.70 -13.14 -34.93
C HIS A 141 -33.73 -14.26 -35.91
N PRO A 142 -34.57 -14.16 -36.92
CA PRO A 142 -34.64 -15.22 -37.91
C PRO A 142 -33.52 -14.95 -38.88
N ASP A 143 -32.30 -15.02 -38.37
CA ASP A 143 -31.17 -14.77 -39.22
C ASP A 143 -31.26 -15.83 -40.29
N HIS A 144 -31.66 -17.01 -39.90
CA HIS A 144 -31.79 -18.07 -40.84
C HIS A 144 -33.24 -18.36 -40.69
N GLY A 145 -33.74 -19.31 -41.44
CA GLY A 145 -35.14 -19.63 -41.31
C GLY A 145 -35.27 -20.02 -39.87
N TRP A 146 -36.44 -19.81 -39.31
CA TRP A 146 -36.62 -19.96 -37.89
C TRP A 146 -36.21 -21.36 -37.54
N GLU A 147 -36.31 -22.22 -38.53
CA GLU A 147 -36.21 -23.63 -38.32
C GLU A 147 -34.88 -23.82 -37.68
N SER A 148 -33.90 -23.07 -38.13
CA SER A 148 -32.67 -22.91 -37.39
C SER A 148 -32.91 -22.11 -36.12
N LEU A 149 -33.72 -21.07 -36.21
CA LEU A 149 -33.74 -20.12 -35.12
C LEU A 149 -34.17 -20.83 -33.87
N LEU A 150 -35.23 -21.59 -33.97
CA LEU A 150 -35.75 -22.25 -32.79
C LEU A 150 -34.76 -23.23 -32.22
N MET A 151 -33.97 -23.86 -33.07
CA MET A 151 -33.05 -24.85 -32.59
C MET A 151 -32.09 -24.22 -31.61
N ARG A 152 -31.74 -22.97 -31.86
CA ARG A 152 -30.79 -22.30 -31.03
C ARG A 152 -31.37 -22.25 -29.66
N VAL A 153 -32.64 -21.87 -29.63
CA VAL A 153 -33.38 -21.79 -28.39
C VAL A 153 -33.63 -23.11 -27.73
N ILE A 154 -34.04 -24.11 -28.49
CA ILE A 154 -34.28 -25.42 -27.93
C ILE A 154 -33.01 -26.06 -27.43
N SER A 155 -31.96 -25.96 -28.21
CA SER A 155 -30.72 -26.58 -27.81
C SER A 155 -30.26 -25.93 -26.53
N ASP A 156 -30.46 -24.64 -26.47
CA ASP A 156 -29.90 -23.81 -25.42
C ASP A 156 -30.46 -24.12 -24.04
N LEU A 157 -31.56 -24.85 -24.00
CA LEU A 157 -32.23 -25.08 -22.76
C LEU A 157 -31.30 -25.88 -21.92
N PRO A 158 -31.46 -25.82 -20.61
CA PRO A 158 -30.54 -26.48 -19.68
C PRO A 158 -31.04 -27.83 -19.27
N LEU A 159 -32.18 -28.24 -19.78
CA LEU A 159 -32.75 -29.51 -19.40
C LEU A 159 -31.85 -30.56 -19.97
N ARG A 160 -31.87 -31.74 -19.39
CA ARG A 160 -30.95 -32.77 -19.82
C ARG A 160 -31.76 -34.02 -20.08
N LEU A 161 -32.59 -33.92 -21.11
CA LEU A 161 -33.45 -34.99 -21.53
C LEU A 161 -33.65 -34.93 -23.02
N HIS A 162 -34.14 -36.03 -23.58
CA HIS A 162 -34.31 -36.15 -25.00
C HIS A 162 -35.54 -35.45 -25.53
N TRP A 163 -35.60 -35.26 -26.84
CA TRP A 163 -36.75 -34.64 -27.45
C TRP A 163 -37.29 -35.49 -28.59
N GLN A 164 -38.58 -35.37 -28.86
CA GLN A 164 -39.20 -36.04 -29.99
C GLN A 164 -39.81 -34.94 -30.83
N ASN A 165 -40.02 -35.15 -32.11
CA ASN A 165 -40.53 -34.09 -32.98
C ASN A 165 -39.58 -32.95 -32.83
N LYS A 166 -38.35 -33.26 -32.51
CA LYS A 166 -37.42 -32.18 -32.55
C LYS A 166 -37.67 -31.99 -34.01
N SER A 167 -37.95 -30.78 -34.44
CA SER A 167 -38.34 -30.65 -35.82
C SER A 167 -39.80 -31.03 -35.96
N ARG A 168 -40.47 -31.36 -34.86
CA ARG A 168 -41.86 -31.72 -34.95
C ARG A 168 -42.69 -30.60 -34.42
N ASP A 169 -42.83 -30.59 -33.11
CA ASP A 169 -43.60 -29.56 -32.43
C ASP A 169 -42.99 -28.23 -32.79
N ILE A 170 -41.72 -28.34 -33.11
CA ILE A 170 -40.97 -27.24 -33.61
C ILE A 170 -41.73 -26.82 -34.84
N HIS A 171 -42.24 -27.80 -35.56
CA HIS A 171 -43.11 -27.54 -36.68
C HIS A 171 -44.37 -26.90 -36.21
N TYR A 172 -44.86 -27.35 -35.07
CA TYR A 172 -46.10 -26.84 -34.52
C TYR A 172 -46.01 -25.38 -34.15
N ILE A 173 -44.87 -24.97 -33.63
CA ILE A 173 -44.74 -23.62 -33.15
C ILE A 173 -45.03 -22.69 -34.31
N ILE A 174 -44.55 -23.07 -35.47
CA ILE A 174 -44.62 -22.18 -36.59
C ILE A 174 -46.06 -21.87 -36.92
N ARG A 175 -46.90 -22.90 -36.92
CA ARG A 175 -48.24 -22.76 -37.42
C ARG A 175 -48.96 -21.76 -36.57
N HIS A 176 -48.91 -21.98 -35.28
CA HIS A 176 -49.57 -21.06 -34.39
C HIS A 176 -48.89 -19.75 -34.63
N LEU A 177 -47.59 -19.86 -34.78
CA LEU A 177 -46.76 -18.72 -34.88
C LEU A 177 -47.16 -17.93 -36.11
N THR A 178 -47.21 -18.60 -37.25
CA THR A 178 -47.60 -17.96 -38.51
C THR A 178 -49.04 -17.52 -38.59
N GLU A 179 -49.94 -18.31 -38.03
CA GLU A 179 -51.34 -18.13 -38.27
C GLU A 179 -51.74 -16.76 -37.79
N THR A 180 -51.21 -16.40 -36.63
CA THR A 180 -51.59 -15.17 -35.97
C THR A 180 -51.22 -13.97 -36.79
N LEU A 181 -50.01 -13.97 -37.31
CA LEU A 181 -49.55 -12.81 -38.00
C LEU A 181 -49.31 -13.22 -39.41
N GLY A 182 -49.45 -12.28 -40.32
CA GLY A 182 -49.15 -12.57 -41.69
C GLY A 182 -47.70 -12.96 -41.79
N PRO A 183 -47.39 -13.85 -42.73
CA PRO A 183 -46.05 -14.37 -42.87
C PRO A 183 -45.10 -13.25 -43.16
N GLU A 184 -45.59 -12.19 -43.78
CA GLU A 184 -44.73 -11.08 -44.09
C GLU A 184 -44.25 -10.57 -42.76
N ASN A 185 -45.12 -10.63 -41.76
CA ASN A 185 -44.75 -10.24 -40.40
C ASN A 185 -43.71 -11.13 -39.74
N LEU A 186 -43.77 -12.42 -39.99
CA LEU A 186 -42.93 -13.33 -39.26
C LEU A 186 -41.48 -13.01 -39.49
N SER A 187 -41.13 -12.83 -40.75
CA SER A 187 -39.74 -12.67 -41.09
C SER A 187 -39.27 -11.43 -40.37
N LYS A 188 -40.14 -10.45 -40.26
CA LYS A 188 -39.81 -9.24 -39.54
C LYS A 188 -39.57 -9.41 -38.04
N SER A 189 -40.45 -10.11 -37.32
CA SER A 189 -40.31 -10.19 -35.86
C SER A 189 -39.33 -11.21 -35.32
N HIS A 190 -38.92 -10.99 -34.07
CA HIS A 190 -37.85 -11.75 -33.42
C HIS A 190 -38.24 -11.98 -31.99
N LEU A 191 -37.40 -12.68 -31.24
CA LEU A 191 -37.74 -13.05 -29.88
C LEU A 191 -36.76 -12.50 -28.87
N GLN A 192 -37.24 -12.31 -27.64
CA GLN A 192 -36.39 -11.89 -26.55
C GLN A 192 -36.62 -12.76 -25.34
N VAL A 193 -36.10 -13.97 -25.41
CA VAL A 193 -36.30 -14.95 -24.36
C VAL A 193 -35.52 -14.69 -23.08
N ALA A 194 -35.97 -15.30 -21.99
CA ALA A 194 -35.38 -15.04 -20.70
C ALA A 194 -34.58 -16.23 -20.26
N ASN A 195 -33.43 -15.98 -19.68
CA ASN A 195 -32.44 -17.00 -19.44
C ASN A 195 -32.94 -18.09 -18.52
N GLU A 196 -33.92 -17.76 -17.70
CA GLU A 196 -34.44 -18.70 -16.74
C GLU A 196 -35.81 -19.23 -17.12
N LEU A 197 -35.98 -20.53 -17.08
CA LEU A 197 -37.30 -21.10 -17.21
C LEU A 197 -37.97 -20.92 -15.88
N PHE A 198 -39.28 -20.76 -15.87
CA PHE A 198 -40.01 -20.66 -14.63
C PHE A 198 -40.66 -21.99 -14.47
N TYR A 199 -40.37 -22.71 -13.41
CA TYR A 199 -40.90 -24.04 -13.27
C TYR A 199 -42.13 -23.94 -12.42
N ARG A 200 -43.19 -24.60 -12.81
CA ARG A 200 -44.36 -24.70 -11.97
C ARG A 200 -44.99 -26.06 -12.09
N ASN A 201 -45.43 -26.63 -10.99
CA ASN A 201 -46.19 -27.85 -11.03
C ASN A 201 -45.40 -28.90 -11.78
N LYS A 202 -46.00 -29.46 -12.80
CA LYS A 202 -45.38 -30.52 -13.57
C LYS A 202 -44.85 -29.96 -14.86
N ALA A 203 -44.79 -28.64 -14.96
CA ALA A 203 -44.39 -28.01 -16.19
C ALA A 203 -43.20 -27.11 -15.97
N ALA A 204 -42.36 -27.02 -16.99
CA ALA A 204 -41.29 -26.05 -16.99
C ALA A 204 -41.66 -25.15 -18.12
N TRP A 205 -41.76 -23.86 -17.84
CA TRP A 205 -42.35 -22.90 -18.72
C TRP A 205 -41.27 -22.04 -19.30
N LEU A 206 -41.42 -21.66 -20.55
CA LEU A 206 -40.43 -20.81 -21.16
C LEU A 206 -41.10 -19.51 -21.48
N VAL A 207 -40.54 -18.42 -21.01
CA VAL A 207 -41.17 -17.13 -21.12
C VAL A 207 -40.38 -16.26 -22.06
N GLY A 208 -41.05 -15.54 -22.94
CA GLY A 208 -40.37 -14.60 -23.78
C GLY A 208 -41.31 -13.56 -24.29
N LYS A 209 -40.77 -12.39 -24.59
CA LYS A 209 -41.48 -11.37 -25.30
C LYS A 209 -41.47 -11.79 -26.73
N LEU A 210 -42.44 -11.33 -27.50
CA LEU A 210 -42.38 -11.52 -28.93
C LEU A 210 -42.43 -10.16 -29.54
N ILE A 211 -41.48 -9.87 -30.41
CA ILE A 211 -41.37 -8.53 -30.92
C ILE A 211 -41.56 -8.47 -32.41
N THR A 212 -42.37 -7.50 -32.80
CA THR A 212 -42.86 -7.43 -34.16
C THR A 212 -43.24 -6.00 -34.50
N PRO A 213 -43.51 -5.74 -35.76
CA PRO A 213 -43.81 -4.38 -36.18
C PRO A 213 -45.06 -3.85 -35.52
N SER A 214 -46.10 -4.65 -35.42
CA SER A 214 -47.33 -4.16 -34.85
C SER A 214 -47.19 -3.79 -33.41
N GLY A 215 -46.57 -4.68 -32.65
CA GLY A 215 -46.42 -4.50 -31.22
C GLY A 215 -45.42 -5.49 -30.68
N THR A 216 -45.09 -5.38 -29.40
CA THR A 216 -44.27 -6.36 -28.75
C THR A 216 -45.22 -7.14 -27.90
N LEU A 217 -45.28 -8.44 -28.10
CA LEU A 217 -46.31 -9.23 -27.48
C LEU A 217 -45.88 -10.54 -26.87
N PRO A 218 -46.72 -11.09 -26.01
CA PRO A 218 -46.32 -12.19 -25.14
C PRO A 218 -45.92 -13.39 -25.93
N PHE A 219 -44.97 -14.16 -25.45
CA PHE A 219 -44.68 -15.45 -26.01
C PHE A 219 -44.35 -16.30 -24.81
N LEU A 220 -45.10 -17.37 -24.61
CA LEU A 220 -44.80 -18.35 -23.58
C LEU A 220 -44.88 -19.70 -24.21
N LEU A 221 -43.92 -20.56 -23.93
CA LEU A 221 -44.06 -21.93 -24.36
C LEU A 221 -43.86 -22.80 -23.18
N PRO A 222 -44.81 -23.64 -22.85
CA PRO A 222 -44.70 -24.42 -21.63
C PRO A 222 -44.37 -25.84 -21.92
N ILE A 223 -43.16 -26.24 -21.56
CA ILE A 223 -42.64 -27.56 -21.82
C ILE A 223 -43.29 -28.61 -20.96
N HIS A 224 -43.24 -29.85 -21.40
CA HIS A 224 -43.83 -30.93 -20.64
C HIS A 224 -43.00 -32.18 -20.77
N GLN A 225 -43.16 -33.09 -19.84
CA GLN A 225 -42.37 -34.29 -19.87
C GLN A 225 -43.29 -35.46 -20.13
N THR A 226 -43.07 -36.10 -21.25
CA THR A 226 -43.79 -37.28 -21.56
C THR A 226 -43.22 -38.24 -20.58
N ASP A 227 -43.97 -39.30 -20.29
CA ASP A 227 -43.59 -40.26 -19.28
C ASP A 227 -42.30 -40.84 -19.76
N ASP A 228 -41.31 -40.88 -18.88
CA ASP A 228 -40.00 -41.28 -19.37
C ASP A 228 -39.76 -40.35 -20.53
N GLY A 229 -39.98 -39.07 -20.27
CA GLY A 229 -40.25 -38.09 -21.30
C GLY A 229 -39.19 -37.73 -22.30
N GLU A 230 -39.63 -37.54 -23.54
CA GLU A 230 -38.98 -36.69 -24.50
C GLU A 230 -39.84 -35.47 -24.35
N LEU A 231 -39.38 -34.52 -23.59
CA LEU A 231 -40.23 -33.43 -23.20
C LEU A 231 -40.65 -32.78 -24.48
N PHE A 232 -41.83 -32.21 -24.48
CA PHE A 232 -42.40 -31.64 -25.67
C PHE A 232 -43.14 -30.41 -25.27
N ILE A 233 -43.64 -29.66 -26.24
CA ILE A 233 -44.36 -28.44 -25.92
C ILE A 233 -45.83 -28.56 -26.26
N ASP A 234 -46.67 -28.41 -25.25
CA ASP A 234 -48.10 -28.58 -25.42
C ASP A 234 -48.70 -27.56 -26.36
N THR A 235 -48.23 -26.33 -26.30
CA THR A 235 -48.83 -25.30 -27.11
C THR A 235 -47.98 -24.08 -27.15
N CYS A 236 -48.43 -23.06 -27.83
CA CYS A 236 -47.79 -21.75 -27.78
C CYS A 236 -48.80 -20.66 -27.53
N LEU A 237 -48.51 -19.75 -26.61
CA LEU A 237 -49.48 -18.70 -26.28
C LEU A 237 -48.95 -17.30 -26.53
N THR A 238 -49.54 -16.59 -27.47
CA THR A 238 -49.10 -15.24 -27.75
C THR A 238 -50.18 -14.21 -27.48
N THR A 239 -51.31 -14.67 -26.96
CA THR A 239 -52.44 -13.81 -26.75
C THR A 239 -52.21 -12.97 -25.53
N THR A 240 -52.69 -11.75 -25.52
CA THR A 240 -52.42 -10.87 -24.42
C THR A 240 -53.01 -11.41 -23.15
N ALA A 241 -54.26 -11.80 -23.23
CA ALA A 241 -54.98 -12.28 -22.09
C ALA A 241 -54.37 -13.53 -21.57
N GLU A 242 -53.97 -14.40 -22.48
CA GLU A 242 -53.71 -15.78 -22.16
C GLU A 242 -52.66 -15.78 -21.12
N ALA A 243 -51.71 -14.87 -21.26
CA ALA A 243 -50.60 -14.83 -20.36
C ALA A 243 -51.07 -14.58 -18.97
N SER A 244 -52.04 -13.70 -18.82
CA SER A 244 -52.41 -13.27 -17.51
C SER A 244 -52.85 -14.50 -16.81
N ILE A 245 -53.51 -15.37 -17.53
CA ILE A 245 -54.10 -16.51 -16.86
C ILE A 245 -52.96 -17.24 -16.24
N VAL A 246 -51.87 -17.35 -16.96
CA VAL A 246 -50.77 -18.14 -16.47
C VAL A 246 -50.24 -17.54 -15.20
N PHE A 247 -50.35 -16.25 -15.08
CA PHE A 247 -49.85 -15.55 -13.91
C PHE A 247 -51.00 -15.16 -13.03
N GLY A 248 -52.13 -15.82 -13.18
CA GLY A 248 -53.30 -15.47 -12.43
C GLY A 248 -53.07 -15.76 -10.97
N PHE A 249 -53.88 -15.16 -10.12
CA PHE A 249 -53.79 -15.37 -8.70
C PHE A 249 -54.11 -16.80 -8.36
N ALA A 250 -55.01 -17.38 -9.12
CA ALA A 250 -55.53 -18.70 -8.85
C ALA A 250 -54.46 -19.74 -8.88
N ARG A 251 -53.52 -19.59 -9.78
CA ARG A 251 -52.45 -20.55 -9.92
C ARG A 251 -51.37 -20.33 -8.89
N SER A 252 -50.59 -21.35 -8.62
CA SER A 252 -49.52 -21.24 -7.65
C SER A 252 -48.32 -20.43 -8.11
N TYR A 253 -47.51 -20.00 -7.16
CA TYR A 253 -46.41 -19.14 -7.47
C TYR A 253 -45.45 -19.86 -8.35
N PHE A 254 -44.83 -19.12 -9.27
CA PHE A 254 -43.84 -19.67 -10.15
C PHE A 254 -42.61 -19.95 -9.36
N MET A 255 -41.86 -20.97 -9.76
CA MET A 255 -40.56 -21.16 -9.19
C MET A 255 -39.58 -20.73 -10.25
N VAL A 256 -39.11 -19.50 -10.16
CA VAL A 256 -38.16 -18.95 -11.12
C VAL A 256 -37.02 -18.35 -10.36
N TYR A 257 -35.84 -18.36 -10.95
CA TYR A 257 -34.63 -17.97 -10.25
C TYR A 257 -34.35 -16.54 -10.59
N ALA A 258 -34.45 -15.66 -9.63
CA ALA A 258 -34.37 -14.25 -9.92
C ALA A 258 -33.37 -13.56 -9.04
N PRO A 259 -32.11 -13.61 -9.40
CA PRO A 259 -31.07 -13.10 -8.55
C PRO A 259 -31.27 -11.62 -8.28
N LEU A 260 -31.81 -10.88 -9.22
CA LEU A 260 -32.35 -9.57 -8.92
C LEU A 260 -33.78 -9.57 -9.36
N PRO A 261 -34.68 -9.66 -8.42
CA PRO A 261 -36.10 -9.77 -8.72
C PRO A 261 -36.68 -8.57 -9.42
N ALA A 262 -36.34 -7.40 -8.95
CA ALA A 262 -37.06 -6.23 -9.34
C ALA A 262 -36.96 -6.05 -10.80
N ALA A 263 -35.82 -6.39 -11.37
CA ALA A 263 -35.62 -6.21 -12.77
C ALA A 263 -36.57 -7.05 -13.55
N LEU A 264 -36.81 -8.26 -13.09
CA LEU A 264 -37.63 -9.18 -13.82
C LEU A 264 -38.99 -8.61 -13.91
N VAL A 265 -39.40 -8.01 -12.82
CA VAL A 265 -40.74 -7.54 -12.72
C VAL A 265 -40.94 -6.53 -13.81
N GLU A 266 -40.02 -5.61 -13.96
CA GLU A 266 -40.17 -4.60 -14.98
C GLU A 266 -40.18 -5.25 -16.32
N TRP A 267 -39.40 -6.30 -16.49
CA TRP A 267 -39.34 -6.94 -17.79
C TRP A 267 -40.65 -7.55 -18.15
N LEU A 268 -41.26 -8.23 -17.20
CA LEU A 268 -42.49 -8.93 -17.42
C LEU A 268 -43.59 -7.98 -17.76
N ARG A 269 -43.44 -6.76 -17.28
CA ARG A 269 -44.57 -5.88 -17.15
C ARG A 269 -45.14 -5.74 -18.50
N GLU A 270 -44.29 -5.70 -19.51
CA GLU A 270 -44.78 -5.46 -20.83
C GLU A 270 -45.73 -6.58 -21.08
N ILE A 271 -45.31 -7.77 -20.70
CA ILE A 271 -46.09 -8.95 -20.98
C ILE A 271 -47.43 -8.91 -20.28
N LEU A 272 -47.48 -8.38 -19.08
CA LEU A 272 -48.68 -8.51 -18.30
C LEU A 272 -49.10 -7.13 -17.93
N PRO A 273 -49.62 -6.43 -18.92
CA PRO A 273 -49.94 -5.04 -18.77
C PRO A 273 -50.93 -4.87 -17.67
N GLY A 274 -51.84 -5.82 -17.50
CA GLY A 274 -52.85 -5.68 -16.48
C GLY A 274 -52.38 -5.63 -15.04
N LYS A 275 -51.48 -6.51 -14.68
CA LYS A 275 -51.17 -6.71 -13.28
C LYS A 275 -50.54 -5.52 -12.59
N THR A 276 -50.95 -5.34 -11.35
CA THR A 276 -50.42 -4.34 -10.47
C THR A 276 -49.07 -4.87 -10.22
N THR A 277 -48.16 -4.07 -9.71
CA THR A 277 -46.81 -4.55 -9.51
C THR A 277 -46.76 -5.69 -8.54
N ALA A 278 -47.41 -5.51 -7.41
CA ALA A 278 -47.37 -6.50 -6.36
C ALA A 278 -47.90 -7.77 -6.95
N GLU A 279 -48.82 -7.56 -7.86
CA GLU A 279 -49.52 -8.61 -8.51
C GLU A 279 -48.44 -9.41 -9.17
N LEU A 280 -47.53 -8.70 -9.82
CA LEU A 280 -46.39 -9.30 -10.47
C LEU A 280 -45.48 -9.93 -9.46
N TYR A 281 -45.38 -9.36 -8.28
CA TYR A 281 -44.41 -9.84 -7.31
C TYR A 281 -44.66 -11.26 -6.83
N MET A 282 -45.90 -11.67 -6.68
CA MET A 282 -46.15 -13.02 -6.26
C MET A 282 -45.67 -14.02 -7.26
N ALA A 283 -45.89 -13.75 -8.52
CA ALA A 283 -45.73 -14.78 -9.52
C ALA A 283 -44.31 -15.29 -9.49
N ILE A 284 -43.37 -14.41 -9.28
CA ILE A 284 -42.01 -14.85 -9.15
C ILE A 284 -41.88 -15.65 -7.87
N GLY A 285 -42.88 -15.52 -7.02
CA GLY A 285 -42.90 -16.22 -5.74
C GLY A 285 -42.56 -15.47 -4.49
N CYS A 286 -42.28 -14.18 -4.61
CA CYS A 286 -41.99 -13.39 -3.43
C CYS A 286 -43.28 -12.91 -2.80
N GLN A 287 -43.97 -13.80 -2.10
CA GLN A 287 -45.23 -13.43 -1.49
C GLN A 287 -45.12 -12.40 -0.38
N LYS A 288 -44.14 -12.54 0.50
CA LYS A 288 -44.08 -11.67 1.64
C LYS A 288 -43.88 -10.23 1.24
N HIS A 289 -43.02 -9.99 0.26
CA HIS A 289 -42.86 -8.63 -0.21
C HIS A 289 -44.13 -8.13 -0.79
N ALA A 290 -44.81 -8.99 -1.53
CA ALA A 290 -45.93 -8.57 -2.30
C ALA A 290 -46.91 -7.99 -1.33
N LYS A 291 -46.93 -8.54 -0.14
CA LYS A 291 -47.85 -8.10 0.86
C LYS A 291 -47.52 -6.66 1.08
N THR A 292 -46.24 -6.33 1.14
CA THR A 292 -45.87 -4.95 1.40
C THR A 292 -46.36 -4.08 0.29
N GLU A 293 -46.02 -4.44 -0.93
CA GLU A 293 -46.46 -3.70 -2.08
C GLU A 293 -47.96 -3.74 -2.09
N SER A 294 -48.45 -4.83 -1.57
CA SER A 294 -49.84 -5.13 -1.58
C SER A 294 -50.50 -4.03 -0.82
N TYR A 295 -49.89 -3.67 0.29
CA TYR A 295 -50.42 -2.65 1.15
C TYR A 295 -50.45 -1.29 0.54
N ARG A 296 -49.32 -0.89 -0.03
CA ARG A 296 -49.18 0.47 -0.46
C ARG A 296 -50.23 0.77 -1.50
N GLU A 297 -50.41 -0.16 -2.41
CA GLU A 297 -51.29 0.07 -3.54
C GLU A 297 -52.62 0.35 -2.93
N TYR A 298 -52.93 -0.33 -1.86
CA TYR A 298 -54.18 -0.11 -1.19
C TYR A 298 -54.16 1.32 -0.72
N LEU A 299 -53.04 1.72 -0.16
CA LEU A 299 -52.97 3.00 0.49
C LEU A 299 -53.21 4.19 -0.42
N VAL A 300 -52.67 4.15 -1.61
CA VAL A 300 -52.90 5.25 -2.53
C VAL A 300 -54.36 5.34 -2.89
N TYR A 301 -55.00 4.20 -3.04
CA TYR A 301 -56.33 4.22 -3.59
C TYR A 301 -57.30 4.97 -2.71
N LEU A 302 -57.35 4.65 -1.43
CA LEU A 302 -58.28 5.33 -0.55
C LEU A 302 -58.00 6.82 -0.38
N GLN A 303 -56.75 7.20 -0.48
CA GLN A 303 -56.43 8.60 -0.44
C GLN A 303 -57.10 9.21 -1.62
N GLY A 304 -57.13 8.44 -2.70
CA GLY A 304 -57.59 8.88 -3.98
C GLY A 304 -59.03 9.31 -4.04
N CYS A 305 -59.88 8.63 -3.30
CA CYS A 305 -61.30 8.90 -3.38
C CYS A 305 -61.93 8.81 -2.02
N ASN A 306 -63.06 9.49 -1.85
CA ASN A 306 -63.78 9.32 -0.63
C ASN A 306 -64.85 8.27 -0.83
N GLU A 307 -64.67 7.13 -0.19
CA GLU A 307 -65.65 6.07 -0.24
C GLU A 307 -65.60 5.33 1.07
N GLN A 308 -66.74 4.79 1.49
CA GLN A 308 -66.83 3.99 2.70
C GLN A 308 -66.66 2.52 2.35
N PHE A 309 -66.90 1.66 3.33
CA PHE A 309 -66.73 0.23 3.16
C PHE A 309 -68.06 -0.44 3.17
N ILE A 310 -68.28 -1.39 2.27
CA ILE A 310 -69.57 -2.02 2.16
C ILE A 310 -69.49 -3.53 2.13
N GLU A 311 -70.49 -4.18 2.68
CA GLU A 311 -70.49 -5.61 2.73
C GLU A 311 -70.48 -6.05 1.31
N ALA A 312 -69.67 -7.04 0.99
CA ALA A 312 -69.47 -7.40 -0.39
C ALA A 312 -70.80 -7.83 -0.93
N PRO A 313 -71.12 -7.48 -2.17
CA PRO A 313 -72.43 -7.85 -2.69
C PRO A 313 -72.55 -9.34 -2.78
N GLY A 314 -73.70 -9.93 -2.47
CA GLY A 314 -73.81 -11.36 -2.49
C GLY A 314 -74.69 -11.93 -1.40
N ILE A 315 -74.34 -13.12 -0.94
CA ILE A 315 -75.06 -13.82 0.09
C ILE A 315 -74.20 -13.91 1.33
N ARG A 316 -74.73 -13.43 2.44
CA ARG A 316 -74.01 -13.25 3.67
C ARG A 316 -73.50 -14.56 4.20
N GLY A 317 -72.38 -14.54 4.90
CA GLY A 317 -71.72 -15.77 5.26
C GLY A 317 -71.75 -16.12 6.72
N MET A 318 -72.20 -17.32 7.02
CA MET A 318 -72.31 -17.76 8.39
C MET A 318 -70.97 -17.89 9.08
N VAL A 319 -70.01 -18.47 8.39
CA VAL A 319 -68.62 -18.51 8.82
C VAL A 319 -67.82 -17.21 8.84
N MET A 320 -67.98 -16.38 7.82
CA MET A 320 -67.07 -15.25 7.61
C MET A 320 -67.79 -13.94 7.38
N LEU A 321 -67.08 -12.85 7.57
CA LEU A 321 -67.62 -11.53 7.32
C LEU A 321 -66.78 -10.86 6.27
N VAL A 322 -67.40 -10.33 5.22
CA VAL A 322 -66.66 -9.79 4.09
C VAL A 322 -66.97 -8.33 3.79
N PHE A 323 -65.97 -7.49 3.62
CA PHE A 323 -66.22 -6.09 3.27
C PHE A 323 -65.27 -5.56 2.20
N THR A 324 -65.59 -4.42 1.61
CA THR A 324 -64.94 -4.00 0.39
C THR A 324 -65.03 -2.52 0.14
N LEU A 325 -64.44 -2.12 -0.97
CA LEU A 325 -64.50 -0.75 -1.44
C LEU A 325 -65.05 -0.79 -2.85
N PRO A 326 -65.96 0.08 -3.19
CA PRO A 326 -66.73 -0.10 -4.41
C PRO A 326 -65.84 -0.17 -5.63
N GLY A 327 -64.76 0.57 -5.63
CA GLY A 327 -63.88 0.62 -6.79
C GLY A 327 -62.76 -0.38 -6.69
N PHE A 328 -62.76 -1.16 -5.63
CA PHE A 328 -61.65 -2.04 -5.30
C PHE A 328 -61.58 -3.37 -6.00
N ASP A 329 -60.43 -4.02 -5.92
CA ASP A 329 -60.30 -5.37 -6.41
C ASP A 329 -60.12 -6.44 -5.35
N ARG A 330 -60.21 -6.09 -4.08
CA ARG A 330 -60.01 -7.07 -3.03
C ARG A 330 -61.08 -6.97 -1.96
N VAL A 331 -61.35 -8.08 -1.29
CA VAL A 331 -62.34 -8.15 -0.24
C VAL A 331 -61.69 -8.64 1.01
N PHE A 332 -62.05 -8.10 2.16
CA PHE A 332 -61.41 -8.51 3.38
C PHE A 332 -62.32 -9.46 4.13
N LYS A 333 -61.83 -10.65 4.44
CA LYS A 333 -62.66 -11.67 5.04
C LYS A 333 -62.23 -11.89 6.46
N VAL A 334 -63.11 -11.63 7.42
CA VAL A 334 -62.78 -11.80 8.82
C VAL A 334 -63.73 -12.75 9.49
N ILE A 335 -63.23 -13.66 10.29
CA ILE A 335 -64.07 -14.67 10.93
C ILE A 335 -64.93 -14.13 12.03
N LYS A 336 -66.21 -14.44 12.01
CA LYS A 336 -67.10 -14.00 13.04
C LYS A 336 -66.73 -14.76 14.28
N ASP A 337 -67.01 -14.19 15.44
CA ASP A 337 -66.82 -14.92 16.67
C ASP A 337 -67.75 -16.08 16.78
N LYS A 338 -69.02 -15.84 16.47
CA LYS A 338 -70.06 -16.79 16.75
C LYS A 338 -70.66 -17.31 15.47
N PHE A 339 -70.73 -18.61 15.35
CA PHE A 339 -71.14 -19.22 14.10
C PHE A 339 -72.60 -19.54 13.98
N ALA A 340 -73.00 -19.84 12.76
CA ALA A 340 -74.34 -20.29 12.49
C ALA A 340 -74.53 -21.59 13.22
N PRO A 341 -75.68 -21.76 13.81
CA PRO A 341 -75.90 -22.85 14.75
C PRO A 341 -75.70 -24.16 14.05
N GLN A 342 -76.19 -24.24 12.83
CA GLN A 342 -76.12 -25.47 12.07
C GLN A 342 -74.69 -25.87 11.83
N LYS A 343 -73.81 -24.88 11.68
CA LYS A 343 -72.43 -25.19 11.35
C LYS A 343 -71.65 -25.45 12.61
N GLU A 344 -71.09 -26.64 12.73
CA GLU A 344 -70.25 -26.92 13.87
C GLU A 344 -68.81 -27.09 13.44
N MET A 345 -68.02 -26.05 13.64
CA MET A 345 -66.59 -26.18 13.47
C MET A 345 -65.81 -25.19 14.30
N SER A 346 -64.67 -25.65 14.78
CA SER A 346 -63.83 -24.92 15.68
C SER A 346 -63.29 -23.75 14.94
N ALA A 347 -63.03 -22.67 15.65
CA ALA A 347 -62.50 -21.48 15.03
C ALA A 347 -61.13 -21.72 14.44
N ALA A 348 -60.32 -22.45 15.16
CA ALA A 348 -58.96 -22.68 14.75
C ALA A 348 -59.01 -23.39 13.44
N HIS A 349 -60.01 -24.21 13.28
CA HIS A 349 -60.07 -25.10 12.16
C HIS A 349 -60.08 -24.30 10.91
N VAL A 350 -60.77 -23.18 10.94
CA VAL A 350 -60.89 -22.38 9.74
C VAL A 350 -59.56 -21.86 9.32
N ARG A 351 -58.77 -21.38 10.26
CA ARG A 351 -57.53 -20.77 9.91
C ARG A 351 -56.75 -21.82 9.20
N ALA A 352 -56.81 -23.02 9.74
CA ALA A 352 -55.97 -24.07 9.28
C ALA A 352 -56.30 -24.25 7.85
N CYS A 353 -57.58 -24.14 7.53
CA CYS A 353 -57.99 -24.40 6.19
C CYS A 353 -57.27 -23.39 5.37
N TYR A 354 -57.35 -22.16 5.81
CA TYR A 354 -56.87 -21.09 5.01
C TYR A 354 -55.41 -21.27 4.77
N GLN A 355 -54.71 -21.75 5.78
CA GLN A 355 -53.30 -21.90 5.63
C GLN A 355 -53.14 -22.88 4.52
N LEU A 356 -53.96 -23.91 4.52
CA LEU A 356 -53.69 -25.02 3.66
C LEU A 356 -53.70 -24.61 2.22
N VAL A 357 -54.66 -23.81 1.81
CA VAL A 357 -54.72 -23.45 0.43
C VAL A 357 -53.46 -22.71 0.06
N LYS A 358 -52.95 -21.91 0.97
CA LYS A 358 -51.81 -21.11 0.65
C LYS A 358 -50.69 -22.04 0.30
N GLU A 359 -50.52 -23.09 1.09
CA GLU A 359 -49.56 -24.12 0.76
C GLU A 359 -49.89 -24.99 -0.44
N HIS A 360 -51.15 -25.37 -0.57
CA HIS A 360 -51.56 -26.29 -1.62
C HIS A 360 -51.60 -25.61 -2.98
N ASP A 361 -51.16 -26.31 -4.02
CA ASP A 361 -51.18 -25.73 -5.35
C ASP A 361 -52.60 -25.54 -5.74
N ARG A 362 -52.88 -24.44 -6.39
CA ARG A 362 -54.24 -24.00 -6.56
C ARG A 362 -54.84 -24.20 -7.92
N VAL A 363 -54.08 -24.75 -8.85
CA VAL A 363 -54.65 -25.35 -10.03
C VAL A 363 -55.45 -24.31 -10.77
N GLY A 364 -55.32 -23.09 -10.30
CA GLY A 364 -55.95 -21.97 -10.93
C GLY A 364 -57.38 -21.86 -10.52
N ARG A 365 -57.79 -22.71 -9.60
CA ARG A 365 -59.15 -22.67 -9.11
C ARG A 365 -59.35 -22.06 -7.74
N MET A 366 -58.30 -21.74 -7.02
CA MET A 366 -58.48 -21.12 -5.72
C MET A 366 -57.73 -19.84 -5.53
N ALA A 367 -58.43 -18.79 -5.14
CA ALA A 367 -57.79 -17.53 -4.91
C ALA A 367 -56.84 -17.71 -3.77
N ASP A 368 -55.69 -17.07 -3.84
CA ASP A 368 -54.73 -17.04 -2.75
C ASP A 368 -55.13 -15.94 -1.81
N THR A 369 -54.69 -16.04 -0.57
CA THR A 369 -55.05 -15.11 0.45
C THR A 369 -53.83 -14.58 1.15
N GLN A 370 -53.90 -13.36 1.65
CA GLN A 370 -52.82 -12.81 2.45
C GLN A 370 -53.31 -12.48 3.84
N GLU A 371 -52.72 -13.05 4.86
CA GLU A 371 -53.19 -12.86 6.19
C GLU A 371 -52.87 -11.45 6.50
N PHE A 372 -53.44 -10.91 7.57
CA PHE A 372 -53.04 -9.60 8.07
C PHE A 372 -53.24 -9.56 9.55
N GLU A 373 -52.51 -8.73 10.27
CA GLU A 373 -52.70 -8.64 11.71
C GLU A 373 -52.88 -7.22 12.18
N ASN A 374 -53.73 -7.05 13.18
CA ASN A 374 -53.92 -5.75 13.80
C ASN A 374 -54.26 -4.67 12.80
N PHE A 375 -55.15 -4.97 11.88
CA PHE A 375 -55.43 -4.03 10.83
C PHE A 375 -56.07 -2.80 11.40
N VAL A 376 -55.80 -1.69 10.75
CA VAL A 376 -56.28 -0.42 11.20
C VAL A 376 -56.83 0.38 10.05
N LEU A 377 -58.00 0.94 10.28
CA LEU A 377 -58.56 2.01 9.50
C LEU A 377 -59.40 2.71 10.51
N GLU A 378 -59.80 3.94 10.25
CA GLU A 378 -60.61 4.65 11.24
C GLU A 378 -61.89 5.17 10.65
N LYS A 379 -62.77 5.56 11.54
CA LYS A 379 -64.19 5.39 11.42
C LYS A 379 -64.76 6.12 10.25
N ARG A 380 -63.99 7.02 9.67
CA ARG A 380 -64.52 7.85 8.62
C ARG A 380 -64.96 7.00 7.48
N HIS A 381 -64.25 5.91 7.26
CA HIS A 381 -64.45 5.13 6.07
C HIS A 381 -65.43 4.01 6.21
N ILE A 382 -66.04 3.89 7.37
CA ILE A 382 -66.93 2.78 7.58
C ILE A 382 -68.37 3.21 7.62
N SER A 383 -69.13 2.71 6.66
CA SER A 383 -70.53 2.99 6.61
C SER A 383 -71.08 2.36 7.83
N PRO A 384 -72.07 2.98 8.44
CA PRO A 384 -72.50 2.54 9.76
C PRO A 384 -72.97 1.12 9.66
N ALA A 385 -73.55 0.79 8.54
CA ALA A 385 -74.17 -0.51 8.43
C ALA A 385 -73.13 -1.57 8.61
N LEU A 386 -71.99 -1.44 7.95
CA LEU A 386 -70.92 -2.37 8.18
C LEU A 386 -70.46 -2.20 9.58
N MET A 387 -70.45 -0.96 10.02
CA MET A 387 -69.81 -0.67 11.27
C MET A 387 -70.46 -1.42 12.38
N GLU A 388 -71.78 -1.36 12.44
CA GLU A 388 -72.47 -2.12 13.47
C GLU A 388 -72.28 -3.60 13.28
N LEU A 389 -72.34 -4.04 12.04
CA LEU A 389 -72.35 -5.45 11.78
C LEU A 389 -71.09 -6.05 12.32
N LEU A 390 -70.01 -5.33 12.17
CA LEU A 390 -68.75 -5.78 12.72
C LEU A 390 -68.87 -5.83 14.21
N LEU A 391 -69.43 -4.79 14.79
CA LEU A 391 -69.60 -4.75 16.23
C LEU A 391 -70.52 -5.85 16.65
N GLN A 392 -71.62 -5.97 15.92
CA GLN A 392 -72.63 -6.93 16.31
C GLN A 392 -72.08 -8.33 16.20
N GLU A 393 -71.58 -8.67 15.04
CA GLU A 393 -71.17 -10.03 14.79
C GLU A 393 -69.73 -10.37 15.07
N ALA A 394 -68.86 -9.40 15.29
CA ALA A 394 -67.48 -9.74 15.59
C ALA A 394 -66.81 -8.81 16.58
N ALA A 395 -67.37 -8.66 17.75
CA ALA A 395 -66.81 -7.73 18.72
C ALA A 395 -65.43 -8.09 19.23
N GLU A 396 -65.17 -9.35 19.49
CA GLU A 396 -63.93 -9.74 20.12
C GLU A 396 -62.76 -9.35 19.26
N LYS A 397 -62.98 -9.39 17.96
CA LYS A 397 -61.90 -9.24 17.03
C LYS A 397 -61.65 -7.80 16.68
N ILE A 398 -62.36 -6.89 17.31
CA ILE A 398 -62.15 -5.49 16.99
C ILE A 398 -61.85 -4.65 18.21
N THR A 399 -60.99 -3.66 18.01
CA THR A 399 -60.57 -2.76 19.06
C THR A 399 -60.71 -1.33 18.61
N ASP A 400 -61.05 -0.46 19.54
CA ASP A 400 -61.41 0.89 19.20
C ASP A 400 -60.39 1.85 19.73
N LEU A 401 -59.73 2.56 18.83
CA LEU A 401 -58.88 3.66 19.21
C LEU A 401 -59.29 4.87 18.44
N GLY A 402 -59.65 5.93 19.16
CA GLY A 402 -59.77 7.23 18.55
C GLY A 402 -60.68 7.16 17.37
N GLU A 403 -60.15 7.64 16.26
CA GLU A 403 -60.83 7.56 14.99
C GLU A 403 -60.38 6.32 14.25
N GLN A 404 -59.61 5.50 14.94
CA GLN A 404 -59.03 4.32 14.36
C GLN A 404 -59.60 3.16 15.10
N ILE A 405 -59.78 2.05 14.39
CA ILE A 405 -60.21 0.81 14.99
C ILE A 405 -59.33 -0.31 14.50
N VAL A 406 -59.06 -1.28 15.35
CA VAL A 406 -58.15 -2.33 15.01
C VAL A 406 -58.80 -3.68 14.90
N ILE A 407 -58.57 -4.36 13.80
CA ILE A 407 -59.12 -5.68 13.62
C ILE A 407 -58.00 -6.67 13.76
N ARG A 408 -58.14 -7.57 14.71
CA ARG A 408 -57.06 -8.46 15.10
C ARG A 408 -56.59 -9.40 14.02
N HIS A 409 -57.51 -10.02 13.31
CA HIS A 409 -57.13 -11.00 12.33
C HIS A 409 -57.97 -10.81 11.10
N LEU A 410 -57.36 -10.75 9.93
CA LEU A 410 -58.13 -10.68 8.70
C LEU A 410 -57.31 -11.14 7.50
N TYR A 411 -57.98 -11.36 6.38
CA TYR A 411 -57.35 -11.86 5.16
C TYR A 411 -57.75 -10.99 4.02
N ILE A 412 -56.99 -11.00 2.93
CA ILE A 412 -57.37 -10.24 1.76
C ILE A 412 -57.22 -11.07 0.51
N GLU A 413 -58.20 -11.03 -0.36
CA GLU A 413 -58.17 -11.84 -1.56
C GLU A 413 -58.78 -11.13 -2.74
N ARG A 414 -58.49 -11.60 -3.95
CA ARG A 414 -58.95 -10.91 -5.12
C ARG A 414 -60.44 -10.91 -5.17
N ARG A 415 -61.04 -9.82 -5.61
CA ARG A 415 -62.48 -9.78 -5.67
C ARG A 415 -62.99 -10.09 -7.05
N MET A 416 -63.93 -11.01 -7.10
CA MET A 416 -64.56 -11.47 -8.32
C MET A 416 -66.03 -11.42 -8.01
N VAL A 417 -66.89 -11.60 -9.02
CA VAL A 417 -68.31 -11.53 -8.81
C VAL A 417 -68.82 -12.90 -8.47
N PRO A 418 -69.59 -13.02 -7.40
CA PRO A 418 -69.96 -14.34 -6.94
C PRO A 418 -70.79 -15.06 -7.96
N LEU A 419 -70.58 -16.35 -8.07
CA LEU A 419 -71.06 -17.08 -9.19
C LEU A 419 -72.55 -16.91 -9.21
N ASN A 420 -73.14 -16.90 -8.04
CA ASN A 420 -74.57 -16.85 -7.96
C ASN A 420 -75.01 -15.59 -8.60
N ILE A 421 -74.25 -14.53 -8.41
CA ILE A 421 -74.55 -13.27 -9.07
C ILE A 421 -74.41 -13.31 -10.57
N TRP A 422 -73.42 -14.02 -11.08
CA TRP A 422 -73.16 -14.02 -12.51
C TRP A 422 -74.33 -14.63 -13.25
N LEU A 423 -74.84 -15.74 -12.76
CA LEU A 423 -75.77 -16.55 -13.53
C LEU A 423 -77.09 -15.91 -13.87
N GLU A 424 -77.48 -14.89 -13.14
CA GLU A 424 -78.72 -14.21 -13.45
C GLU A 424 -78.47 -13.03 -14.35
N GLN A 425 -77.22 -12.86 -14.74
CA GLN A 425 -76.85 -11.84 -15.69
C GLN A 425 -76.40 -12.43 -17.01
N VAL A 426 -76.67 -13.71 -17.22
CA VAL A 426 -76.20 -14.34 -18.43
C VAL A 426 -77.28 -15.05 -19.21
N GLU A 427 -77.38 -14.70 -20.48
CA GLU A 427 -78.18 -15.43 -21.43
C GLU A 427 -77.33 -16.63 -21.75
N GLY A 428 -77.84 -17.55 -22.55
CA GLY A 428 -77.29 -18.88 -22.61
C GLY A 428 -75.85 -19.07 -23.04
N GLN A 429 -75.45 -18.43 -24.13
CA GLN A 429 -74.17 -18.77 -24.70
C GLN A 429 -73.12 -18.51 -23.66
N GLN A 430 -73.22 -17.38 -22.99
CA GLN A 430 -72.28 -17.10 -21.92
C GLN A 430 -72.53 -18.13 -20.86
N LEU A 431 -73.79 -18.46 -20.66
CA LEU A 431 -74.14 -19.36 -19.60
C LEU A 431 -73.49 -20.68 -19.88
N ARG A 432 -73.59 -21.13 -21.11
CA ARG A 432 -73.15 -22.45 -21.44
C ARG A 432 -71.68 -22.49 -21.10
N ASP A 433 -71.00 -21.42 -21.45
CA ASP A 433 -69.60 -21.36 -21.15
C ASP A 433 -69.40 -21.32 -19.65
N ALA A 434 -70.23 -20.56 -18.96
CA ALA A 434 -70.04 -20.40 -17.54
C ALA A 434 -70.22 -21.70 -16.81
N ILE A 435 -71.24 -22.45 -17.15
CA ILE A 435 -71.45 -23.70 -16.48
C ILE A 435 -70.28 -24.59 -16.73
N GLU A 436 -69.80 -24.61 -17.97
CA GLU A 436 -68.83 -25.60 -18.33
C GLU A 436 -67.67 -25.38 -17.45
N GLU A 437 -67.30 -24.13 -17.27
CA GLU A 437 -66.12 -23.86 -16.51
C GLU A 437 -66.28 -24.32 -15.10
N TYR A 438 -67.40 -23.98 -14.49
CA TYR A 438 -67.54 -24.23 -13.10
C TYR A 438 -67.37 -25.70 -12.97
N GLY A 439 -68.10 -26.43 -13.79
CA GLY A 439 -68.21 -27.85 -13.57
C GLY A 439 -66.79 -28.35 -13.58
N ASN A 440 -66.01 -27.82 -14.49
CA ASN A 440 -64.63 -28.21 -14.53
C ASN A 440 -64.06 -27.83 -13.20
N ALA A 441 -64.55 -26.73 -12.67
CA ALA A 441 -63.92 -26.15 -11.53
C ALA A 441 -63.93 -27.18 -10.47
N ILE A 442 -65.04 -27.85 -10.34
CA ILE A 442 -65.16 -28.81 -9.30
C ILE A 442 -64.13 -29.86 -9.54
N ARG A 443 -64.03 -30.29 -10.78
CA ARG A 443 -63.26 -31.47 -11.05
C ARG A 443 -61.84 -31.23 -10.67
N GLN A 444 -61.31 -30.10 -11.11
CA GLN A 444 -59.90 -29.87 -10.99
C GLN A 444 -59.46 -29.84 -9.56
N LEU A 445 -60.21 -29.19 -8.69
CA LEU A 445 -59.88 -29.25 -7.27
C LEU A 445 -60.06 -30.67 -6.84
N ALA A 446 -61.01 -31.32 -7.44
CA ALA A 446 -61.40 -32.65 -7.03
C ALA A 446 -60.23 -33.54 -7.17
N ALA A 447 -59.55 -33.41 -8.29
CA ALA A 447 -58.35 -34.18 -8.57
C ALA A 447 -57.20 -33.67 -7.76
N ALA A 448 -57.40 -32.51 -7.18
CA ALA A 448 -56.36 -31.89 -6.40
C ALA A 448 -56.47 -32.30 -4.96
N ASN A 449 -57.39 -33.20 -4.69
CA ASN A 449 -57.55 -33.72 -3.36
C ASN A 449 -58.36 -32.81 -2.51
N ILE A 450 -58.94 -31.79 -3.08
CA ILE A 450 -59.74 -30.88 -2.31
C ILE A 450 -61.19 -31.12 -2.61
N PHE A 451 -62.00 -31.23 -1.57
CA PHE A 451 -63.42 -31.30 -1.75
C PHE A 451 -63.97 -30.06 -1.16
N PRO A 452 -64.79 -29.35 -1.92
CA PRO A 452 -65.34 -28.08 -1.47
C PRO A 452 -66.68 -28.27 -0.80
N GLY A 453 -66.81 -27.83 0.43
CA GLY A 453 -67.93 -28.22 1.23
C GLY A 453 -69.27 -27.80 0.67
N ASP A 454 -69.37 -26.57 0.26
CA ASP A 454 -70.61 -26.11 -0.33
C ASP A 454 -70.26 -25.83 -1.75
N MET A 455 -70.70 -26.67 -2.64
CA MET A 455 -70.43 -26.45 -4.04
C MET A 455 -71.23 -25.28 -4.53
N LEU A 456 -72.06 -24.74 -3.67
CA LEU A 456 -73.06 -23.82 -4.11
C LEU A 456 -72.31 -22.71 -4.73
N PHE A 457 -72.96 -22.06 -5.68
CA PHE A 457 -72.38 -21.05 -6.51
C PHE A 457 -71.95 -19.93 -5.60
N LYS A 458 -72.68 -19.75 -4.53
CA LYS A 458 -72.46 -18.57 -3.74
C LYS A 458 -71.03 -18.56 -3.31
N ASN A 459 -70.38 -19.69 -3.47
CA ASN A 459 -69.02 -19.82 -3.03
C ASN A 459 -68.00 -20.14 -4.10
N PHE A 460 -68.21 -19.60 -5.29
CA PHE A 460 -67.20 -19.58 -6.32
C PHE A 460 -67.25 -18.25 -6.99
N GLY A 461 -66.16 -17.80 -7.58
CA GLY A 461 -66.15 -16.49 -8.17
C GLY A 461 -65.79 -16.48 -9.64
N VAL A 462 -66.18 -15.44 -10.33
CA VAL A 462 -65.88 -15.31 -11.73
C VAL A 462 -64.78 -14.31 -11.94
N THR A 463 -63.63 -14.77 -12.40
CA THR A 463 -62.52 -13.88 -12.63
C THR A 463 -62.76 -13.11 -13.88
N ARG A 464 -61.94 -12.12 -14.11
CA ARG A 464 -62.23 -11.12 -15.12
C ARG A 464 -62.35 -11.85 -16.43
N HIS A 465 -61.64 -12.95 -16.54
CA HIS A 465 -61.58 -13.70 -17.77
C HIS A 465 -62.75 -14.65 -17.87
N GLY A 466 -63.65 -14.53 -16.91
CA GLY A 466 -64.86 -15.31 -16.91
C GLY A 466 -64.64 -16.69 -16.35
N ARG A 467 -63.43 -16.96 -15.91
CA ARG A 467 -63.08 -18.22 -15.27
C ARG A 467 -63.61 -18.32 -13.87
N VAL A 468 -63.82 -19.55 -13.41
CA VAL A 468 -64.42 -19.80 -12.12
C VAL A 468 -63.36 -20.22 -11.14
N VAL A 469 -63.34 -19.59 -9.97
CA VAL A 469 -62.42 -19.95 -8.90
C VAL A 469 -63.16 -20.10 -7.59
N PHE A 470 -62.80 -21.08 -6.77
CA PHE A 470 -63.45 -21.32 -5.50
C PHE A 470 -62.97 -20.36 -4.44
N TYR A 471 -63.84 -19.84 -3.58
CA TYR A 471 -63.37 -18.96 -2.51
C TYR A 471 -63.71 -19.20 -1.02
N ASP A 472 -64.99 -19.22 -0.61
CA ASP A 472 -65.28 -19.33 0.82
C ASP A 472 -64.65 -20.69 1.00
N TYR A 473 -63.64 -20.76 1.84
CA TYR A 473 -62.84 -21.96 2.07
C TYR A 473 -63.29 -22.61 3.34
N ALA A 474 -64.47 -22.26 3.80
CA ALA A 474 -64.89 -22.64 5.11
C ALA A 474 -64.97 -24.13 5.26
N GLU A 475 -65.43 -24.79 4.22
CA GLU A 475 -65.72 -26.21 4.30
C GLU A 475 -64.77 -27.16 3.58
N ILE A 476 -63.61 -26.68 3.21
CA ILE A 476 -62.70 -27.46 2.40
C ILE A 476 -62.23 -28.69 3.17
N CYS A 477 -62.08 -29.81 2.48
CA CYS A 477 -61.51 -30.99 3.10
C CYS A 477 -60.80 -31.81 2.08
N TYR A 478 -59.81 -32.56 2.52
CA TYR A 478 -59.06 -33.37 1.61
C TYR A 478 -60.07 -34.34 1.13
N MET A 479 -59.76 -34.98 0.02
CA MET A 479 -60.64 -35.95 -0.57
C MET A 479 -60.30 -37.32 -0.08
N THR A 480 -59.32 -37.42 0.78
CA THR A 480 -58.97 -38.70 1.33
C THR A 480 -59.55 -38.83 2.72
N GLU A 481 -60.39 -37.88 3.10
CA GLU A 481 -61.03 -37.93 4.39
C GLU A 481 -62.50 -38.23 4.28
N VAL A 482 -62.98 -38.61 3.10
CA VAL A 482 -64.41 -38.76 2.88
C VAL A 482 -64.80 -40.04 2.20
N ASN A 483 -66.07 -40.40 2.38
CA ASN A 483 -66.62 -41.64 1.90
C ASN A 483 -67.61 -41.31 0.85
N PHE A 484 -67.45 -41.85 -0.35
CA PHE A 484 -68.33 -41.51 -1.44
C PHE A 484 -69.27 -42.65 -1.67
N ARG A 485 -70.55 -42.33 -1.73
CA ARG A 485 -71.57 -43.30 -1.53
C ARG A 485 -72.67 -43.23 -2.55
N ASP A 486 -73.38 -44.32 -2.71
CA ASP A 486 -74.55 -44.38 -3.56
C ASP A 486 -75.69 -44.44 -2.59
N ILE A 487 -76.67 -43.57 -2.76
CA ILE A 487 -77.85 -43.63 -1.94
C ILE A 487 -78.53 -44.92 -2.26
N PRO A 488 -78.98 -45.64 -1.25
CA PRO A 488 -79.47 -46.99 -1.47
C PRO A 488 -80.78 -47.03 -2.21
N PRO A 489 -81.03 -48.07 -2.98
CA PRO A 489 -82.30 -48.18 -3.65
C PRO A 489 -83.33 -48.43 -2.59
N PRO A 490 -84.53 -47.91 -2.73
CA PRO A 490 -85.54 -48.04 -1.69
C PRO A 490 -85.92 -49.48 -1.49
N ARG A 491 -86.09 -49.91 -0.25
CA ARG A 491 -86.49 -51.26 0.02
C ARG A 491 -87.88 -51.56 -0.49
N TYR A 492 -88.80 -50.66 -0.19
CA TYR A 492 -90.22 -50.82 -0.44
C TYR A 492 -90.83 -49.54 -0.93
N PRO A 493 -92.03 -49.62 -1.48
CA PRO A 493 -92.71 -48.49 -2.05
C PRO A 493 -93.02 -47.42 -1.02
N GLU A 494 -93.04 -47.77 0.25
CA GLU A 494 -93.29 -46.79 1.29
C GLU A 494 -92.17 -45.81 1.25
N ASP A 495 -90.99 -46.32 0.99
CA ASP A 495 -89.77 -45.57 1.13
C ASP A 495 -89.72 -44.41 0.18
N GLU A 496 -90.39 -44.51 -0.94
CA GLU A 496 -90.20 -43.56 -2.01
C GLU A 496 -90.58 -42.19 -1.49
N LEU A 497 -91.39 -42.16 -0.45
CA LEU A 497 -92.00 -40.94 0.02
C LEU A 497 -91.64 -40.59 1.44
N ALA A 498 -90.37 -40.73 1.80
CA ALA A 498 -89.95 -40.49 3.18
C ALA A 498 -88.96 -39.35 3.31
N SER A 499 -89.15 -38.54 4.34
CA SER A 499 -88.33 -37.37 4.56
C SER A 499 -87.13 -37.67 5.40
N GLU A 500 -87.01 -38.91 5.83
CA GLU A 500 -85.92 -39.27 6.71
C GLU A 500 -85.15 -40.42 6.14
N PRO A 501 -83.84 -40.36 6.18
CA PRO A 501 -83.04 -41.47 5.73
C PRO A 501 -83.30 -42.68 6.58
N TRP A 502 -83.40 -43.85 5.96
CA TRP A 502 -83.68 -45.06 6.68
C TRP A 502 -82.46 -45.83 7.04
N TYR A 503 -81.30 -45.29 6.70
CA TYR A 503 -80.07 -46.03 6.72
C TYR A 503 -79.03 -45.30 7.50
N SER A 504 -78.03 -46.03 7.92
CA SER A 504 -77.05 -45.45 8.77
C SER A 504 -76.23 -44.49 7.94
N VAL A 505 -76.23 -43.23 8.35
CA VAL A 505 -75.45 -42.21 7.70
C VAL A 505 -74.46 -41.74 8.71
N SER A 506 -73.27 -41.49 8.21
CA SER A 506 -72.08 -41.43 8.98
C SER A 506 -71.53 -40.06 8.70
N PRO A 507 -70.74 -39.52 9.58
CA PRO A 507 -70.11 -38.24 9.29
C PRO A 507 -69.16 -38.47 8.17
N GLY A 508 -69.14 -37.58 7.19
CA GLY A 508 -68.20 -37.73 6.12
C GLY A 508 -68.70 -38.67 5.07
N ASP A 509 -69.87 -39.24 5.29
CA ASP A 509 -70.48 -40.00 4.23
C ASP A 509 -70.94 -38.91 3.33
N VAL A 510 -70.67 -39.03 2.05
CA VAL A 510 -71.17 -38.08 1.08
C VAL A 510 -71.85 -38.84 -0.02
N PHE A 511 -72.98 -38.33 -0.48
CA PHE A 511 -73.63 -38.90 -1.64
C PHE A 511 -73.68 -37.82 -2.67
N PRO A 512 -73.00 -38.03 -3.78
CA PRO A 512 -72.98 -37.05 -4.85
C PRO A 512 -74.33 -36.83 -5.44
N GLU A 513 -75.08 -37.89 -5.58
CA GLU A 513 -76.27 -37.85 -6.38
C GLU A 513 -77.19 -36.83 -5.83
N GLU A 514 -76.99 -36.46 -4.59
CA GLU A 514 -77.89 -35.52 -3.97
C GLU A 514 -77.54 -34.12 -4.37
N PHE A 515 -76.49 -33.99 -5.14
CA PHE A 515 -76.03 -32.69 -5.57
C PHE A 515 -77.01 -31.98 -6.47
N ARG A 516 -77.83 -32.73 -7.14
CA ARG A 516 -78.58 -32.20 -8.22
C ARG A 516 -79.41 -31.08 -7.70
N HIS A 517 -79.96 -31.26 -6.52
CA HIS A 517 -81.05 -30.44 -6.11
C HIS A 517 -80.63 -29.01 -6.09
N TRP A 518 -79.49 -28.73 -5.51
CA TRP A 518 -78.93 -27.39 -5.57
C TRP A 518 -78.37 -26.92 -6.91
N LEU A 519 -77.65 -27.78 -7.59
CA LEU A 519 -77.06 -27.38 -8.85
C LEU A 519 -78.08 -27.10 -9.92
N CYS A 520 -79.10 -27.92 -9.99
CA CYS A 520 -79.99 -27.99 -11.11
C CYS A 520 -81.33 -27.32 -10.91
N ALA A 521 -81.41 -26.43 -9.95
CA ALA A 521 -82.70 -25.89 -9.61
C ALA A 521 -83.26 -25.17 -10.79
N ASP A 522 -82.50 -24.23 -11.32
CA ASP A 522 -83.01 -23.41 -12.40
C ASP A 522 -83.21 -24.23 -13.63
N PRO A 523 -84.25 -23.93 -14.37
CA PRO A 523 -84.53 -24.72 -15.57
C PRO A 523 -83.43 -24.59 -16.58
N ARG A 524 -82.92 -23.38 -16.74
CA ARG A 524 -81.87 -23.16 -17.72
C ARG A 524 -80.61 -23.91 -17.35
N ILE A 525 -80.22 -23.82 -16.10
CA ILE A 525 -78.99 -24.42 -15.63
C ILE A 525 -78.95 -25.91 -15.70
N GLY A 526 -80.03 -26.54 -15.31
CA GLY A 526 -79.98 -27.97 -15.04
C GLY A 526 -79.62 -28.81 -16.21
N PRO A 527 -80.17 -28.52 -17.37
CA PRO A 527 -79.98 -29.38 -18.52
C PRO A 527 -78.55 -29.50 -18.95
N LEU A 528 -77.77 -28.43 -18.86
CA LEU A 528 -76.40 -28.53 -19.29
C LEU A 528 -75.67 -29.51 -18.42
N PHE A 529 -75.93 -29.45 -17.14
CA PHE A 529 -75.14 -30.18 -16.18
C PHE A 529 -75.24 -31.63 -16.52
N GLU A 530 -76.45 -32.05 -16.86
CA GLU A 530 -76.61 -33.41 -17.30
C GLU A 530 -75.84 -33.52 -18.59
N GLU A 531 -75.93 -32.51 -19.42
CA GLU A 531 -75.24 -32.58 -20.69
C GLU A 531 -73.75 -32.64 -20.57
N MET A 532 -73.17 -31.61 -19.99
CA MET A 532 -71.73 -31.54 -19.86
C MET A 532 -71.13 -32.51 -18.88
N HIS A 533 -71.69 -32.52 -17.68
CA HIS A 533 -71.13 -33.28 -16.57
C HIS A 533 -72.14 -34.14 -15.86
N ALA A 534 -72.45 -35.27 -16.45
CA ALA A 534 -73.18 -36.30 -15.76
C ALA A 534 -72.31 -36.79 -14.65
N ASP A 535 -71.03 -36.80 -14.93
CA ASP A 535 -70.06 -37.50 -14.12
C ASP A 535 -69.94 -36.92 -12.74
N LEU A 536 -70.37 -35.69 -12.58
CA LEU A 536 -70.26 -35.00 -11.30
C LEU A 536 -71.11 -35.65 -10.24
N PHE A 537 -72.17 -36.30 -10.66
CA PHE A 537 -73.18 -36.84 -9.77
C PHE A 537 -73.07 -38.33 -9.59
N ARG A 538 -71.91 -38.89 -9.86
CA ARG A 538 -71.72 -40.31 -9.76
C ARG A 538 -70.72 -40.60 -8.70
N ALA A 539 -71.03 -41.51 -7.80
CA ALA A 539 -70.10 -41.86 -6.77
C ALA A 539 -68.87 -42.43 -7.43
N ASP A 540 -69.09 -43.14 -8.52
CA ASP A 540 -68.02 -43.87 -9.13
C ASP A 540 -66.97 -42.90 -9.55
N TYR A 541 -67.39 -41.78 -10.10
CA TYR A 541 -66.43 -40.88 -10.65
C TYR A 541 -65.52 -40.43 -9.54
N TRP A 542 -66.09 -40.00 -8.43
CA TRP A 542 -65.29 -39.47 -7.34
C TRP A 542 -64.37 -40.53 -6.83
N ARG A 543 -64.88 -41.74 -6.76
CA ARG A 543 -64.10 -42.86 -6.28
C ARG A 543 -62.94 -43.06 -7.21
N ALA A 544 -63.20 -42.90 -8.50
CA ALA A 544 -62.12 -43.09 -9.43
C ALA A 544 -61.07 -42.04 -9.19
N LEU A 545 -61.50 -40.78 -9.10
CA LEU A 545 -60.57 -39.68 -8.92
C LEU A 545 -59.82 -39.77 -7.62
N GLN A 546 -60.54 -39.89 -6.52
CA GLN A 546 -59.90 -40.23 -5.26
C GLN A 546 -59.29 -41.61 -5.40
N ASN A 547 -59.77 -42.26 -6.44
CA ASN A 547 -59.49 -43.62 -6.71
C ASN A 547 -57.99 -43.67 -6.87
N ARG A 548 -57.47 -42.91 -7.81
CA ARG A 548 -56.02 -42.78 -8.04
C ARG A 548 -55.23 -42.05 -6.99
N ILE A 549 -55.77 -40.92 -6.56
CA ILE A 549 -55.03 -39.92 -5.82
C ILE A 549 -54.52 -40.54 -4.57
N ARG A 550 -55.17 -41.59 -4.13
CA ARG A 550 -54.54 -42.44 -3.17
C ARG A 550 -53.36 -43.03 -3.91
N GLU A 551 -53.61 -43.34 -5.16
CA GLU A 551 -52.64 -44.06 -5.96
C GLU A 551 -51.66 -43.07 -6.55
N GLY A 552 -51.02 -42.31 -5.68
CA GLY A 552 -49.95 -41.45 -6.13
C GLY A 552 -50.35 -40.22 -6.91
N HIS A 553 -51.23 -40.41 -7.86
CA HIS A 553 -51.32 -39.59 -9.04
C HIS A 553 -51.55 -38.12 -8.78
N VAL A 554 -50.96 -37.30 -9.65
CA VAL A 554 -51.19 -35.87 -9.68
C VAL A 554 -51.70 -35.53 -11.05
N GLU A 555 -52.86 -34.89 -11.13
CA GLU A 555 -53.42 -34.56 -12.42
C GLU A 555 -52.81 -33.28 -12.93
N ASP A 556 -52.31 -33.28 -14.15
CA ASP A 556 -51.72 -32.09 -14.70
C ASP A 556 -52.77 -31.06 -14.98
N VAL A 557 -52.51 -29.82 -14.59
CA VAL A 557 -53.46 -28.78 -14.84
C VAL A 557 -52.89 -27.77 -15.80
N TYR A 558 -53.55 -27.60 -16.93
CA TYR A 558 -53.10 -26.69 -17.93
C TYR A 558 -53.60 -25.31 -17.55
N ALA A 559 -52.90 -24.29 -18.00
CA ALA A 559 -53.29 -22.92 -17.72
C ALA A 559 -53.86 -22.24 -18.95
N TYR A 560 -54.23 -23.02 -19.94
CA TYR A 560 -54.72 -22.47 -21.18
C TYR A 560 -55.87 -23.34 -21.66
N ARG A 561 -56.60 -22.88 -22.63
CA ARG A 561 -57.74 -23.62 -23.12
C ARG A 561 -57.19 -24.90 -23.63
N ARG A 562 -57.93 -25.99 -23.46
CA ARG A 562 -57.48 -27.29 -23.90
C ARG A 562 -57.31 -27.29 -25.38
N ARG A 563 -58.17 -26.55 -26.05
CA ARG A 563 -58.20 -26.63 -27.49
C ARG A 563 -56.85 -26.22 -28.00
N GLN A 564 -56.28 -25.21 -27.38
CA GLN A 564 -55.10 -24.56 -27.94
C GLN A 564 -53.95 -25.51 -28.07
N ARG A 565 -53.87 -26.50 -27.20
CA ARG A 565 -52.70 -27.33 -27.22
C ARG A 565 -52.70 -28.00 -28.55
N PHE A 566 -51.51 -28.39 -28.98
CA PHE A 566 -51.30 -28.82 -30.34
C PHE A 566 -51.97 -30.13 -30.68
N SER A 567 -52.20 -30.95 -29.67
CA SER A 567 -52.92 -32.18 -29.89
C SER A 567 -54.29 -31.74 -30.31
N VAL A 568 -54.34 -30.72 -31.14
CA VAL A 568 -55.58 -30.14 -31.58
C VAL A 568 -55.25 -28.84 -32.28
N LEU B 2 -30.56 -22.59 23.50
CA LEU B 2 -29.82 -21.46 22.97
C LEU B 2 -28.63 -21.93 22.17
N GLU B 3 -28.03 -23.02 22.60
CA GLU B 3 -26.76 -23.38 22.06
C GLU B 3 -26.99 -23.55 20.60
N LEU B 4 -28.04 -24.26 20.26
CA LEU B 4 -28.34 -24.55 18.89
C LEU B 4 -28.64 -23.24 18.19
N LEU B 5 -29.02 -22.24 18.96
CA LEU B 5 -29.30 -20.97 18.36
C LEU B 5 -28.03 -20.47 17.74
N ILE B 6 -26.93 -20.68 18.42
CA ILE B 6 -25.72 -20.07 17.97
C ILE B 6 -25.38 -20.57 16.59
N ALA B 7 -25.53 -21.86 16.38
CA ALA B 7 -25.07 -22.43 15.15
C ALA B 7 -25.84 -21.74 14.07
N GLN B 8 -27.07 -21.42 14.36
CA GLN B 8 -27.91 -20.80 13.37
C GLN B 8 -27.27 -19.47 13.05
N THR B 9 -26.75 -18.83 14.08
CA THR B 9 -26.16 -17.52 13.88
C THR B 9 -24.95 -17.52 12.99
N ILE B 10 -24.06 -18.48 13.16
CA ILE B 10 -22.97 -18.56 12.23
C ILE B 10 -23.56 -18.89 10.91
N LEU B 11 -24.33 -19.95 10.88
CA LEU B 11 -24.79 -20.50 9.64
C LEU B 11 -25.59 -19.49 8.90
N GLN B 12 -26.34 -18.67 9.61
CA GLN B 12 -27.03 -17.60 8.94
C GLN B 12 -25.95 -16.77 8.35
N GLY B 13 -24.87 -16.59 9.10
CA GLY B 13 -23.89 -15.63 8.69
C GLY B 13 -23.27 -15.97 7.38
N PHE B 14 -22.90 -17.22 7.20
CA PHE B 14 -22.17 -17.58 6.01
C PHE B 14 -23.03 -17.29 4.83
N ASP B 15 -24.30 -17.63 4.93
CA ASP B 15 -25.15 -17.53 3.79
C ASP B 15 -25.07 -16.09 3.41
N ALA B 16 -25.06 -15.24 4.42
CA ALA B 16 -25.06 -13.83 4.16
C ALA B 16 -23.81 -13.42 3.46
N GLN B 17 -22.67 -13.87 3.92
CA GLN B 17 -21.47 -13.38 3.30
C GLN B 17 -21.47 -13.81 1.87
N TYR B 18 -21.69 -15.09 1.63
CA TYR B 18 -21.50 -15.61 0.31
C TYR B 18 -22.43 -14.93 -0.63
N GLY B 19 -23.58 -14.54 -0.14
CA GLY B 19 -24.53 -13.87 -1.01
C GLY B 19 -23.84 -12.62 -1.43
N ARG B 20 -23.20 -11.96 -0.49
CA ARG B 20 -22.51 -10.71 -0.76
C ARG B 20 -21.40 -10.95 -1.73
N PHE B 21 -20.76 -12.09 -1.60
CA PHE B 21 -19.64 -12.40 -2.42
C PHE B 21 -20.16 -12.39 -3.82
N LEU B 22 -21.24 -13.10 -4.04
CA LEU B 22 -21.74 -13.30 -5.38
C LEU B 22 -22.19 -12.04 -6.06
N GLU B 23 -22.86 -11.17 -5.33
CA GLU B 23 -23.32 -9.92 -5.89
C GLU B 23 -22.19 -9.03 -6.32
N VAL B 24 -21.08 -9.09 -5.61
CA VAL B 24 -19.89 -8.37 -5.99
C VAL B 24 -19.42 -8.91 -7.31
N THR B 25 -19.45 -10.22 -7.42
CA THR B 25 -18.91 -10.94 -8.54
C THR B 25 -19.81 -10.96 -9.75
N SER B 26 -21.08 -10.63 -9.60
CA SER B 26 -21.92 -10.45 -10.76
C SER B 26 -21.75 -9.05 -11.30
N GLY B 27 -21.07 -8.25 -10.51
CA GLY B 27 -20.81 -6.87 -10.85
C GLY B 27 -19.95 -6.74 -12.07
N ALA B 28 -19.12 -7.71 -12.32
CA ALA B 28 -17.99 -7.48 -13.17
C ALA B 28 -18.40 -7.04 -14.54
N GLN B 29 -19.39 -7.68 -15.11
CA GLN B 29 -19.59 -7.60 -16.52
C GLN B 29 -19.76 -6.16 -16.83
N GLN B 30 -20.52 -5.46 -16.00
CA GLN B 30 -20.71 -4.06 -16.25
C GLN B 30 -19.37 -3.42 -16.14
N ARG B 31 -18.63 -3.84 -15.15
CA ARG B 31 -17.37 -3.21 -14.88
C ARG B 31 -16.49 -3.39 -16.08
N PHE B 32 -16.52 -4.58 -16.66
CA PHE B 32 -15.74 -4.82 -17.84
C PHE B 32 -16.20 -3.97 -18.99
N GLU B 33 -17.50 -3.93 -19.21
CA GLU B 33 -18.04 -3.18 -20.32
C GLU B 33 -17.83 -1.70 -20.17
N GLN B 34 -18.10 -1.21 -18.98
CA GLN B 34 -17.99 0.21 -18.73
C GLN B 34 -16.55 0.61 -18.98
N ALA B 35 -15.64 -0.36 -18.90
CA ALA B 35 -14.26 -0.13 -19.23
C ALA B 35 -13.56 0.53 -18.08
N ASP B 36 -14.28 0.74 -16.99
CA ASP B 36 -13.66 1.32 -15.84
C ASP B 36 -12.85 0.18 -15.34
N TRP B 37 -11.55 0.39 -15.25
CA TRP B 37 -10.69 -0.65 -14.75
C TRP B 37 -10.14 -0.30 -13.40
N HIS B 38 -10.31 0.93 -13.01
CA HIS B 38 -10.02 1.30 -11.65
C HIS B 38 -10.98 0.62 -10.70
N ALA B 39 -12.24 0.55 -11.10
CA ALA B 39 -13.21 -0.12 -10.29
C ALA B 39 -12.84 -1.58 -10.20
N VAL B 40 -12.47 -2.11 -11.34
CA VAL B 40 -12.30 -3.54 -11.50
C VAL B 40 -11.23 -4.06 -10.59
N GLN B 41 -10.11 -3.39 -10.57
CA GLN B 41 -9.11 -3.68 -9.59
C GLN B 41 -9.74 -3.33 -8.28
N GLN B 42 -10.43 -2.21 -8.27
CA GLN B 42 -10.91 -1.66 -7.02
C GLN B 42 -11.86 -2.61 -6.38
N ALA B 43 -12.76 -3.15 -7.17
CA ALA B 43 -13.76 -4.03 -6.65
C ALA B 43 -13.08 -5.25 -6.10
N MET B 44 -12.00 -5.63 -6.71
CA MET B 44 -11.39 -6.89 -6.41
C MET B 44 -11.04 -6.84 -4.95
N LYS B 45 -10.59 -5.68 -4.52
CA LYS B 45 -10.05 -5.56 -3.19
C LYS B 45 -11.14 -5.85 -2.19
N ASN B 46 -12.36 -5.43 -2.50
CA ASN B 46 -13.44 -5.47 -1.54
C ASN B 46 -13.74 -6.87 -1.07
N ARG B 47 -13.61 -7.82 -1.96
CA ARG B 47 -14.01 -9.17 -1.65
C ARG B 47 -13.19 -9.60 -0.48
N ILE B 48 -11.94 -9.17 -0.50
CA ILE B 48 -11.03 -9.65 0.47
C ILE B 48 -11.62 -9.27 1.78
N HIS B 49 -12.09 -8.05 1.84
CA HIS B 49 -12.69 -7.54 3.03
C HIS B 49 -14.03 -8.19 3.29
N LEU B 50 -14.60 -8.77 2.26
CA LEU B 50 -15.94 -9.29 2.42
C LEU B 50 -16.05 -10.41 3.42
N TYR B 51 -15.23 -11.42 3.30
CA TYR B 51 -15.38 -12.56 4.15
C TYR B 51 -15.18 -12.16 5.58
N ASP B 52 -14.19 -11.33 5.83
CA ASP B 52 -13.87 -10.96 7.19
C ASP B 52 -14.97 -10.19 7.89
N HIS B 53 -15.67 -9.33 7.17
CA HIS B 53 -16.62 -8.49 7.84
C HIS B 53 -17.65 -9.36 8.48
N HIS B 54 -18.19 -10.28 7.72
CA HIS B 54 -19.27 -11.10 8.20
C HIS B 54 -18.82 -11.92 9.36
N VAL B 55 -17.62 -12.43 9.29
CA VAL B 55 -17.10 -13.15 10.42
C VAL B 55 -16.99 -12.16 11.53
N GLY B 56 -16.51 -10.98 11.19
CA GLY B 56 -16.30 -10.01 12.22
C GLY B 56 -17.65 -9.73 12.79
N LEU B 57 -18.62 -9.56 11.92
CA LEU B 57 -19.92 -9.16 12.40
C LEU B 57 -20.47 -10.21 13.31
N VAL B 58 -20.28 -11.47 12.98
CA VAL B 58 -20.93 -12.50 13.73
C VAL B 58 -20.52 -12.51 15.17
N VAL B 59 -19.23 -12.43 15.43
CA VAL B 59 -18.75 -12.70 16.76
C VAL B 59 -19.41 -11.71 17.65
N GLU B 60 -19.49 -10.49 17.18
CA GLU B 60 -20.07 -9.47 17.99
C GLU B 60 -21.47 -9.93 18.25
N GLN B 61 -22.09 -10.56 17.27
CA GLN B 61 -23.43 -11.04 17.48
C GLN B 61 -23.39 -12.05 18.59
N LEU B 62 -22.44 -12.97 18.54
CA LEU B 62 -22.36 -13.99 19.55
C LEU B 62 -22.06 -13.39 20.89
N ARG B 63 -21.23 -12.36 20.89
CA ARG B 63 -20.76 -11.80 22.13
C ARG B 63 -21.89 -11.27 22.94
N CYS B 64 -22.82 -10.58 22.29
CA CYS B 64 -23.95 -10.02 23.00
C CYS B 64 -24.74 -11.14 23.60
N ILE B 65 -24.87 -12.21 22.84
CA ILE B 65 -25.48 -13.39 23.36
C ILE B 65 -24.53 -13.92 24.39
N THR B 66 -25.04 -14.58 25.41
CA THR B 66 -24.15 -15.02 26.43
C THR B 66 -23.61 -13.75 27.03
N ASN B 67 -22.46 -13.84 27.67
CA ASN B 67 -21.82 -12.67 28.25
C ASN B 67 -20.69 -13.11 29.16
N GLU B 74 -17.38 -26.88 27.12
CA GLU B 74 -18.26 -27.98 27.44
C GLU B 74 -19.32 -28.12 26.37
N PHE B 75 -20.15 -27.11 26.20
CA PHE B 75 -21.19 -27.19 25.19
C PHE B 75 -20.65 -27.14 23.76
N LEU B 76 -19.39 -26.79 23.65
CA LEU B 76 -18.83 -26.37 22.38
C LEU B 76 -19.03 -27.48 21.39
N LEU B 77 -18.85 -28.69 21.86
CA LEU B 77 -19.04 -29.83 21.01
C LEU B 77 -20.48 -29.78 20.59
N ARG B 78 -21.35 -29.37 21.49
CA ARG B 78 -22.74 -29.30 21.15
C ARG B 78 -23.00 -28.29 20.06
N VAL B 79 -22.45 -27.10 20.18
CA VAL B 79 -22.79 -26.09 19.19
C VAL B 79 -22.34 -26.56 17.83
N LYS B 80 -21.20 -27.20 17.77
CA LYS B 80 -20.73 -27.64 16.49
C LYS B 80 -21.71 -28.63 15.92
N GLU B 81 -22.16 -29.55 16.74
CA GLU B 81 -22.98 -30.63 16.24
C GLU B 81 -24.21 -30.02 15.67
N HIS B 82 -24.72 -29.01 16.32
CA HIS B 82 -25.85 -28.31 15.77
C HIS B 82 -25.46 -27.68 14.45
N TYR B 83 -24.36 -26.95 14.43
CA TYR B 83 -23.85 -26.49 13.16
C TYR B 83 -23.55 -27.75 12.41
N THR B 84 -23.07 -28.71 13.18
CA THR B 84 -22.65 -29.98 12.68
C THR B 84 -23.85 -30.64 12.05
N ARG B 85 -25.01 -30.44 12.64
CA ARG B 85 -26.19 -31.18 12.26
C ARG B 85 -27.01 -30.52 11.18
N LEU B 86 -26.61 -29.33 10.78
CA LEU B 86 -27.39 -28.59 9.80
C LEU B 86 -26.79 -28.66 8.42
N LEU B 87 -25.63 -29.25 8.33
CA LEU B 87 -24.87 -29.32 7.09
C LEU B 87 -25.46 -30.16 5.97
N PRO B 88 -26.09 -31.26 6.30
CA PRO B 88 -26.24 -32.32 5.32
C PRO B 88 -26.96 -31.81 4.12
N ASP B 89 -28.02 -31.07 4.32
CA ASP B 89 -28.71 -30.50 3.20
C ASP B 89 -27.86 -29.50 2.47
N TYR B 90 -27.07 -28.74 3.21
CA TYR B 90 -26.54 -27.52 2.67
C TYR B 90 -25.46 -27.75 1.68
N PRO B 91 -25.68 -27.32 0.45
CA PRO B 91 -24.79 -27.69 -0.64
C PRO B 91 -23.41 -27.17 -0.42
N ARG B 92 -23.26 -25.91 -0.08
CA ARG B 92 -21.94 -25.38 0.16
C ARG B 92 -21.60 -25.59 1.62
N PHE B 93 -21.65 -26.84 2.04
CA PHE B 93 -21.37 -27.15 3.43
C PHE B 93 -19.95 -26.77 3.72
N GLU B 94 -19.09 -26.98 2.74
CA GLU B 94 -17.69 -26.96 2.98
C GLU B 94 -17.30 -25.64 3.53
N ILE B 95 -17.71 -24.59 2.87
CA ILE B 95 -17.34 -23.26 3.28
C ILE B 95 -17.98 -22.92 4.59
N ALA B 96 -19.09 -23.56 4.86
CA ALA B 96 -19.87 -23.32 6.05
C ALA B 96 -19.11 -23.70 7.25
N GLU B 97 -18.31 -24.74 7.10
CA GLU B 97 -17.38 -25.14 8.13
C GLU B 97 -16.28 -24.11 8.29
N SER B 98 -15.70 -23.71 7.18
CA SER B 98 -14.53 -22.87 7.28
C SER B 98 -14.99 -21.70 8.04
N PHE B 99 -16.11 -21.17 7.62
CA PHE B 99 -16.58 -19.95 8.18
C PHE B 99 -16.72 -20.24 9.64
N PHE B 100 -17.13 -21.44 9.97
CA PHE B 100 -17.26 -21.78 11.35
C PHE B 100 -15.91 -21.75 11.97
N ASN B 101 -14.96 -22.36 11.30
CA ASN B 101 -13.65 -22.47 11.85
C ASN B 101 -13.15 -21.06 11.99
N SER B 102 -13.42 -20.23 11.01
CA SER B 102 -12.84 -18.93 11.01
C SER B 102 -13.32 -18.23 12.24
N VAL B 103 -14.58 -18.42 12.56
CA VAL B 103 -15.16 -17.78 13.71
C VAL B 103 -14.54 -18.27 15.00
N TYR B 104 -14.31 -19.55 15.11
CA TYR B 104 -13.94 -20.09 16.38
C TYR B 104 -12.70 -19.37 16.75
N CYS B 105 -11.77 -19.30 15.82
CA CYS B 105 -10.47 -18.77 16.14
C CYS B 105 -10.55 -17.35 16.59
N ARG B 106 -11.40 -16.55 15.97
CA ARG B 106 -11.52 -15.19 16.39
C ARG B 106 -12.02 -15.17 17.80
N LEU B 107 -12.93 -16.07 18.11
CA LEU B 107 -13.50 -16.13 19.42
C LEU B 107 -12.39 -16.46 20.37
N PHE B 108 -11.55 -17.38 19.96
CA PHE B 108 -10.52 -17.91 20.83
C PHE B 108 -9.12 -17.44 20.52
N ASP B 109 -9.00 -16.41 19.73
CA ASP B 109 -7.71 -15.85 19.49
C ASP B 109 -6.81 -16.91 18.96
N HIS B 110 -7.34 -17.71 18.05
CA HIS B 110 -6.50 -18.60 17.29
C HIS B 110 -5.70 -19.53 18.18
N ARG B 111 -6.27 -19.98 19.27
CA ARG B 111 -5.56 -20.94 20.08
C ARG B 111 -6.40 -22.09 20.60
N SER B 112 -5.77 -23.23 20.80
CA SER B 112 -6.43 -24.34 21.43
C SER B 112 -7.31 -25.16 20.52
N LEU B 113 -7.31 -24.82 19.25
CA LEU B 113 -8.19 -25.48 18.32
C LEU B 113 -7.75 -26.89 18.23
N THR B 114 -8.70 -27.78 18.18
CA THR B 114 -8.43 -29.18 18.05
C THR B 114 -9.56 -29.78 17.26
N PRO B 115 -9.37 -30.92 16.66
CA PRO B 115 -10.34 -31.42 15.69
C PRO B 115 -11.66 -31.57 16.38
N GLU B 116 -11.65 -32.06 17.60
CA GLU B 116 -12.89 -32.24 18.30
C GLU B 116 -13.52 -30.89 18.49
N ARG B 117 -12.71 -29.91 18.85
CA ARG B 117 -13.21 -28.58 19.13
C ARG B 117 -13.80 -27.85 17.94
N LEU B 118 -13.27 -28.08 16.74
CA LEU B 118 -13.74 -27.40 15.55
C LEU B 118 -13.42 -28.12 14.28
N PHE B 119 -13.80 -27.54 13.16
CA PHE B 119 -13.65 -28.21 11.89
C PHE B 119 -12.33 -27.92 11.26
N ILE B 120 -11.37 -28.81 11.46
CA ILE B 120 -10.16 -28.79 10.67
C ILE B 120 -10.25 -29.84 9.58
N PHE B 121 -11.24 -30.71 9.69
CA PHE B 121 -11.51 -31.71 8.66
C PHE B 121 -13.02 -31.75 8.47
N SER B 122 -13.48 -32.12 7.28
CA SER B 122 -14.89 -32.08 6.97
C SER B 122 -15.71 -33.19 7.59
N SER B 123 -16.90 -32.85 8.08
CA SER B 123 -17.82 -33.83 8.58
C SER B 123 -18.31 -34.75 7.49
N GLN B 124 -18.68 -34.15 6.38
CA GLN B 124 -19.42 -34.82 5.34
C GLN B 124 -18.65 -35.80 4.51
N PRO B 125 -19.36 -36.75 3.95
CA PRO B 125 -18.80 -37.72 3.01
C PRO B 125 -18.53 -36.98 1.72
N GLU B 126 -17.67 -37.54 0.90
CA GLU B 126 -17.06 -36.81 -0.20
C GLU B 126 -18.09 -36.30 -1.16
N ARG B 127 -17.76 -35.16 -1.73
CA ARG B 127 -18.69 -34.36 -2.49
C ARG B 127 -19.19 -35.06 -3.72
N ARG B 128 -18.37 -35.87 -4.35
CA ARG B 128 -18.58 -36.16 -5.75
C ARG B 128 -20.00 -36.60 -5.91
N PHE B 129 -20.67 -35.94 -6.84
CA PHE B 129 -22.11 -35.95 -6.95
C PHE B 129 -22.69 -37.14 -7.67
N ARG B 130 -23.92 -37.47 -7.33
CA ARG B 130 -24.78 -38.21 -8.22
C ARG B 130 -25.00 -37.30 -9.40
N THR B 131 -25.33 -36.05 -9.10
CA THR B 131 -25.46 -35.06 -10.16
C THR B 131 -25.44 -33.64 -9.65
N ILE B 132 -25.18 -32.71 -10.55
CA ILE B 132 -25.17 -31.30 -10.23
C ILE B 132 -26.54 -30.73 -10.49
N PRO B 133 -26.99 -29.85 -9.62
CA PRO B 133 -28.34 -29.31 -9.74
C PRO B 133 -28.54 -28.52 -11.01
N ARG B 134 -27.62 -27.64 -11.34
CA ARG B 134 -27.66 -26.99 -12.63
C ARG B 134 -26.32 -27.16 -13.28
N PRO B 135 -26.28 -27.74 -14.46
CA PRO B 135 -25.00 -27.98 -15.10
C PRO B 135 -24.32 -26.68 -15.41
N LEU B 136 -23.03 -26.64 -15.18
CA LEU B 136 -22.21 -25.46 -15.46
C LEU B 136 -21.99 -25.09 -16.92
N ALA B 137 -21.57 -26.06 -17.72
CA ALA B 137 -21.13 -25.77 -19.07
C ALA B 137 -21.90 -26.51 -20.14
N LYS B 138 -21.93 -25.96 -21.34
CA LYS B 138 -22.77 -26.48 -22.40
C LYS B 138 -22.00 -27.13 -23.51
N ASP B 139 -22.24 -28.41 -23.74
CA ASP B 139 -21.52 -29.11 -24.78
C ASP B 139 -21.88 -28.46 -26.10
N PHE B 140 -20.92 -28.38 -27.01
CA PHE B 140 -21.17 -27.84 -28.34
C PHE B 140 -20.67 -28.78 -29.42
N HIS B 141 -21.44 -28.94 -30.50
CA HIS B 141 -21.09 -29.90 -31.52
C HIS B 141 -20.92 -29.32 -32.92
N PRO B 142 -19.88 -29.81 -33.56
CA PRO B 142 -19.31 -29.28 -34.79
C PRO B 142 -20.25 -29.31 -35.95
N ASP B 143 -21.02 -30.38 -36.02
CA ASP B 143 -21.74 -30.70 -37.22
C ASP B 143 -22.74 -29.62 -37.32
N HIS B 144 -23.50 -29.61 -38.40
CA HIS B 144 -24.37 -28.48 -38.54
C HIS B 144 -23.46 -27.28 -38.58
N GLY B 145 -22.28 -27.51 -39.14
CA GLY B 145 -21.25 -26.51 -39.20
C GLY B 145 -20.35 -26.68 -38.00
N TRP B 146 -19.10 -26.27 -38.15
CA TRP B 146 -18.23 -26.07 -37.02
C TRP B 146 -17.90 -24.61 -37.00
N GLU B 147 -17.52 -24.10 -38.16
CA GLU B 147 -17.19 -22.71 -38.26
C GLU B 147 -18.42 -21.95 -37.82
N SER B 148 -19.56 -22.58 -38.04
CA SER B 148 -20.82 -22.13 -37.52
C SER B 148 -20.71 -22.20 -36.03
N LEU B 149 -20.01 -23.22 -35.56
CA LEU B 149 -20.10 -23.59 -34.18
C LEU B 149 -19.66 -22.44 -33.33
N LEU B 150 -18.61 -21.77 -33.74
CA LEU B 150 -18.10 -20.69 -32.94
C LEU B 150 -19.17 -19.64 -32.86
N MET B 151 -20.12 -19.68 -33.79
CA MET B 151 -21.20 -18.72 -33.73
C MET B 151 -22.12 -18.80 -32.50
N ARG B 152 -22.58 -19.98 -32.12
CA ARG B 152 -23.47 -20.09 -30.96
C ARG B 152 -22.67 -19.58 -29.78
N VAL B 153 -21.38 -19.85 -29.84
CA VAL B 153 -20.52 -19.52 -28.73
C VAL B 153 -20.45 -18.03 -28.45
N ILE B 154 -19.97 -17.26 -29.41
CA ILE B 154 -19.86 -15.80 -29.27
C ILE B 154 -21.17 -15.05 -29.24
N SER B 155 -22.01 -15.32 -30.23
CA SER B 155 -23.34 -14.74 -30.20
C SER B 155 -24.01 -15.22 -28.92
N ASP B 156 -23.47 -16.32 -28.46
CA ASP B 156 -23.90 -17.05 -27.30
C ASP B 156 -23.79 -16.19 -26.04
N LEU B 157 -22.62 -15.59 -25.84
CA LEU B 157 -22.27 -14.98 -24.58
C LEU B 157 -22.88 -13.62 -24.32
N PRO B 158 -22.95 -13.27 -23.05
CA PRO B 158 -23.73 -12.15 -22.53
C PRO B 158 -23.37 -10.74 -22.93
N LEU B 159 -22.10 -10.46 -23.14
CA LEU B 159 -21.64 -9.10 -23.06
C LEU B 159 -22.37 -8.19 -24.00
N ARG B 160 -22.75 -7.02 -23.50
CA ARG B 160 -23.42 -6.03 -24.29
C ARG B 160 -22.47 -5.06 -24.96
N LEU B 161 -21.89 -5.47 -26.09
CA LEU B 161 -21.05 -4.59 -26.87
C LEU B 161 -20.95 -5.06 -28.31
N HIS B 162 -20.46 -4.19 -29.17
CA HIS B 162 -20.26 -4.56 -30.56
C HIS B 162 -19.00 -5.36 -30.73
N TRP B 163 -18.93 -6.10 -31.83
CA TRP B 163 -17.77 -6.93 -32.13
C TRP B 163 -17.13 -6.50 -33.44
N GLN B 164 -15.82 -6.61 -33.53
CA GLN B 164 -15.10 -6.12 -34.70
C GLN B 164 -14.32 -7.20 -35.39
N ASN B 165 -14.46 -7.29 -36.71
CA ASN B 165 -13.78 -8.33 -37.46
C ASN B 165 -14.08 -9.66 -36.84
N LYS B 166 -15.35 -9.92 -36.61
CA LYS B 166 -15.75 -11.10 -35.90
C LYS B 166 -15.27 -12.29 -36.67
N SER B 167 -15.43 -12.25 -37.97
CA SER B 167 -15.06 -13.41 -38.74
C SER B 167 -13.61 -13.62 -38.47
N ARG B 168 -12.92 -12.51 -38.32
CA ARG B 168 -11.49 -12.52 -38.33
C ARG B 168 -11.05 -13.38 -37.19
N ASP B 169 -11.66 -13.15 -36.04
CA ASP B 169 -11.25 -13.86 -34.85
C ASP B 169 -11.54 -15.31 -35.07
N ILE B 170 -12.69 -15.54 -35.66
CA ILE B 170 -13.23 -16.86 -35.84
C ILE B 170 -12.28 -17.66 -36.69
N HIS B 171 -11.76 -17.01 -37.71
CA HIS B 171 -10.85 -17.67 -38.61
C HIS B 171 -9.64 -18.07 -37.84
N TYR B 172 -9.26 -17.23 -36.90
CA TYR B 172 -8.00 -17.42 -36.24
C TYR B 172 -8.00 -18.74 -35.54
N ILE B 173 -9.05 -19.01 -34.79
CA ILE B 173 -9.09 -20.19 -33.97
C ILE B 173 -9.04 -21.41 -34.86
N ILE B 174 -9.81 -21.37 -35.92
CA ILE B 174 -9.96 -22.55 -36.76
C ILE B 174 -8.60 -22.88 -37.30
N ARG B 175 -7.83 -21.85 -37.62
CA ARG B 175 -6.47 -22.08 -38.02
C ARG B 175 -5.72 -22.66 -36.85
N HIS B 176 -5.99 -22.16 -35.66
CA HIS B 176 -5.24 -22.61 -34.51
C HIS B 176 -5.44 -24.07 -34.18
N LEU B 177 -6.70 -24.48 -34.15
CA LEU B 177 -7.02 -25.86 -33.86
C LEU B 177 -6.50 -26.77 -34.93
N THR B 178 -6.61 -26.31 -36.16
CA THR B 178 -6.29 -27.14 -37.28
C THR B 178 -4.84 -27.52 -37.17
N GLU B 179 -4.00 -26.54 -36.89
CA GLU B 179 -2.59 -26.82 -36.74
C GLU B 179 -2.43 -27.74 -35.57
N THR B 180 -3.16 -27.46 -34.51
CA THR B 180 -3.04 -28.25 -33.31
C THR B 180 -3.45 -29.69 -33.52
N LEU B 181 -4.62 -29.90 -34.10
CA LEU B 181 -5.14 -31.25 -34.23
C LEU B 181 -4.98 -31.85 -35.60
N GLY B 182 -5.35 -31.05 -36.58
CA GLY B 182 -5.52 -31.53 -37.94
C GLY B 182 -6.96 -31.87 -38.17
N PRO B 183 -7.42 -31.71 -39.38
CA PRO B 183 -8.85 -31.75 -39.68
C PRO B 183 -9.44 -33.08 -39.32
N GLU B 184 -8.67 -34.13 -39.52
CA GLU B 184 -9.16 -35.46 -39.30
C GLU B 184 -9.51 -35.65 -37.85
N ASN B 185 -8.59 -35.31 -36.97
CA ASN B 185 -8.85 -35.35 -35.55
C ASN B 185 -9.92 -34.33 -35.21
N LEU B 186 -9.84 -33.20 -35.89
CA LEU B 186 -10.62 -32.04 -35.52
C LEU B 186 -12.10 -32.31 -35.60
N SER B 187 -12.50 -33.02 -36.62
CA SER B 187 -13.90 -33.23 -36.89
C SER B 187 -14.53 -33.99 -35.75
N LYS B 188 -13.73 -34.73 -35.01
CA LYS B 188 -14.25 -35.61 -33.99
C LYS B 188 -14.18 -35.10 -32.57
N SER B 189 -13.89 -33.82 -32.39
CA SER B 189 -13.76 -33.29 -31.05
C SER B 189 -14.69 -32.12 -30.87
N HIS B 190 -15.10 -31.87 -29.63
CA HIS B 190 -16.12 -30.86 -29.33
C HIS B 190 -15.86 -30.14 -28.03
N LEU B 191 -16.63 -29.10 -27.78
CA LEU B 191 -16.39 -28.18 -26.68
C LEU B 191 -17.46 -28.26 -25.62
N GLN B 192 -17.08 -27.95 -24.40
CA GLN B 192 -18.01 -27.88 -23.31
C GLN B 192 -17.76 -26.59 -22.56
N VAL B 193 -18.10 -25.47 -23.15
CA VAL B 193 -17.74 -24.18 -22.59
C VAL B 193 -18.45 -23.84 -21.29
N ALA B 194 -17.84 -22.97 -20.51
CA ALA B 194 -18.38 -22.62 -19.23
C ALA B 194 -19.63 -21.82 -19.44
N ASN B 195 -20.56 -21.96 -18.53
CA ASN B 195 -21.74 -21.13 -18.56
C ASN B 195 -21.31 -19.69 -18.36
N GLU B 196 -20.33 -19.48 -17.50
CA GLU B 196 -19.90 -18.14 -17.11
C GLU B 196 -18.45 -17.82 -17.38
N LEU B 197 -18.17 -16.65 -17.92
CA LEU B 197 -16.80 -16.26 -18.17
C LEU B 197 -16.12 -15.96 -16.88
N PHE B 198 -14.79 -16.03 -16.85
CA PHE B 198 -14.02 -15.68 -15.69
C PHE B 198 -13.37 -14.36 -15.98
N TYR B 199 -13.47 -13.42 -15.07
CA TYR B 199 -13.03 -12.07 -15.34
C TYR B 199 -11.80 -11.70 -14.59
N ARG B 200 -10.82 -11.15 -15.27
CA ARG B 200 -9.70 -10.58 -14.56
C ARG B 200 -9.25 -9.34 -15.26
N ASN B 201 -8.97 -8.30 -14.49
CA ASN B 201 -8.25 -7.17 -15.00
C ASN B 201 -8.89 -6.63 -16.25
N LYS B 202 -8.08 -6.45 -17.28
CA LYS B 202 -8.51 -5.88 -18.53
C LYS B 202 -9.34 -6.82 -19.37
N ALA B 203 -9.35 -8.09 -19.01
CA ALA B 203 -9.95 -9.08 -19.88
C ALA B 203 -10.96 -9.99 -19.21
N ALA B 204 -11.91 -10.46 -20.00
CA ALA B 204 -12.89 -11.41 -19.57
C ALA B 204 -12.59 -12.68 -20.31
N TRP B 205 -12.49 -13.76 -19.58
CA TRP B 205 -11.93 -15.01 -20.06
C TRP B 205 -13.03 -15.98 -20.31
N LEU B 206 -12.85 -16.89 -21.25
CA LEU B 206 -13.85 -17.90 -21.49
C LEU B 206 -13.23 -19.25 -21.32
N VAL B 207 -13.77 -20.05 -20.42
CA VAL B 207 -13.18 -21.32 -20.09
C VAL B 207 -14.04 -22.44 -20.59
N GLY B 208 -13.41 -23.40 -21.23
CA GLY B 208 -14.10 -24.59 -21.67
C GLY B 208 -13.12 -25.69 -21.91
N LYS B 209 -13.59 -26.91 -21.90
CA LYS B 209 -12.79 -28.05 -22.28
C LYS B 209 -12.71 -28.11 -23.77
N LEU B 210 -11.77 -28.85 -24.30
CA LEU B 210 -11.82 -29.25 -25.69
C LEU B 210 -11.58 -30.73 -25.66
N ILE B 211 -12.48 -31.50 -26.24
CA ILE B 211 -12.41 -32.93 -26.13
C ILE B 211 -12.18 -33.58 -27.47
N THR B 212 -11.18 -34.43 -27.52
CA THR B 212 -10.70 -34.98 -28.76
C THR B 212 -10.61 -36.45 -28.64
N PRO B 213 -10.48 -37.12 -29.77
CA PRO B 213 -10.45 -38.57 -29.78
C PRO B 213 -9.29 -38.98 -28.92
N SER B 214 -8.25 -38.17 -28.98
CA SER B 214 -7.08 -38.42 -28.19
C SER B 214 -7.41 -38.35 -26.72
N GLY B 215 -8.18 -37.34 -26.34
CA GLY B 215 -8.38 -37.05 -24.93
C GLY B 215 -9.11 -35.74 -24.71
N THR B 216 -8.87 -35.14 -23.56
CA THR B 216 -9.58 -33.95 -23.16
C THR B 216 -8.62 -32.79 -22.99
N LEU B 217 -8.90 -31.68 -23.66
CA LEU B 217 -7.95 -30.60 -23.70
C LEU B 217 -8.50 -29.24 -23.35
N PRO B 218 -7.74 -28.43 -22.63
CA PRO B 218 -8.18 -27.09 -22.28
C PRO B 218 -8.30 -26.25 -23.52
N PHE B 219 -9.31 -25.43 -23.62
CA PHE B 219 -9.40 -24.49 -24.72
C PHE B 219 -9.80 -23.21 -24.06
N LEU B 220 -8.94 -22.20 -24.10
CA LEU B 220 -9.25 -20.97 -23.41
C LEU B 220 -9.13 -19.77 -24.28
N LEU B 221 -10.15 -18.95 -24.28
CA LEU B 221 -10.11 -17.71 -25.00
C LEU B 221 -10.33 -16.59 -24.03
N PRO B 222 -9.50 -15.58 -24.07
CA PRO B 222 -9.68 -14.45 -23.18
C PRO B 222 -10.13 -13.30 -24.01
N ILE B 223 -11.17 -12.62 -23.58
CA ILE B 223 -11.77 -11.57 -24.36
C ILE B 223 -11.26 -10.26 -23.87
N HIS B 224 -10.86 -9.40 -24.79
CA HIS B 224 -10.19 -8.16 -24.45
C HIS B 224 -10.98 -7.04 -25.06
N GLN B 225 -10.86 -5.84 -24.51
CA GLN B 225 -11.62 -4.75 -25.06
C GLN B 225 -10.66 -3.93 -25.85
N THR B 226 -11.01 -3.70 -27.10
CA THR B 226 -10.13 -3.05 -28.01
C THR B 226 -10.07 -1.66 -27.50
N ASP B 227 -9.11 -0.90 -28.01
CA ASP B 227 -9.07 0.50 -27.70
C ASP B 227 -10.33 1.02 -28.33
N ASP B 228 -10.96 1.99 -27.71
CA ASP B 228 -12.15 2.57 -28.30
C ASP B 228 -13.32 1.62 -28.24
N GLY B 229 -13.25 0.63 -27.37
CA GLY B 229 -14.41 -0.13 -26.98
C GLY B 229 -14.90 -1.28 -27.84
N GLU B 230 -14.19 -1.63 -28.89
CA GLU B 230 -14.55 -2.80 -29.65
C GLU B 230 -14.02 -4.05 -28.98
N LEU B 231 -14.51 -5.20 -29.41
CA LEU B 231 -14.29 -6.45 -28.75
C LEU B 231 -13.59 -7.40 -29.68
N PHE B 232 -12.68 -8.19 -29.16
CA PHE B 232 -12.01 -9.22 -29.94
C PHE B 232 -11.39 -10.25 -29.03
N ILE B 233 -10.88 -11.32 -29.59
CA ILE B 233 -10.25 -12.36 -28.80
C ILE B 233 -8.77 -12.42 -29.11
N ASP B 234 -7.95 -12.19 -28.11
CA ASP B 234 -6.51 -12.13 -28.25
C ASP B 234 -5.91 -13.44 -28.70
N THR B 235 -6.37 -14.57 -28.19
CA THR B 235 -5.76 -15.83 -28.54
C THR B 235 -6.65 -17.02 -28.27
N CYS B 236 -6.17 -18.21 -28.64
CA CYS B 236 -6.74 -19.46 -28.16
C CYS B 236 -5.64 -20.32 -27.57
N LEU B 237 -5.77 -20.71 -26.31
CA LEU B 237 -4.74 -21.48 -25.67
C LEU B 237 -5.25 -22.87 -25.47
N THR B 238 -4.58 -23.85 -26.06
CA THR B 238 -5.06 -25.21 -25.99
C THR B 238 -4.10 -26.17 -25.31
N THR B 239 -3.21 -25.66 -24.49
CA THR B 239 -2.19 -26.48 -23.88
C THR B 239 -2.31 -26.33 -22.39
N THR B 240 -2.12 -27.41 -21.66
CA THR B 240 -2.19 -27.33 -20.22
C THR B 240 -1.14 -26.42 -19.68
N ALA B 241 0.00 -26.38 -20.33
CA ALA B 241 1.10 -25.61 -19.81
C ALA B 241 0.66 -24.20 -19.78
N GLU B 242 0.05 -23.74 -20.85
CA GLU B 242 -0.45 -22.39 -20.91
C GLU B 242 -1.53 -22.20 -19.87
N ALA B 243 -2.39 -23.18 -19.74
CA ALA B 243 -3.51 -23.08 -18.84
C ALA B 243 -3.06 -22.96 -17.42
N SER B 244 -2.06 -23.73 -17.05
CA SER B 244 -1.67 -23.76 -15.68
C SER B 244 -1.26 -22.37 -15.36
N ILE B 245 -0.57 -21.76 -16.31
CA ILE B 245 -0.06 -20.42 -16.13
C ILE B 245 -1.15 -19.40 -15.99
N VAL B 246 -2.17 -19.52 -16.81
CA VAL B 246 -3.23 -18.52 -16.81
C VAL B 246 -4.06 -18.65 -15.56
N PHE B 247 -3.88 -19.76 -14.87
CA PHE B 247 -4.52 -20.01 -13.60
C PHE B 247 -3.47 -19.99 -12.52
N GLY B 248 -2.42 -19.26 -12.79
CA GLY B 248 -1.22 -19.33 -12.01
C GLY B 248 -1.48 -18.75 -10.66
N PHE B 249 -0.55 -18.98 -9.74
CA PHE B 249 -0.73 -18.56 -8.39
C PHE B 249 -0.11 -17.21 -8.17
N ALA B 250 0.38 -16.62 -9.25
CA ALA B 250 1.07 -15.35 -9.22
C ALA B 250 0.20 -14.29 -9.79
N ARG B 251 -1.09 -14.56 -9.82
CA ARG B 251 -2.04 -13.71 -10.49
C ARG B 251 -3.26 -13.48 -9.63
N SER B 252 -3.99 -12.42 -9.90
CA SER B 252 -5.12 -12.09 -9.09
C SER B 252 -6.20 -13.11 -9.30
N TYR B 253 -7.03 -13.27 -8.28
CA TYR B 253 -8.05 -14.28 -8.31
C TYR B 253 -9.01 -13.92 -9.39
N PHE B 254 -9.47 -14.94 -10.11
CA PHE B 254 -10.38 -14.75 -11.19
C PHE B 254 -11.65 -14.33 -10.54
N MET B 255 -12.44 -13.50 -11.19
CA MET B 255 -13.75 -13.25 -10.67
C MET B 255 -14.74 -13.91 -11.58
N VAL B 256 -15.25 -15.06 -11.16
CA VAL B 256 -16.17 -15.85 -11.93
C VAL B 256 -17.35 -16.10 -11.04
N TYR B 257 -18.53 -16.05 -11.60
CA TYR B 257 -19.71 -16.19 -10.79
C TYR B 257 -19.99 -17.64 -10.60
N ALA B 258 -19.94 -18.11 -9.37
CA ALA B 258 -20.29 -19.48 -9.12
C ALA B 258 -21.35 -19.55 -8.05
N PRO B 259 -22.52 -20.04 -8.38
CA PRO B 259 -23.54 -20.24 -7.39
C PRO B 259 -23.13 -21.28 -6.37
N LEU B 260 -22.52 -22.36 -6.81
CA LEU B 260 -21.89 -23.27 -5.89
C LEU B 260 -20.53 -23.63 -6.40
N PRO B 261 -19.52 -23.27 -5.64
CA PRO B 261 -18.14 -23.47 -6.03
C PRO B 261 -17.70 -24.89 -6.21
N ALA B 262 -18.19 -25.80 -5.40
CA ALA B 262 -17.58 -27.11 -5.32
C ALA B 262 -17.62 -27.85 -6.62
N ALA B 263 -18.71 -27.72 -7.34
CA ALA B 263 -18.85 -28.35 -8.63
C ALA B 263 -17.88 -27.77 -9.61
N LEU B 264 -17.71 -26.46 -9.58
CA LEU B 264 -16.93 -25.79 -10.59
C LEU B 264 -15.57 -26.35 -10.49
N VAL B 265 -15.12 -26.60 -9.29
CA VAL B 265 -13.78 -27.08 -9.12
C VAL B 265 -13.60 -28.41 -9.79
N GLU B 266 -14.55 -29.29 -9.58
CA GLU B 266 -14.41 -30.64 -10.04
C GLU B 266 -14.27 -30.61 -11.51
N TRP B 267 -15.04 -29.75 -12.14
CA TRP B 267 -15.07 -29.70 -13.58
C TRP B 267 -13.70 -29.35 -14.01
N LEU B 268 -13.08 -28.45 -13.27
CA LEU B 268 -11.82 -27.85 -13.65
C LEU B 268 -10.64 -28.77 -13.79
N ARG B 269 -10.54 -29.74 -12.92
CA ARG B 269 -9.28 -30.38 -12.68
C ARG B 269 -8.79 -30.92 -13.96
N GLU B 270 -9.70 -31.46 -14.75
CA GLU B 270 -9.29 -32.08 -15.98
C GLU B 270 -8.60 -30.99 -16.75
N ILE B 271 -9.11 -29.78 -16.64
CA ILE B 271 -8.44 -28.66 -17.23
C ILE B 271 -7.10 -28.47 -16.53
N LEU B 272 -7.09 -28.63 -15.22
CA LEU B 272 -5.92 -28.26 -14.45
C LEU B 272 -5.52 -29.43 -13.61
N PRO B 273 -4.96 -30.41 -14.26
CA PRO B 273 -4.61 -31.66 -13.62
C PRO B 273 -3.60 -31.46 -12.52
N GLY B 274 -2.68 -30.54 -12.73
CA GLY B 274 -1.63 -30.27 -11.76
C GLY B 274 -2.04 -29.71 -10.42
N LYS B 275 -2.91 -28.73 -10.43
CA LYS B 275 -3.24 -28.01 -9.22
C LYS B 275 -4.01 -28.85 -8.23
N THR B 276 -3.64 -28.72 -6.96
CA THR B 276 -4.30 -29.40 -5.87
C THR B 276 -5.53 -28.64 -5.50
N THR B 277 -6.36 -29.23 -4.66
CA THR B 277 -7.66 -28.67 -4.35
C THR B 277 -7.51 -27.33 -3.72
N ALA B 278 -6.55 -27.20 -2.84
CA ALA B 278 -6.45 -25.97 -2.12
C ALA B 278 -6.22 -24.90 -3.14
N GLU B 279 -5.37 -25.17 -4.10
CA GLU B 279 -5.05 -24.20 -5.13
C GLU B 279 -6.22 -23.85 -5.99
N LEU B 280 -6.99 -24.85 -6.37
CA LEU B 280 -8.04 -24.64 -7.33
C LEU B 280 -9.01 -23.66 -6.77
N TYR B 281 -9.15 -23.67 -5.47
CA TYR B 281 -10.06 -22.77 -4.83
C TYR B 281 -9.68 -21.33 -5.00
N MET B 282 -8.38 -21.08 -4.99
CA MET B 282 -7.93 -19.72 -5.04
C MET B 282 -8.32 -19.05 -6.33
N ALA B 283 -8.19 -19.75 -7.44
CA ALA B 283 -8.33 -19.13 -8.72
C ALA B 283 -9.70 -18.55 -8.86
N ILE B 284 -10.68 -19.31 -8.42
CA ILE B 284 -12.05 -18.86 -8.38
C ILE B 284 -12.17 -17.72 -7.41
N GLY B 285 -11.32 -17.72 -6.40
CA GLY B 285 -11.35 -16.63 -5.45
C GLY B 285 -11.74 -16.83 -4.01
N CYS B 286 -11.99 -18.05 -3.57
CA CYS B 286 -12.22 -18.23 -2.16
C CYS B 286 -10.90 -18.41 -1.49
N GLN B 287 -10.23 -17.31 -1.20
CA GLN B 287 -8.94 -17.41 -0.56
C GLN B 287 -9.06 -18.01 0.81
N LYS B 288 -9.94 -17.46 1.62
CA LYS B 288 -9.98 -17.84 3.01
C LYS B 288 -10.31 -19.29 3.13
N HIS B 289 -11.14 -19.79 2.25
CA HIS B 289 -11.40 -21.21 2.23
C HIS B 289 -10.15 -21.98 1.90
N ALA B 290 -9.35 -21.44 1.01
CA ALA B 290 -8.21 -22.16 0.54
C ALA B 290 -7.35 -22.46 1.72
N LYS B 291 -7.37 -21.56 2.69
CA LYS B 291 -6.43 -21.66 3.77
C LYS B 291 -6.67 -22.98 4.38
N THR B 292 -7.94 -23.26 4.59
CA THR B 292 -8.28 -24.44 5.32
C THR B 292 -7.79 -25.61 4.54
N GLU B 293 -8.15 -25.68 3.27
CA GLU B 293 -7.80 -26.88 2.57
C GLU B 293 -6.31 -26.95 2.59
N SER B 294 -5.69 -25.83 2.30
CA SER B 294 -4.28 -25.81 2.13
C SER B 294 -3.71 -26.28 3.42
N TYR B 295 -4.33 -25.89 4.52
CA TYR B 295 -3.83 -26.30 5.80
C TYR B 295 -3.94 -27.78 5.92
N ARG B 296 -5.07 -28.31 5.48
CA ARG B 296 -5.28 -29.73 5.62
C ARG B 296 -4.27 -30.45 4.79
N GLU B 297 -4.09 -29.99 3.57
CA GLU B 297 -3.35 -30.72 2.59
C GLU B 297 -1.98 -30.91 3.13
N TYR B 298 -1.48 -29.90 3.82
CA TYR B 298 -0.19 -30.01 4.44
C TYR B 298 -0.28 -31.09 5.48
N LEU B 299 -1.39 -31.14 6.17
CA LEU B 299 -1.49 -32.02 7.30
C LEU B 299 -1.30 -33.43 6.82
N VAL B 300 -1.78 -33.74 5.63
CA VAL B 300 -1.55 -35.04 5.08
C VAL B 300 -0.08 -35.26 4.86
N TYR B 301 0.64 -34.21 4.48
CA TYR B 301 2.05 -34.35 4.22
C TYR B 301 2.75 -34.75 5.48
N LEU B 302 2.38 -34.13 6.57
CA LEU B 302 3.10 -34.35 7.81
C LEU B 302 3.01 -35.80 8.24
N GLN B 303 1.87 -36.41 8.05
CA GLN B 303 1.71 -37.81 8.38
C GLN B 303 2.61 -38.65 7.51
N GLY B 304 2.75 -38.21 6.28
CA GLY B 304 3.27 -39.03 5.21
C GLY B 304 4.74 -38.89 4.92
N CYS B 305 5.48 -38.26 5.82
CA CYS B 305 6.91 -38.16 5.62
C CYS B 305 7.67 -38.15 6.92
N ASN B 306 8.94 -38.51 6.86
CA ASN B 306 9.80 -38.50 8.01
C ASN B 306 10.76 -37.32 8.04
N GLU B 307 10.59 -36.39 7.13
CA GLU B 307 11.47 -35.25 7.06
C GLU B 307 11.17 -34.26 8.16
N GLN B 308 12.08 -33.32 8.38
CA GLN B 308 12.06 -32.41 9.51
C GLN B 308 12.20 -31.03 8.91
N PHE B 309 11.86 -30.00 9.65
CA PHE B 309 11.92 -28.65 9.11
C PHE B 309 13.33 -28.09 8.92
N ILE B 310 13.59 -27.49 7.77
CA ILE B 310 14.91 -26.98 7.46
C ILE B 310 14.90 -25.61 6.83
N GLU B 311 15.99 -24.87 6.94
CA GLU B 311 16.08 -23.53 6.41
C GLU B 311 15.95 -23.56 4.92
N ALA B 312 15.17 -22.67 4.35
CA ALA B 312 14.95 -22.69 2.93
C ALA B 312 16.23 -22.40 2.21
N PRO B 313 16.55 -23.17 1.19
CA PRO B 313 17.79 -22.98 0.45
C PRO B 313 17.82 -21.64 -0.24
N GLY B 314 18.98 -21.02 -0.36
CA GLY B 314 19.07 -19.71 -0.93
C GLY B 314 20.00 -18.87 -0.11
N ILE B 315 19.78 -17.57 -0.12
CA ILE B 315 20.53 -16.66 0.68
C ILE B 315 19.70 -16.27 1.87
N ARG B 316 20.29 -16.30 3.04
CA ARG B 316 19.55 -16.14 4.27
C ARG B 316 18.98 -14.77 4.21
N GLY B 317 17.97 -14.51 5.00
CA GLY B 317 17.23 -13.28 4.88
C GLY B 317 17.47 -12.30 5.99
N MET B 318 17.83 -11.09 5.62
CA MET B 318 18.03 -10.07 6.61
C MET B 318 16.78 -9.67 7.32
N VAL B 319 15.72 -9.39 6.59
CA VAL B 319 14.40 -9.21 7.18
C VAL B 319 13.67 -10.39 7.78
N MET B 320 13.69 -11.54 7.13
CA MET B 320 12.78 -12.65 7.43
C MET B 320 13.42 -13.94 7.81
N LEU B 321 12.67 -14.74 8.55
CA LEU B 321 13.07 -16.08 8.86
C LEU B 321 12.16 -16.98 8.08
N VAL B 322 12.71 -17.87 7.29
CA VAL B 322 11.91 -18.71 6.41
C VAL B 322 12.44 -20.14 6.38
N PHE B 323 11.56 -21.12 6.24
CA PHE B 323 11.95 -22.51 6.29
C PHE B 323 10.98 -23.38 5.53
N THR B 324 11.33 -24.64 5.32
CA THR B 324 10.43 -25.54 4.64
C THR B 324 10.74 -26.96 5.00
N LEU B 325 9.77 -27.84 4.83
CA LEU B 325 10.01 -29.26 4.90
C LEU B 325 10.70 -29.52 3.61
N PRO B 326 11.48 -30.57 3.53
CA PRO B 326 12.30 -30.76 2.34
C PRO B 326 11.44 -30.93 1.12
N GLY B 327 10.39 -31.70 1.24
CA GLY B 327 9.58 -32.09 0.10
C GLY B 327 8.29 -31.37 -0.15
N PHE B 328 8.03 -30.31 0.61
CA PHE B 328 6.81 -29.54 0.47
C PHE B 328 6.88 -28.57 -0.68
N ASP B 329 5.77 -28.00 -1.10
CA ASP B 329 5.82 -26.96 -2.12
C ASP B 329 5.63 -25.56 -1.60
N ARG B 330 5.72 -25.36 -0.31
CA ARG B 330 5.53 -24.04 0.21
C ARG B 330 6.46 -23.75 1.35
N VAL B 331 6.76 -22.48 1.58
CA VAL B 331 7.74 -22.05 2.55
C VAL B 331 7.10 -21.09 3.50
N PHE B 332 7.64 -20.96 4.69
CA PHE B 332 7.01 -20.21 5.74
C PHE B 332 7.89 -19.03 6.03
N LYS B 333 7.31 -17.86 6.19
CA LYS B 333 8.12 -16.67 6.42
C LYS B 333 7.79 -16.01 7.73
N VAL B 334 8.75 -15.91 8.64
CA VAL B 334 8.52 -15.26 9.90
C VAL B 334 9.37 -14.00 10.04
N ILE B 335 8.74 -12.87 10.31
CA ILE B 335 9.45 -11.63 10.42
C ILE B 335 10.33 -11.67 11.64
N LYS B 336 11.59 -11.33 11.47
CA LYS B 336 12.56 -11.44 12.54
C LYS B 336 12.33 -10.42 13.62
N ASP B 337 12.72 -10.76 14.84
CA ASP B 337 12.57 -9.87 15.97
C ASP B 337 13.43 -8.64 15.88
N LYS B 338 14.67 -8.80 15.45
CA LYS B 338 15.51 -7.65 15.18
C LYS B 338 16.15 -7.75 13.81
N PHE B 339 15.86 -6.77 12.98
CA PHE B 339 16.33 -6.71 11.62
C PHE B 339 17.79 -6.36 11.53
N ALA B 340 18.38 -6.64 10.39
CA ALA B 340 19.78 -6.40 10.21
C ALA B 340 20.03 -4.92 10.36
N PRO B 341 21.19 -4.55 10.86
CA PRO B 341 21.40 -3.18 11.26
C PRO B 341 21.25 -2.28 10.09
N GLN B 342 21.72 -2.74 8.95
CA GLN B 342 21.71 -1.91 7.78
C GLN B 342 20.27 -1.55 7.46
N LYS B 343 19.36 -2.49 7.63
CA LYS B 343 17.95 -2.23 7.38
C LYS B 343 17.35 -1.38 8.48
N GLU B 344 16.54 -0.40 8.12
CA GLU B 344 16.01 0.56 9.09
C GLU B 344 14.49 0.59 9.28
N MET B 345 13.79 -0.41 8.76
CA MET B 345 12.35 -0.48 8.86
C MET B 345 11.82 -1.09 10.13
N SER B 346 10.52 -1.11 10.25
CA SER B 346 9.85 -1.46 11.48
C SER B 346 8.97 -2.59 11.13
N ALA B 347 8.48 -3.29 12.14
CA ALA B 347 7.73 -4.50 11.91
C ALA B 347 6.48 -4.27 11.14
N ALA B 348 5.76 -3.21 11.45
CA ALA B 348 4.47 -3.03 10.87
C ALA B 348 4.63 -2.93 9.39
N HIS B 349 5.63 -2.16 9.00
CA HIS B 349 5.75 -1.75 7.62
C HIS B 349 5.82 -3.01 6.86
N VAL B 350 6.58 -3.94 7.39
CA VAL B 350 6.70 -5.17 6.69
C VAL B 350 5.30 -5.70 6.65
N ARG B 351 4.60 -5.57 7.75
CA ARG B 351 3.33 -6.22 7.86
C ARG B 351 2.50 -5.64 6.76
N ALA B 352 2.63 -4.36 6.55
CA ALA B 352 1.84 -3.69 5.56
C ALA B 352 2.14 -4.20 4.19
N CYS B 353 3.41 -4.43 3.91
CA CYS B 353 3.76 -4.71 2.56
C CYS B 353 3.06 -5.95 2.13
N TYR B 354 3.10 -6.96 2.96
CA TYR B 354 2.54 -8.22 2.58
C TYR B 354 1.08 -8.06 2.31
N GLN B 355 0.41 -7.31 3.15
CA GLN B 355 -0.99 -7.10 2.95
C GLN B 355 -1.16 -6.40 1.65
N LEU B 356 -0.33 -5.42 1.38
CA LEU B 356 -0.59 -4.57 0.25
C LEU B 356 -0.58 -5.46 -0.93
N VAL B 357 0.36 -6.38 -0.96
CA VAL B 357 0.46 -7.28 -2.07
C VAL B 357 -0.78 -8.14 -2.17
N LYS B 358 -1.36 -8.58 -1.07
CA LYS B 358 -2.50 -9.45 -1.23
C LYS B 358 -3.57 -8.66 -1.94
N GLU B 359 -3.76 -7.43 -1.51
CA GLU B 359 -4.67 -6.54 -2.19
C GLU B 359 -3.98 -5.69 -3.25
N HIS B 360 -3.52 -6.30 -4.32
CA HIS B 360 -3.00 -5.59 -5.47
C HIS B 360 -3.06 -6.58 -6.61
N ASP B 361 -3.12 -6.12 -7.85
CA ASP B 361 -3.07 -7.08 -8.94
C ASP B 361 -1.66 -7.56 -8.94
N ARG B 362 -1.43 -8.84 -9.11
CA ARG B 362 -0.10 -9.36 -8.98
C ARG B 362 0.62 -9.65 -10.28
N VAL B 363 -0.11 -9.70 -11.36
CA VAL B 363 0.53 -9.80 -12.64
C VAL B 363 1.25 -11.12 -12.75
N GLY B 364 1.02 -11.97 -11.77
CA GLY B 364 1.67 -13.26 -11.76
C GLY B 364 3.14 -13.01 -11.78
N ARG B 365 3.52 -11.92 -11.15
CA ARG B 365 4.91 -11.68 -10.82
C ARG B 365 5.06 -11.70 -9.31
N MET B 366 3.96 -11.55 -8.60
CA MET B 366 4.04 -11.52 -7.17
C MET B 366 3.36 -12.71 -6.55
N ALA B 367 4.09 -13.50 -5.79
CA ALA B 367 3.53 -14.69 -5.21
C ALA B 367 2.50 -14.33 -4.18
N ASP B 368 1.38 -15.04 -4.19
CA ASP B 368 0.29 -14.84 -3.26
C ASP B 368 0.76 -15.34 -1.93
N THR B 369 0.13 -14.85 -0.86
CA THR B 369 0.58 -15.13 0.47
C THR B 369 -0.60 -15.49 1.34
N GLN B 370 -0.37 -16.28 2.39
CA GLN B 370 -1.41 -16.55 3.37
C GLN B 370 -0.91 -16.30 4.78
N GLU B 371 -1.50 -15.38 5.51
CA GLU B 371 -1.09 -15.10 6.87
C GLU B 371 -1.55 -16.21 7.79
N PHE B 372 -0.82 -16.46 8.86
CA PHE B 372 -1.27 -17.44 9.85
C PHE B 372 -0.89 -16.94 11.22
N GLU B 373 -1.66 -17.31 12.22
CA GLU B 373 -1.39 -16.84 13.56
C GLU B 373 -1.31 -17.97 14.53
N ASN B 374 -0.39 -17.87 15.47
CA ASN B 374 -0.33 -18.82 16.54
C ASN B 374 -0.25 -20.22 15.97
N PHE B 375 0.59 -20.40 14.97
CA PHE B 375 0.75 -21.68 14.30
C PHE B 375 1.37 -22.70 15.23
N VAL B 376 1.04 -23.96 15.05
CA VAL B 376 1.49 -24.98 15.97
C VAL B 376 2.46 -25.92 15.32
N LEU B 377 3.57 -26.17 16.00
CA LEU B 377 4.58 -27.04 15.46
C LEU B 377 4.99 -28.01 16.53
N GLU B 378 5.38 -29.20 16.13
CA GLU B 378 5.74 -30.22 17.07
C GLU B 378 7.22 -30.24 17.18
N LYS B 379 7.71 -30.16 18.40
CA LYS B 379 9.12 -29.96 18.60
C LYS B 379 9.80 -31.11 17.92
N ARG B 380 9.10 -32.21 17.86
CA ARG B 380 9.71 -33.40 17.34
C ARG B 380 10.10 -33.08 15.93
N HIS B 381 9.27 -32.31 15.28
CA HIS B 381 9.47 -31.98 13.87
C HIS B 381 10.68 -31.13 13.57
N ILE B 382 11.02 -30.23 14.47
CA ILE B 382 11.97 -29.18 14.16
C ILE B 382 13.43 -29.52 14.38
N SER B 383 14.20 -29.45 13.32
CA SER B 383 15.58 -29.88 13.32
C SER B 383 16.38 -28.95 14.16
N PRO B 384 17.47 -29.42 14.70
CA PRO B 384 18.22 -28.61 15.65
C PRO B 384 18.71 -27.35 15.00
N ALA B 385 19.19 -27.45 13.79
CA ALA B 385 19.83 -26.33 13.17
C ALA B 385 18.87 -25.21 13.03
N LEU B 386 17.65 -25.53 12.64
CA LEU B 386 16.57 -24.57 12.55
C LEU B 386 16.08 -24.05 13.88
N MET B 387 15.97 -24.93 14.84
CA MET B 387 15.42 -24.53 16.10
C MET B 387 16.29 -23.47 16.70
N GLU B 388 17.59 -23.68 16.69
CA GLU B 388 18.49 -22.76 17.34
C GLU B 388 18.28 -21.43 16.69
N LEU B 389 18.08 -21.45 15.39
CA LEU B 389 17.86 -20.23 14.64
C LEU B 389 16.60 -19.55 15.05
N LEU B 390 15.54 -20.29 15.26
CA LEU B 390 14.29 -19.68 15.63
C LEU B 390 14.42 -19.00 16.96
N LEU B 391 14.93 -19.71 17.95
CA LEU B 391 15.08 -19.15 19.27
C LEU B 391 16.03 -18.00 19.23
N GLN B 392 17.07 -18.12 18.43
CA GLN B 392 18.09 -17.11 18.37
C GLN B 392 17.47 -15.83 17.88
N GLU B 393 16.64 -15.91 16.86
CA GLU B 393 16.18 -14.69 16.22
C GLU B 393 14.70 -14.37 16.30
N ALA B 394 13.85 -15.33 16.60
CA ALA B 394 12.42 -15.08 16.64
C ALA B 394 11.79 -15.30 17.99
N ALA B 395 12.55 -15.13 19.05
CA ALA B 395 12.15 -15.55 20.36
C ALA B 395 10.90 -14.88 20.83
N GLU B 396 10.71 -13.62 20.49
CA GLU B 396 9.54 -12.95 20.97
C GLU B 396 8.31 -13.61 20.41
N LYS B 397 8.35 -13.90 19.12
CA LYS B 397 7.21 -14.50 18.45
C LYS B 397 6.83 -15.91 18.89
N ILE B 398 7.82 -16.77 19.09
CA ILE B 398 7.53 -18.14 19.45
C ILE B 398 7.19 -18.38 20.90
N THR B 399 6.29 -19.31 21.17
CA THR B 399 5.87 -19.63 22.52
C THR B 399 6.02 -21.11 22.81
N ASP B 400 6.48 -21.42 24.00
CA ASP B 400 6.91 -22.77 24.33
C ASP B 400 5.83 -23.54 25.04
N LEU B 401 5.48 -24.69 24.48
CA LEU B 401 4.34 -25.42 24.94
C LEU B 401 4.60 -26.92 25.01
N GLY B 402 5.47 -27.35 25.92
CA GLY B 402 5.80 -28.75 25.94
C GLY B 402 6.47 -29.16 24.66
N GLU B 403 5.89 -30.12 23.95
CA GLU B 403 6.51 -30.64 22.74
C GLU B 403 6.08 -29.88 21.51
N GLN B 404 5.32 -28.83 21.72
CA GLN B 404 4.82 -28.04 20.62
C GLN B 404 5.21 -26.61 20.87
N ILE B 405 5.33 -25.83 19.82
CA ILE B 405 5.66 -24.43 19.95
C ILE B 405 4.74 -23.61 19.07
N VAL B 406 4.45 -22.38 19.47
CA VAL B 406 3.48 -21.60 18.77
C VAL B 406 4.14 -20.42 18.13
N ILE B 407 4.05 -20.32 16.81
CA ILE B 407 4.69 -19.24 16.11
C ILE B 407 3.70 -18.14 15.93
N ARG B 408 3.95 -17.01 16.56
CA ARG B 408 2.97 -15.98 16.64
C ARG B 408 2.52 -15.45 15.30
N HIS B 409 3.44 -15.30 14.35
CA HIS B 409 3.08 -14.76 13.05
C HIS B 409 3.72 -15.58 11.97
N LEU B 410 3.07 -15.75 10.84
CA LEU B 410 3.64 -16.58 9.80
C LEU B 410 3.06 -16.30 8.44
N TYR B 411 3.75 -16.71 7.39
CA TYR B 411 3.20 -16.69 6.05
C TYR B 411 3.56 -17.96 5.33
N ILE B 412 2.64 -18.48 4.55
CA ILE B 412 2.92 -19.66 3.76
C ILE B 412 2.72 -19.31 2.32
N GLU B 413 3.67 -19.71 1.50
CA GLU B 413 3.80 -19.19 0.16
C GLU B 413 4.30 -20.31 -0.71
N ARG B 414 4.21 -20.17 -2.01
CA ARG B 414 4.70 -21.21 -2.86
C ARG B 414 6.19 -21.32 -2.74
N ARG B 415 6.71 -22.52 -2.85
CA ARG B 415 8.12 -22.70 -2.73
C ARG B 415 8.67 -22.75 -4.12
N MET B 416 9.60 -21.87 -4.43
CA MET B 416 10.18 -21.85 -5.75
C MET B 416 11.66 -21.87 -5.59
N VAL B 417 12.36 -22.36 -6.58
CA VAL B 417 13.79 -22.29 -6.55
C VAL B 417 14.12 -20.81 -6.65
N PRO B 418 15.02 -20.30 -5.83
CA PRO B 418 15.31 -18.87 -5.84
C PRO B 418 16.05 -18.54 -7.10
N LEU B 419 15.95 -17.32 -7.58
CA LEU B 419 16.54 -17.01 -8.86
C LEU B 419 18.02 -17.14 -8.87
N ASN B 420 18.67 -16.74 -7.80
CA ASN B 420 20.09 -16.71 -7.86
C ASN B 420 20.55 -18.11 -8.11
N ILE B 421 19.93 -19.06 -7.45
CA ILE B 421 20.32 -20.44 -7.61
C ILE B 421 20.13 -20.93 -9.02
N TRP B 422 19.08 -20.52 -9.69
CA TRP B 422 18.77 -21.04 -11.01
C TRP B 422 19.86 -20.72 -11.98
N LEU B 423 20.39 -19.52 -11.87
CA LEU B 423 21.45 -19.10 -12.76
C LEU B 423 22.71 -19.92 -12.61
N GLU B 424 23.01 -20.39 -11.41
CA GLU B 424 24.17 -21.23 -11.26
C GLU B 424 23.98 -22.51 -12.06
N GLN B 425 22.80 -23.09 -11.96
CA GLN B 425 22.50 -24.34 -12.68
C GLN B 425 22.43 -24.28 -14.20
N VAL B 426 21.71 -23.29 -14.71
CA VAL B 426 21.40 -23.20 -16.13
C VAL B 426 22.53 -22.74 -17.02
N GLU B 427 22.37 -22.92 -18.33
CA GLU B 427 23.35 -22.45 -19.28
C GLU B 427 22.77 -22.30 -20.66
N GLY B 428 23.58 -21.78 -21.56
CA GLY B 428 23.25 -21.72 -22.97
C GLY B 428 21.98 -20.97 -23.30
N GLN B 429 21.14 -21.58 -24.10
CA GLN B 429 19.88 -20.99 -24.48
C GLN B 429 19.00 -20.84 -23.28
N GLN B 430 19.15 -21.74 -22.33
CA GLN B 430 18.20 -21.80 -21.24
C GLN B 430 18.26 -20.50 -20.51
N LEU B 431 19.49 -20.01 -20.32
CA LEU B 431 19.74 -18.77 -19.61
C LEU B 431 19.16 -17.53 -20.26
N ARG B 432 19.35 -17.40 -21.56
CA ARG B 432 18.77 -16.26 -22.24
C ARG B 432 17.29 -16.29 -21.91
N ASP B 433 16.90 -17.51 -21.67
CA ASP B 433 15.58 -17.91 -21.33
C ASP B 433 15.17 -17.23 -20.04
N ALA B 434 15.98 -17.38 -18.99
CA ALA B 434 15.73 -16.72 -17.71
C ALA B 434 15.89 -15.22 -17.62
N ILE B 435 17.00 -14.71 -18.10
CA ILE B 435 17.31 -13.30 -17.96
C ILE B 435 16.28 -12.51 -18.70
N GLU B 436 15.79 -13.07 -19.78
CA GLU B 436 14.86 -12.36 -20.60
C GLU B 436 13.71 -12.10 -19.71
N GLU B 437 13.31 -13.12 -18.99
CA GLU B 437 12.15 -13.07 -18.12
C GLU B 437 12.25 -12.09 -16.97
N TYR B 438 13.35 -12.12 -16.26
CA TYR B 438 13.48 -11.28 -15.10
C TYR B 438 13.30 -9.89 -15.63
N GLY B 439 13.92 -9.62 -16.75
CA GLY B 439 13.86 -8.30 -17.30
C GLY B 439 12.42 -8.03 -17.58
N ASN B 440 11.72 -9.04 -18.03
CA ASN B 440 10.31 -8.87 -18.28
C ASN B 440 9.62 -8.57 -16.98
N ALA B 441 10.05 -9.23 -15.92
CA ALA B 441 9.32 -9.13 -14.68
C ALA B 441 9.32 -7.74 -14.13
N ILE B 442 10.45 -7.09 -14.14
CA ILE B 442 10.54 -5.77 -13.57
C ILE B 442 9.70 -4.77 -14.28
N ARG B 443 9.60 -4.89 -15.59
CA ARG B 443 8.78 -3.96 -16.34
C ARG B 443 7.33 -4.10 -15.96
N GLN B 444 6.83 -5.33 -15.87
CA GLN B 444 5.44 -5.51 -15.55
C GLN B 444 5.19 -4.97 -14.17
N LEU B 445 6.04 -5.33 -13.23
CA LEU B 445 5.85 -4.92 -11.87
C LEU B 445 5.92 -3.42 -11.83
N ALA B 446 6.87 -2.87 -12.56
CA ALA B 446 7.05 -1.45 -12.53
C ALA B 446 5.80 -0.85 -13.08
N ALA B 447 5.33 -1.42 -14.16
CA ALA B 447 4.16 -0.91 -14.83
C ALA B 447 3.01 -0.99 -13.88
N ALA B 448 3.10 -1.95 -12.99
CA ALA B 448 2.02 -2.20 -12.07
C ALA B 448 2.15 -1.28 -10.89
N ASN B 449 2.98 -0.28 -11.03
CA ASN B 449 3.17 0.66 -9.96
C ASN B 449 3.60 -0.02 -8.70
N ILE B 450 4.42 -1.04 -8.86
CA ILE B 450 5.14 -1.58 -7.75
C ILE B 450 6.58 -1.49 -8.14
N PHE B 451 7.42 -0.90 -7.31
CA PHE B 451 8.83 -0.91 -7.56
C PHE B 451 9.46 -1.83 -6.56
N PRO B 452 10.10 -2.86 -7.05
CA PRO B 452 10.84 -3.77 -6.18
C PRO B 452 11.99 -3.03 -5.59
N GLY B 453 12.55 -3.51 -4.50
CA GLY B 453 13.65 -2.79 -3.94
C GLY B 453 14.98 -3.43 -4.15
N ASP B 454 15.18 -4.61 -3.61
CA ASP B 454 16.48 -5.20 -3.72
C ASP B 454 16.83 -5.50 -5.15
N MET B 455 15.99 -6.27 -5.79
CA MET B 455 16.11 -6.47 -7.21
C MET B 455 17.16 -7.49 -7.52
N LEU B 456 17.87 -7.89 -6.51
CA LEU B 456 18.87 -8.91 -6.67
C LEU B 456 18.15 -10.19 -6.89
N PHE B 457 18.83 -11.15 -7.46
CA PHE B 457 18.26 -12.42 -7.77
C PHE B 457 17.88 -13.17 -6.52
N LYS B 458 18.52 -12.87 -5.41
CA LYS B 458 18.25 -13.63 -4.21
C LYS B 458 16.80 -13.47 -3.88
N ASN B 459 16.20 -12.43 -4.43
CA ASN B 459 14.83 -12.12 -4.10
C ASN B 459 13.82 -12.37 -5.19
N PHE B 460 14.09 -13.31 -6.08
CA PHE B 460 13.15 -13.68 -7.10
C PHE B 460 13.15 -15.16 -7.26
N GLY B 461 12.04 -15.72 -7.73
CA GLY B 461 11.90 -17.15 -7.73
C GLY B 461 11.56 -17.73 -9.08
N VAL B 462 11.78 -19.03 -9.24
CA VAL B 462 11.54 -19.68 -10.51
C VAL B 462 10.46 -20.77 -10.45
N THR B 463 9.51 -20.66 -11.35
CA THR B 463 8.39 -21.58 -11.42
C THR B 463 8.82 -22.88 -12.05
N ARG B 464 7.91 -23.82 -12.10
CA ARG B 464 8.08 -25.05 -12.86
C ARG B 464 8.14 -24.74 -14.33
N HIS B 465 7.39 -23.73 -14.72
CA HIS B 465 7.30 -23.33 -16.11
C HIS B 465 8.39 -22.34 -16.45
N GLY B 466 9.26 -22.10 -15.48
CA GLY B 466 10.39 -21.22 -15.64
C GLY B 466 10.07 -19.78 -15.37
N ARG B 467 8.83 -19.49 -15.08
CA ARG B 467 8.42 -18.11 -14.90
C ARG B 467 9.12 -17.58 -13.69
N VAL B 468 9.36 -16.27 -13.68
CA VAL B 468 10.08 -15.62 -12.60
C VAL B 468 9.17 -14.71 -11.80
N VAL B 469 9.19 -14.87 -10.48
CA VAL B 469 8.27 -14.25 -9.55
C VAL B 469 9.00 -13.51 -8.46
N PHE B 470 8.40 -12.48 -7.89
CA PHE B 470 9.08 -11.69 -6.86
C PHE B 470 8.61 -11.98 -5.45
N TYR B 471 9.53 -12.22 -4.51
CA TYR B 471 9.15 -12.62 -3.16
C TYR B 471 9.60 -11.95 -1.83
N ASP B 472 10.83 -11.43 -1.70
CA ASP B 472 11.19 -10.74 -0.44
C ASP B 472 10.51 -9.43 -0.73
N TYR B 473 9.61 -9.01 0.14
CA TYR B 473 8.90 -7.75 -0.01
C TYR B 473 9.50 -6.72 0.91
N ALA B 474 10.77 -6.92 1.22
CA ALA B 474 11.55 -5.90 1.84
C ALA B 474 11.72 -4.83 0.81
N GLU B 475 11.74 -3.59 1.21
CA GLU B 475 12.04 -2.58 0.25
C GLU B 475 11.11 -2.75 -0.91
N ILE B 476 9.84 -2.67 -0.63
CA ILE B 476 8.81 -2.74 -1.63
C ILE B 476 8.17 -1.38 -1.60
N CYS B 477 7.85 -0.83 -2.75
CA CYS B 477 7.16 0.43 -2.75
C CYS B 477 6.49 0.72 -4.06
N TYR B 478 5.54 1.62 -4.03
CA TYR B 478 4.88 2.06 -5.24
C TYR B 478 5.91 2.82 -5.96
N MET B 479 5.78 2.93 -7.26
CA MET B 479 6.69 3.71 -8.06
C MET B 479 6.21 5.13 -8.15
N THR B 480 5.11 5.41 -7.49
CA THR B 480 4.57 6.73 -7.58
C THR B 480 5.09 7.59 -6.46
N GLU B 481 5.86 7.00 -5.57
CA GLU B 481 6.46 7.76 -4.50
C GLU B 481 7.96 7.77 -4.54
N VAL B 482 8.52 7.48 -5.70
CA VAL B 482 9.96 7.45 -5.84
C VAL B 482 10.37 8.43 -6.91
N ASN B 483 11.53 9.02 -6.78
CA ASN B 483 12.01 9.97 -7.75
C ASN B 483 13.15 9.36 -8.49
N PHE B 484 13.09 9.36 -9.81
CA PHE B 484 14.10 8.70 -10.59
C PHE B 484 15.05 9.72 -11.13
N ARG B 485 16.33 9.49 -10.92
CA ARG B 485 17.34 10.47 -11.24
C ARG B 485 18.39 9.89 -12.12
N ASP B 486 19.11 10.77 -12.79
CA ASP B 486 20.17 10.40 -13.69
C ASP B 486 21.43 10.71 -12.95
N ILE B 487 22.36 9.78 -12.94
CA ILE B 487 23.59 10.00 -12.24
C ILE B 487 24.26 11.16 -12.92
N PRO B 488 24.83 12.08 -12.16
CA PRO B 488 25.39 13.28 -12.77
C PRO B 488 26.68 12.98 -13.48
N PRO B 489 26.94 13.59 -14.62
CA PRO B 489 28.22 13.45 -15.26
C PRO B 489 29.19 14.11 -14.35
N PRO B 490 30.38 13.57 -14.17
CA PRO B 490 31.31 14.12 -13.21
C PRO B 490 31.72 15.48 -13.63
N ARG B 491 31.86 16.40 -12.68
CA ARG B 491 32.30 17.75 -13.00
C ARG B 491 33.71 17.81 -13.51
N TYR B 492 34.58 17.05 -12.90
CA TYR B 492 36.00 17.17 -13.11
C TYR B 492 36.68 15.87 -13.41
N PRO B 493 37.87 15.93 -13.98
CA PRO B 493 38.61 14.73 -14.31
C PRO B 493 38.86 14.00 -13.04
N GLU B 494 39.05 14.75 -11.97
CA GLU B 494 39.26 14.16 -10.68
C GLU B 494 38.05 13.40 -10.21
N ASP B 495 36.88 13.82 -10.64
CA ASP B 495 35.62 13.34 -10.10
C ASP B 495 35.45 11.88 -10.35
N GLU B 496 36.13 11.36 -11.34
CA GLU B 496 35.85 10.03 -11.80
C GLU B 496 36.08 9.06 -10.69
N LEU B 497 36.98 9.39 -9.79
CA LEU B 497 37.44 8.42 -8.81
C LEU B 497 36.92 8.50 -7.38
N ALA B 498 35.96 9.36 -7.14
CA ALA B 498 35.54 9.58 -5.78
C ALA B 498 34.77 8.40 -5.29
N SER B 499 35.14 7.90 -4.13
CA SER B 499 34.39 6.85 -3.51
C SER B 499 33.05 7.39 -3.19
N GLU B 500 33.02 8.61 -2.71
CA GLU B 500 31.80 9.18 -2.19
C GLU B 500 31.19 10.14 -3.17
N PRO B 501 29.94 9.95 -3.52
CA PRO B 501 29.32 10.81 -4.49
C PRO B 501 29.35 12.21 -3.99
N TRP B 502 29.61 13.15 -4.88
CA TRP B 502 29.78 14.53 -4.50
C TRP B 502 28.50 15.30 -4.54
N TYR B 503 27.38 14.63 -4.78
CA TYR B 503 26.11 15.31 -4.90
C TYR B 503 25.14 14.80 -3.87
N SER B 504 24.34 15.69 -3.32
CA SER B 504 23.48 15.31 -2.23
C SER B 504 22.36 14.47 -2.71
N VAL B 505 22.12 13.34 -2.07
CA VAL B 505 21.04 12.48 -2.47
C VAL B 505 19.98 12.55 -1.42
N SER B 506 18.81 12.94 -1.86
CA SER B 506 17.65 12.91 -1.03
C SER B 506 17.33 11.46 -0.93
N PRO B 507 16.71 11.03 0.15
CA PRO B 507 16.29 9.63 0.28
C PRO B 507 15.11 9.39 -0.61
N GLY B 508 14.79 8.15 -0.93
CA GLY B 508 13.82 7.89 -1.96
C GLY B 508 14.24 8.41 -3.31
N ASP B 509 15.50 8.22 -3.62
CA ASP B 509 16.12 8.65 -4.85
C ASP B 509 16.54 7.35 -5.46
N VAL B 510 16.38 7.17 -6.76
CA VAL B 510 16.82 5.94 -7.37
C VAL B 510 17.66 6.24 -8.57
N PHE B 511 18.80 5.58 -8.70
CA PHE B 511 19.59 5.78 -9.89
C PHE B 511 19.64 4.48 -10.62
N PRO B 512 19.03 4.46 -11.79
CA PRO B 512 18.75 3.25 -12.51
C PRO B 512 19.87 2.81 -13.39
N GLU B 513 21.01 3.46 -13.24
CA GLU B 513 22.21 2.94 -13.84
C GLU B 513 23.06 2.27 -12.78
N GLU B 514 22.65 2.37 -11.53
CA GLU B 514 23.40 1.74 -10.45
C GLU B 514 23.37 0.23 -10.48
N PHE B 515 22.31 -0.33 -11.03
CA PHE B 515 22.06 -1.76 -10.96
C PHE B 515 23.07 -2.57 -11.71
N ARG B 516 23.78 -1.90 -12.58
CA ARG B 516 24.56 -2.58 -13.56
C ARG B 516 25.49 -3.44 -12.80
N HIS B 517 26.03 -2.90 -11.73
CA HIS B 517 27.03 -3.63 -11.01
C HIS B 517 26.46 -4.89 -10.44
N TRP B 518 25.35 -4.78 -9.75
CA TRP B 518 24.78 -5.98 -9.19
C TRP B 518 24.22 -6.94 -10.21
N LEU B 519 23.52 -6.45 -11.21
CA LEU B 519 23.00 -7.31 -12.25
C LEU B 519 24.02 -7.97 -13.17
N CYS B 520 25.02 -7.23 -13.59
CA CYS B 520 25.89 -7.66 -14.67
C CYS B 520 27.19 -8.29 -14.20
N ALA B 521 27.21 -8.73 -12.96
CA ALA B 521 28.43 -9.21 -12.37
C ALA B 521 28.97 -10.40 -13.12
N ASP B 522 28.10 -11.32 -13.47
CA ASP B 522 28.57 -12.47 -14.17
C ASP B 522 28.85 -12.07 -15.57
N PRO B 523 29.93 -12.55 -16.12
CA PRO B 523 30.28 -12.16 -17.46
C PRO B 523 29.18 -12.65 -18.35
N ARG B 524 28.68 -13.84 -18.08
CA ARG B 524 27.69 -14.45 -18.93
C ARG B 524 26.37 -13.72 -18.96
N ILE B 525 25.88 -13.36 -17.79
CA ILE B 525 24.62 -12.67 -17.67
C ILE B 525 24.62 -11.29 -18.28
N GLY B 526 25.74 -10.61 -18.20
CA GLY B 526 25.76 -9.19 -18.50
C GLY B 526 25.39 -8.73 -19.89
N PRO B 527 25.91 -9.35 -20.93
CA PRO B 527 25.60 -8.90 -22.29
C PRO B 527 24.14 -9.01 -22.62
N LEU B 528 23.51 -10.08 -22.17
CA LEU B 528 22.14 -10.29 -22.56
C LEU B 528 21.34 -9.14 -22.04
N PHE B 529 21.56 -8.79 -20.79
CA PHE B 529 20.73 -7.80 -20.15
C PHE B 529 20.89 -6.59 -21.01
N GLU B 530 22.14 -6.33 -21.34
CA GLU B 530 22.46 -5.25 -22.22
C GLU B 530 21.83 -5.58 -23.53
N GLU B 531 21.84 -6.85 -23.88
CA GLU B 531 21.43 -7.20 -25.22
C GLU B 531 20.01 -6.80 -25.44
N MET B 532 19.12 -7.18 -24.55
CA MET B 532 17.72 -6.93 -24.79
C MET B 532 17.06 -5.99 -23.81
N HIS B 533 17.70 -5.78 -22.67
CA HIS B 533 17.03 -5.15 -21.55
C HIS B 533 17.56 -3.79 -21.21
N ALA B 534 18.01 -3.05 -22.20
CA ALA B 534 18.72 -1.82 -21.97
C ALA B 534 17.88 -0.85 -21.20
N ASP B 535 16.59 -0.89 -21.41
CA ASP B 535 15.73 0.16 -20.94
C ASP B 535 15.82 0.30 -19.44
N LEU B 536 16.05 -0.79 -18.76
CA LEU B 536 15.89 -0.80 -17.33
C LEU B 536 16.79 0.19 -16.65
N PHE B 537 18.01 0.30 -17.15
CA PHE B 537 19.00 1.14 -16.52
C PHE B 537 18.86 2.58 -16.92
N ARG B 538 18.02 2.84 -17.91
CA ARG B 538 17.89 4.18 -18.41
C ARG B 538 16.84 4.89 -17.63
N ALA B 539 17.26 5.80 -16.80
CA ALA B 539 16.40 6.36 -15.81
C ALA B 539 15.23 6.99 -16.50
N ASP B 540 15.41 7.27 -17.77
CA ASP B 540 14.38 7.90 -18.53
C ASP B 540 13.21 6.97 -18.60
N TYR B 541 13.48 5.71 -18.78
CA TYR B 541 12.41 4.75 -18.99
C TYR B 541 11.50 4.64 -17.80
N TRP B 542 12.08 4.42 -16.64
CA TRP B 542 11.30 4.24 -15.46
C TRP B 542 10.50 5.49 -15.33
N ARG B 543 11.09 6.61 -15.70
CA ARG B 543 10.42 7.86 -15.48
C ARG B 543 9.13 7.79 -16.23
N ALA B 544 9.18 7.22 -17.41
CA ALA B 544 7.99 7.12 -18.22
C ALA B 544 6.97 6.25 -17.55
N LEU B 545 7.44 5.13 -17.05
CA LEU B 545 6.53 4.12 -16.62
C LEU B 545 5.66 4.73 -15.58
N GLN B 546 6.28 5.47 -14.69
CA GLN B 546 5.58 6.15 -13.64
C GLN B 546 4.76 7.25 -14.23
N ASN B 547 5.20 7.78 -15.35
CA ASN B 547 4.44 8.81 -15.99
C ASN B 547 3.10 8.31 -16.47
N ARG B 548 3.07 7.15 -17.10
CA ARG B 548 1.80 6.67 -17.60
C ARG B 548 0.95 6.50 -16.39
N ILE B 549 1.48 5.87 -15.37
CA ILE B 549 0.68 5.48 -14.24
C ILE B 549 0.07 6.70 -13.61
N ARG B 550 0.86 7.74 -13.46
CA ARG B 550 0.35 8.95 -12.86
C ARG B 550 -0.76 9.40 -13.76
N GLU B 551 -0.54 9.20 -15.05
CA GLU B 551 -1.55 9.54 -16.03
C GLU B 551 -2.76 8.68 -15.75
N GLY B 552 -2.55 7.61 -15.00
CA GLY B 552 -3.61 6.71 -14.60
C GLY B 552 -3.89 5.47 -15.41
N HIS B 553 -3.04 5.18 -16.38
CA HIS B 553 -3.23 4.02 -17.21
C HIS B 553 -2.93 2.71 -16.54
N VAL B 554 -3.64 1.68 -16.96
CA VAL B 554 -3.43 0.34 -16.48
C VAL B 554 -2.98 -0.40 -17.69
N GLU B 555 -1.93 -1.20 -17.57
CA GLU B 555 -1.30 -1.73 -18.75
C GLU B 555 -1.60 -3.18 -18.97
N ASP B 556 -1.79 -3.54 -20.23
CA ASP B 556 -2.23 -4.86 -20.59
C ASP B 556 -1.21 -5.88 -20.16
N VAL B 557 -1.67 -6.94 -19.55
CA VAL B 557 -0.80 -8.05 -19.20
C VAL B 557 -1.34 -9.31 -19.82
N TYR B 558 -0.44 -10.08 -20.41
CA TYR B 558 -0.86 -11.27 -21.09
C TYR B 558 -0.29 -12.45 -20.37
N ALA B 559 -1.13 -13.33 -19.86
CA ALA B 559 -0.60 -14.50 -19.22
C ALA B 559 -0.34 -15.52 -20.29
N TYR B 560 0.42 -15.11 -21.29
CA TYR B 560 0.90 -16.04 -22.29
C TYR B 560 2.08 -15.45 -23.05
N ARG B 561 2.74 -16.26 -23.86
CA ARG B 561 3.88 -15.80 -24.61
C ARG B 561 3.36 -14.79 -25.59
N ARG B 562 4.19 -13.85 -26.00
CA ARG B 562 3.73 -12.85 -26.93
C ARG B 562 3.37 -13.52 -28.24
N ARG B 563 4.12 -14.54 -28.60
CA ARG B 563 3.94 -15.13 -29.93
C ARG B 563 2.57 -15.69 -30.13
N GLN B 564 2.07 -16.33 -29.09
CA GLN B 564 0.80 -17.02 -29.19
C GLN B 564 -0.26 -16.00 -29.45
N ARG B 565 0.06 -14.76 -29.15
CA ARG B 565 -0.93 -13.72 -29.24
C ARG B 565 -1.27 -13.89 -30.66
N PHE B 566 -2.54 -13.66 -30.94
CA PHE B 566 -3.17 -14.21 -32.12
C PHE B 566 -2.88 -13.32 -33.30
N SER B 567 -1.83 -12.52 -33.20
CA SER B 567 -1.35 -11.74 -34.31
C SER B 567 -0.84 -12.73 -35.32
N VAL B 568 -0.17 -13.74 -34.80
CA VAL B 568 0.42 -14.76 -35.63
C VAL B 568 -0.67 -15.55 -36.32
N GLU C 1 32.29 -25.04 1.65
CA GLU C 1 33.73 -25.21 1.73
C GLU C 1 34.43 -24.00 1.15
N SER C 2 35.38 -23.44 1.90
CA SER C 2 36.00 -22.19 1.50
C SER C 2 36.77 -22.43 0.22
N LYS C 3 36.79 -21.41 -0.63
CA LYS C 3 37.51 -21.45 -1.88
C LYS C 3 38.85 -20.79 -1.71
N VAL C 4 39.19 -20.43 -0.49
CA VAL C 4 40.41 -19.70 -0.21
C VAL C 4 41.44 -20.62 0.39
N VAL C 5 42.64 -20.61 -0.15
CA VAL C 5 43.62 -21.58 0.26
C VAL C 5 44.68 -20.98 1.13
N VAL C 6 44.82 -21.52 2.33
CA VAL C 6 45.82 -21.05 3.24
C VAL C 6 47.14 -21.31 2.59
N PRO C 7 48.06 -20.38 2.64
CA PRO C 7 49.35 -20.60 2.03
C PRO C 7 50.05 -21.62 2.88
N ALA C 8 50.74 -22.56 2.28
CA ALA C 8 51.41 -23.58 3.05
C ALA C 8 52.50 -23.04 3.93
N GLN C 9 53.29 -22.13 3.40
CA GLN C 9 54.44 -21.57 4.11
C GLN C 9 54.24 -20.69 5.34
N GLY C 10 53.23 -19.84 5.33
CA GLY C 10 53.05 -18.81 6.33
C GLY C 10 52.63 -19.23 7.72
N LYS C 11 52.71 -18.31 8.67
CA LYS C 11 52.32 -18.56 10.04
C LYS C 11 51.41 -17.45 10.54
N LYS C 12 50.48 -17.79 11.41
CA LYS C 12 49.47 -16.84 11.87
C LYS C 12 50.00 -15.78 12.80
N ILE C 13 49.65 -14.54 12.55
CA ILE C 13 49.94 -13.45 13.45
C ILE C 13 49.01 -13.61 14.61
N THR C 14 49.46 -13.39 15.83
CA THR C 14 48.58 -13.53 16.96
C THR C 14 48.69 -12.34 17.85
N LEU C 15 47.60 -12.04 18.53
CA LEU C 15 47.55 -10.87 19.37
C LEU C 15 47.35 -11.32 20.78
N GLN C 16 48.23 -10.87 21.66
CA GLN C 16 48.02 -11.14 23.07
C GLN C 16 48.47 -9.91 23.80
N ASN C 17 47.78 -9.59 24.88
CA ASN C 17 48.26 -8.55 25.73
C ASN C 17 48.46 -7.30 24.90
N GLY C 18 47.52 -7.06 24.01
CA GLY C 18 47.54 -5.88 23.18
C GLY C 18 48.53 -5.87 22.05
N LYS C 19 49.80 -6.10 22.33
CA LYS C 19 50.78 -6.00 21.28
C LYS C 19 50.81 -7.30 20.50
N LEU C 20 50.55 -7.19 19.21
CA LEU C 20 50.48 -8.33 18.33
C LEU C 20 51.84 -8.92 18.07
N ASN C 21 51.90 -10.23 17.95
CA ASN C 21 53.17 -10.89 17.71
C ASN C 21 53.20 -11.31 16.27
N VAL C 22 54.04 -10.68 15.47
CA VAL C 22 54.05 -10.94 14.05
C VAL C 22 55.29 -11.70 13.67
N PRO C 23 55.10 -12.88 13.12
CA PRO C 23 56.17 -13.73 12.65
C PRO C 23 56.71 -13.18 11.36
N GLU C 24 57.84 -13.70 10.93
CA GLU C 24 58.51 -13.20 9.76
C GLU C 24 58.05 -13.83 8.47
N ASN C 25 57.08 -14.73 8.54
CA ASN C 25 56.49 -15.23 7.31
C ASN C 25 55.00 -15.13 7.45
N PRO C 26 54.49 -13.92 7.49
CA PRO C 26 53.09 -13.71 7.80
C PRO C 26 52.20 -14.20 6.70
N ILE C 27 50.93 -14.44 6.97
CA ILE C 27 49.98 -14.69 5.92
C ILE C 27 49.10 -13.49 5.95
N ILE C 28 49.06 -12.73 4.87
CA ILE C 28 48.27 -11.52 4.86
C ILE C 28 47.09 -11.65 3.92
N PRO C 29 45.90 -11.76 4.45
CA PRO C 29 44.73 -11.96 3.62
C PRO C 29 44.53 -10.79 2.71
N TYR C 30 44.11 -10.98 1.47
CA TYR C 30 43.87 -9.82 0.62
C TYR C 30 42.63 -9.87 -0.26
N ILE C 31 42.13 -8.71 -0.63
CA ILE C 31 40.94 -8.62 -1.44
C ILE C 31 41.20 -7.76 -2.65
N GLU C 32 41.00 -8.28 -3.84
CA GLU C 32 41.25 -7.48 -5.01
C GLU C 32 40.34 -6.28 -5.11
N GLY C 33 39.04 -6.49 -5.04
CA GLY C 33 38.10 -5.41 -5.19
C GLY C 33 37.57 -5.28 -6.59
N ASP C 34 36.51 -4.49 -6.74
CA ASP C 34 35.85 -4.26 -8.00
C ASP C 34 36.53 -3.24 -8.85
N GLY C 35 36.19 -3.20 -10.13
CA GLY C 35 36.65 -2.13 -11.00
C GLY C 35 38.11 -2.01 -11.23
N ILE C 36 38.65 -0.86 -10.87
CA ILE C 36 40.05 -0.55 -11.08
C ILE C 36 40.91 -1.41 -10.18
N GLY C 37 40.25 -2.09 -9.28
CA GLY C 37 40.87 -2.84 -8.23
C GLY C 37 41.76 -3.90 -8.78
N VAL C 38 41.43 -4.42 -9.93
CA VAL C 38 42.26 -5.42 -10.54
C VAL C 38 43.57 -4.76 -10.87
N ASP C 39 43.49 -3.55 -11.36
CA ASP C 39 44.68 -2.91 -11.79
C ASP C 39 45.64 -2.65 -10.66
N VAL C 40 45.19 -1.93 -9.64
CA VAL C 40 46.08 -1.47 -8.61
C VAL C 40 46.69 -2.55 -7.76
N THR C 41 45.85 -3.48 -7.36
CA THR C 41 46.22 -4.40 -6.32
C THR C 41 47.37 -5.24 -6.70
N PRO C 42 47.45 -5.69 -7.93
CA PRO C 42 48.57 -6.50 -8.31
C PRO C 42 49.82 -5.70 -8.14
N ALA C 43 49.76 -4.41 -8.41
CA ALA C 43 50.94 -3.59 -8.30
C ALA C 43 51.46 -3.50 -6.91
N MET C 44 50.57 -3.23 -5.98
CA MET C 44 51.02 -2.95 -4.64
C MET C 44 51.75 -4.15 -4.13
N LEU C 45 51.29 -5.33 -4.49
CA LEU C 45 51.87 -6.53 -3.96
C LEU C 45 53.30 -6.59 -4.38
N LYS C 46 53.57 -6.19 -5.60
CA LYS C 46 54.91 -6.19 -6.09
C LYS C 46 55.72 -5.21 -5.30
N VAL C 47 55.20 -4.02 -5.15
CA VAL C 47 55.97 -3.00 -4.51
C VAL C 47 56.25 -3.46 -3.13
N VAL C 48 55.21 -3.85 -2.43
CA VAL C 48 55.38 -4.27 -1.06
C VAL C 48 56.26 -5.48 -0.99
N ASP C 49 56.05 -6.44 -1.86
CA ASP C 49 56.82 -7.65 -1.85
C ASP C 49 58.27 -7.35 -2.15
N ALA C 50 58.48 -6.37 -3.01
CA ALA C 50 59.82 -5.97 -3.32
C ALA C 50 60.51 -5.38 -2.14
N ALA C 51 59.82 -4.50 -1.45
CA ALA C 51 60.41 -3.76 -0.36
C ALA C 51 60.84 -4.67 0.74
N VAL C 52 60.05 -5.66 1.03
CA VAL C 52 60.37 -6.51 2.13
C VAL C 52 61.68 -7.20 1.84
N GLU C 53 61.79 -7.78 0.67
CA GLU C 53 62.96 -8.55 0.36
C GLU C 53 64.16 -7.67 0.38
N LYS C 54 64.06 -6.50 -0.19
CA LYS C 54 65.21 -5.64 -0.28
C LYS C 54 65.66 -5.28 1.10
N ALA C 55 64.72 -4.88 1.94
CA ALA C 55 65.05 -4.42 3.27
C ALA C 55 65.64 -5.44 4.19
N TYR C 56 65.07 -6.63 4.23
CA TYR C 56 65.50 -7.66 5.16
C TYR C 56 66.37 -8.69 4.52
N LYS C 57 66.85 -8.39 3.33
CA LYS C 57 67.79 -9.26 2.68
C LYS C 57 67.13 -10.59 2.42
N GLY C 58 65.82 -10.57 2.42
CA GLY C 58 65.03 -11.74 2.10
C GLY C 58 64.71 -12.63 3.26
N GLU C 59 65.15 -12.27 4.44
CA GLU C 59 64.89 -13.08 5.62
C GLU C 59 63.41 -13.18 5.92
N ARG C 60 62.67 -12.10 5.66
CA ARG C 60 61.26 -12.06 5.96
C ARG C 60 60.50 -12.00 4.67
N LYS C 61 59.52 -12.88 4.51
CA LYS C 61 58.70 -12.85 3.32
C LYS C 61 57.25 -12.95 3.72
N ILE C 62 56.36 -12.31 2.97
CA ILE C 62 54.95 -12.37 3.30
C ILE C 62 54.23 -13.34 2.41
N SER C 63 53.56 -14.31 2.99
CA SER C 63 52.75 -15.18 2.19
C SER C 63 51.43 -14.49 2.11
N TRP C 64 50.93 -14.30 0.90
CA TRP C 64 49.70 -13.59 0.70
C TRP C 64 48.67 -14.61 0.39
N MET C 65 47.54 -14.58 1.09
CA MET C 65 46.43 -15.43 0.76
C MET C 65 45.25 -14.57 0.40
N GLU C 66 44.67 -14.80 -0.76
CA GLU C 66 43.53 -14.04 -1.22
C GLU C 66 42.28 -14.48 -0.54
N ILE C 67 41.42 -13.54 -0.22
CA ILE C 67 40.09 -13.88 0.24
C ILE C 67 39.20 -12.99 -0.56
N TYR C 68 37.92 -13.31 -0.67
CA TYR C 68 37.09 -12.61 -1.61
C TYR C 68 35.91 -11.87 -1.03
N THR C 69 35.66 -10.69 -1.57
CA THR C 69 34.43 -10.00 -1.31
C THR C 69 33.92 -9.24 -2.50
N GLY C 70 32.67 -9.51 -2.82
CA GLY C 70 31.72 -8.60 -3.40
C GLY C 70 31.52 -8.48 -4.89
N GLU C 71 32.51 -8.84 -5.68
CA GLU C 71 32.24 -9.06 -7.08
C GLU C 71 32.76 -10.41 -7.47
N LYS C 72 33.96 -10.69 -7.03
CA LYS C 72 34.57 -11.95 -7.29
C LYS C 72 33.72 -13.00 -6.63
N SER C 73 33.17 -12.66 -5.48
CA SER C 73 32.52 -13.66 -4.68
C SER C 73 31.39 -14.24 -5.48
N THR C 74 30.69 -13.42 -6.24
CA THR C 74 29.58 -13.95 -6.97
C THR C 74 30.14 -14.95 -7.92
N GLN C 75 31.28 -14.63 -8.52
CA GLN C 75 31.93 -15.57 -9.40
C GLN C 75 32.48 -16.80 -8.73
N VAL C 76 33.22 -16.63 -7.64
CA VAL C 76 33.71 -17.79 -6.91
C VAL C 76 32.68 -18.62 -6.16
N TYR C 77 31.88 -17.96 -5.33
CA TYR C 77 31.09 -18.68 -4.38
C TYR C 77 29.68 -18.97 -4.84
N GLY C 78 29.00 -17.93 -5.28
CA GLY C 78 27.60 -18.04 -5.60
C GLY C 78 27.26 -16.92 -6.54
N GLN C 79 26.07 -16.96 -7.11
CA GLN C 79 25.63 -15.86 -7.91
C GLN C 79 25.42 -14.62 -7.09
N ASP C 80 24.91 -14.81 -5.90
CA ASP C 80 24.52 -13.68 -5.08
C ASP C 80 25.12 -13.68 -3.70
N VAL C 81 26.27 -14.30 -3.55
CA VAL C 81 26.96 -14.26 -2.31
C VAL C 81 27.98 -13.16 -2.38
N TRP C 82 27.59 -11.94 -2.07
CA TRP C 82 28.53 -10.82 -2.02
C TRP C 82 29.60 -10.81 -0.94
N LEU C 83 29.22 -11.07 0.29
CA LEU C 83 30.13 -10.91 1.41
C LEU C 83 30.16 -12.17 2.24
N PRO C 84 30.88 -13.16 1.77
CA PRO C 84 30.86 -14.46 2.39
C PRO C 84 31.34 -14.32 3.79
N ALA C 85 30.73 -15.02 4.72
CA ALA C 85 31.04 -14.87 6.12
C ALA C 85 32.36 -15.49 6.44
N GLU C 86 32.91 -16.19 5.48
CA GLU C 86 34.20 -16.79 5.64
C GLU C 86 35.15 -15.64 5.82
N THR C 87 34.90 -14.58 5.07
CA THR C 87 35.82 -13.49 5.03
C THR C 87 35.97 -12.85 6.37
N LEU C 88 34.86 -12.54 7.01
CA LEU C 88 34.93 -11.85 8.28
C LEU C 88 35.65 -12.69 9.29
N ASP C 89 35.43 -13.99 9.27
CA ASP C 89 36.13 -14.83 10.19
C ASP C 89 37.60 -14.71 9.89
N LEU C 90 37.93 -14.75 8.62
CA LEU C 90 39.31 -14.83 8.20
C LEU C 90 40.13 -13.64 8.57
N ILE C 91 39.61 -12.45 8.37
CA ILE C 91 40.36 -11.29 8.72
C ILE C 91 40.61 -11.32 10.20
N ARG C 92 39.56 -11.62 10.94
CA ARG C 92 39.65 -11.64 12.39
C ARG C 92 40.61 -12.69 12.88
N GLU C 93 40.57 -13.87 12.29
CA GLU C 93 41.46 -14.92 12.70
C GLU C 93 42.87 -14.47 12.42
N TYR C 94 43.10 -13.95 11.23
CA TYR C 94 44.40 -13.39 10.93
C TYR C 94 44.20 -11.94 11.23
N ARG C 95 45.11 -11.35 11.97
CA ARG C 95 44.89 -10.03 12.52
C ARG C 95 44.80 -8.83 11.59
N VAL C 96 45.60 -8.77 10.54
CA VAL C 96 45.66 -7.61 9.66
C VAL C 96 45.28 -8.04 8.27
N ALA C 97 44.65 -7.16 7.50
CA ALA C 97 44.30 -7.50 6.13
C ALA C 97 44.28 -6.29 5.25
N ILE C 98 44.30 -6.48 3.94
CA ILE C 98 44.26 -5.36 3.02
C ILE C 98 43.20 -5.48 1.95
N LYS C 99 42.52 -4.40 1.65
CA LYS C 99 41.35 -4.41 0.82
C LYS C 99 41.48 -3.51 -0.37
N GLY C 100 41.12 -4.00 -1.54
CA GLY C 100 41.15 -3.18 -2.71
C GLY C 100 39.91 -2.35 -2.58
N PRO C 101 39.50 -1.63 -3.62
CA PRO C 101 38.32 -0.78 -3.56
C PRO C 101 37.03 -1.55 -3.57
N LEU C 102 35.92 -0.93 -3.22
CA LEU C 102 34.63 -1.60 -3.31
C LEU C 102 33.60 -0.63 -3.80
N THR C 103 32.50 -1.16 -4.33
CA THR C 103 31.47 -0.32 -4.88
C THR C 103 30.58 0.14 -3.79
N THR C 104 30.39 1.44 -3.68
CA THR C 104 29.52 1.97 -2.68
C THR C 104 28.26 2.45 -3.35
N PRO C 105 27.12 1.96 -2.93
CA PRO C 105 25.88 2.29 -3.60
C PRO C 105 25.68 3.77 -3.49
N VAL C 106 25.04 4.37 -4.47
CA VAL C 106 24.73 5.78 -4.36
C VAL C 106 23.30 5.90 -3.96
N GLY C 107 23.04 6.13 -2.69
CA GLY C 107 21.71 6.48 -2.25
C GLY C 107 20.84 5.27 -2.23
N GLY C 108 19.61 5.42 -1.76
CA GLY C 108 18.68 4.32 -1.75
C GLY C 108 18.68 3.39 -0.56
N GLY C 109 18.22 2.18 -0.81
CA GLY C 109 18.00 1.17 0.18
C GLY C 109 19.06 0.09 0.10
N ILE C 110 20.20 0.44 -0.46
CA ILE C 110 21.22 -0.55 -0.70
C ILE C 110 22.37 -0.47 0.29
N ARG C 111 22.75 -1.64 0.80
CA ARG C 111 23.73 -1.79 1.85
C ARG C 111 25.11 -1.51 1.32
N SER C 112 26.02 -1.13 2.20
CA SER C 112 27.36 -0.78 1.77
C SER C 112 28.36 -1.75 2.31
N LEU C 113 29.15 -2.28 1.39
CA LEU C 113 30.11 -3.30 1.72
C LEU C 113 31.17 -2.80 2.66
N ASN C 114 31.63 -1.57 2.51
CA ASN C 114 32.63 -1.07 3.43
C ASN C 114 32.17 -0.91 4.86
N VAL C 115 31.04 -0.28 5.06
CA VAL C 115 30.54 -0.10 6.39
C VAL C 115 30.27 -1.44 6.99
N ALA C 116 29.72 -2.32 6.18
CA ALA C 116 29.33 -3.58 6.69
C ALA C 116 30.59 -4.16 7.25
N LEU C 117 31.66 -4.04 6.49
CA LEU C 117 32.93 -4.56 6.92
C LEU C 117 33.40 -3.82 8.15
N ARG C 118 33.30 -2.51 8.14
CA ARG C 118 33.67 -1.79 9.32
C ARG C 118 32.68 -2.22 10.36
N GLN C 119 31.42 -2.16 10.02
CA GLN C 119 30.42 -2.27 11.04
C GLN C 119 30.52 -3.60 11.72
N GLU C 120 30.56 -4.65 10.93
CA GLU C 120 30.43 -5.98 11.49
C GLU C 120 31.68 -6.47 12.16
N LEU C 121 32.81 -5.82 11.90
CA LEU C 121 33.98 -6.13 12.67
C LEU C 121 34.14 -5.11 13.78
N ASP C 122 33.20 -4.18 13.84
CA ASP C 122 33.27 -3.19 14.88
C ASP C 122 34.64 -2.55 14.85
N LEU C 123 35.02 -2.00 13.71
CA LEU C 123 36.28 -1.31 13.59
C LEU C 123 35.95 0.09 14.06
N TYR C 124 36.38 0.45 15.26
CA TYR C 124 36.00 1.72 15.86
C TYR C 124 36.88 2.92 15.62
N ILE C 125 38.13 2.71 15.26
CA ILE C 125 39.05 3.81 15.03
C ILE C 125 39.38 3.78 13.59
N CYS C 126 39.34 4.92 12.94
CA CYS C 126 39.79 4.98 11.56
C CYS C 126 40.93 5.95 11.44
N LEU C 127 42.07 5.47 10.95
CA LEU C 127 43.28 6.25 10.95
C LEU C 127 43.63 6.61 9.55
N ARG C 128 43.88 7.88 9.29
CA ARG C 128 44.15 8.31 7.95
C ARG C 128 45.41 9.14 7.92
N PRO C 129 46.57 8.55 7.91
CA PRO C 129 47.79 9.34 7.97
C PRO C 129 47.88 10.18 6.73
N VAL C 130 48.42 11.39 6.85
CA VAL C 130 48.62 12.26 5.72
C VAL C 130 50.07 12.65 5.68
N ARG C 131 50.67 12.55 4.50
CA ARG C 131 51.99 13.07 4.27
C ARG C 131 52.11 13.54 2.83
N TYR C 132 52.86 14.61 2.63
CA TYR C 132 53.20 15.07 1.32
C TYR C 132 54.29 14.21 0.80
N TYR C 133 54.41 14.13 -0.51
CA TYR C 133 55.49 13.43 -1.12
C TYR C 133 56.04 14.43 -2.07
N GLN C 134 57.23 14.21 -2.57
CA GLN C 134 57.90 15.24 -3.29
C GLN C 134 57.30 15.43 -4.62
N GLY C 135 57.03 16.65 -4.98
CA GLY C 135 56.69 16.96 -6.34
C GLY C 135 55.27 16.66 -6.68
N THR C 136 54.50 16.18 -5.72
CA THR C 136 53.11 15.99 -5.98
C THR C 136 52.62 17.37 -6.22
N PRO C 137 51.76 17.57 -7.20
CA PRO C 137 51.26 18.90 -7.47
C PRO C 137 50.36 19.34 -6.35
N SER C 138 50.48 20.58 -5.90
CA SER C 138 49.78 21.01 -4.73
C SER C 138 49.26 22.40 -4.92
N PRO C 139 48.29 22.79 -4.11
CA PRO C 139 47.73 24.13 -4.18
C PRO C 139 48.36 25.07 -3.20
N VAL C 140 49.28 24.58 -2.38
CA VAL C 140 49.90 25.38 -1.33
C VAL C 140 51.40 25.45 -1.47
N LYS C 141 51.96 26.56 -1.04
CA LYS C 141 53.34 26.91 -1.28
C LYS C 141 54.43 26.03 -0.69
N HIS C 142 54.29 25.60 0.56
CA HIS C 142 55.31 24.72 1.14
C HIS C 142 54.72 23.51 1.84
N PRO C 143 54.15 22.58 1.10
CA PRO C 143 53.52 21.41 1.69
C PRO C 143 54.48 20.52 2.43
N GLU C 144 55.71 20.47 2.01
CA GLU C 144 56.58 19.44 2.51
C GLU C 144 56.72 19.57 4.00
N LEU C 145 56.27 20.71 4.50
CA LEU C 145 56.17 20.86 5.92
C LEU C 145 54.82 20.34 6.29
N THR C 146 54.58 19.08 5.99
CA THR C 146 53.36 18.46 6.42
C THR C 146 53.46 16.97 6.56
N ASP C 147 53.73 16.51 7.76
CA ASP C 147 53.61 15.12 8.08
C ASP C 147 52.69 15.15 9.26
N MET C 148 51.54 14.49 9.14
CA MET C 148 50.57 14.39 10.22
C MET C 148 49.86 13.07 10.10
N VAL C 149 49.33 12.57 11.21
CA VAL C 149 48.51 11.37 11.21
C VAL C 149 47.25 11.60 12.01
N ILE C 150 46.10 11.29 11.44
CA ILE C 150 44.85 11.71 11.99
C ILE C 150 44.00 10.55 12.45
N PHE C 151 43.50 10.63 13.67
CA PHE C 151 42.71 9.57 14.25
C PHE C 151 41.30 10.05 14.48
N ARG C 152 40.34 9.25 14.05
CA ARG C 152 38.95 9.60 14.16
C ARG C 152 38.26 8.43 14.79
N GLU C 153 37.08 8.64 15.35
CA GLU C 153 36.32 7.53 15.90
C GLU C 153 35.09 7.40 15.06
N ASN C 154 34.85 6.23 14.52
CA ASN C 154 33.63 6.04 13.78
C ASN C 154 32.52 5.60 14.69
N SER C 155 32.88 5.22 15.91
CA SER C 155 31.90 4.66 16.80
C SER C 155 30.79 5.59 17.24
N GLU C 156 31.15 6.76 17.73
CA GLU C 156 30.24 7.47 18.60
C GLU C 156 29.77 8.88 18.34
N ASP C 157 30.35 9.60 17.41
CA ASP C 157 30.15 11.03 17.42
C ASP C 157 28.78 11.33 16.86
N ILE C 158 28.60 12.56 16.42
CA ILE C 158 27.34 12.98 15.87
C ILE C 158 27.08 12.20 14.59
N TYR C 159 28.10 11.54 14.10
CA TYR C 159 27.95 10.73 12.94
C TYR C 159 27.38 9.41 13.40
N ALA C 160 26.33 9.47 14.21
CA ALA C 160 25.72 8.24 14.66
C ALA C 160 24.35 8.09 14.06
N GLY C 161 23.93 9.07 13.29
CA GLY C 161 22.66 9.01 12.62
C GLY C 161 21.44 8.90 13.51
N ILE C 162 21.48 9.56 14.65
CA ILE C 162 20.32 9.66 15.50
C ILE C 162 19.73 11.01 15.22
N GLU C 163 18.62 11.07 14.49
CA GLU C 163 17.94 12.33 14.29
C GLU C 163 16.51 12.07 13.93
N TRP C 164 15.68 13.09 14.06
CA TRP C 164 14.28 12.96 13.75
C TRP C 164 13.82 14.08 12.83
N LYS C 165 12.99 13.75 11.85
CA LYS C 165 12.63 14.67 10.81
C LYS C 165 11.73 15.73 11.35
N ALA C 166 11.64 16.83 10.62
CA ALA C 166 10.80 17.93 11.00
C ALA C 166 9.34 17.59 10.78
N ASP C 167 8.56 17.74 11.84
CA ASP C 167 7.13 17.50 11.81
C ASP C 167 6.80 16.04 12.03
N SER C 168 7.83 15.21 12.11
CA SER C 168 7.64 13.83 12.51
C SER C 168 7.18 13.94 13.92
N ALA C 169 6.26 13.08 14.31
CA ALA C 169 5.64 13.22 15.60
C ALA C 169 6.69 13.10 16.65
N ASP C 170 7.58 12.14 16.47
CA ASP C 170 8.54 11.88 17.52
C ASP C 170 9.31 13.15 17.72
N ALA C 171 9.62 13.82 16.61
CA ALA C 171 10.50 14.94 16.71
C ALA C 171 9.84 15.94 17.61
N GLU C 172 8.59 16.23 17.31
CA GLU C 172 7.84 17.14 18.13
C GLU C 172 7.66 16.50 19.47
N LYS C 173 7.63 15.19 19.48
CA LYS C 173 7.58 14.50 20.75
C LYS C 173 8.86 14.79 21.47
N VAL C 174 9.96 14.71 20.75
CA VAL C 174 11.25 14.93 21.36
C VAL C 174 11.42 16.33 21.88
N ILE C 175 11.00 17.29 21.10
CA ILE C 175 11.24 18.65 21.44
C ILE C 175 10.56 18.89 22.74
N LYS C 176 9.37 18.31 22.86
CA LYS C 176 8.54 18.53 24.01
C LYS C 176 9.30 18.01 25.20
N PHE C 177 10.02 16.92 25.00
CA PHE C 177 10.65 16.26 26.11
C PHE C 177 11.60 17.22 26.75
N LEU C 178 12.51 17.79 25.97
CA LEU C 178 13.48 18.70 26.55
C LEU C 178 12.80 19.92 27.08
N ARG C 179 11.86 20.41 26.30
CA ARG C 179 11.23 21.68 26.55
C ARG C 179 10.46 21.73 27.86
N GLU C 180 9.76 20.66 28.19
CA GLU C 180 8.90 20.70 29.36
C GLU C 180 9.45 20.00 30.59
N GLU C 181 9.80 18.73 30.46
CA GLU C 181 10.40 18.06 31.58
C GLU C 181 11.79 18.58 31.88
N MET C 182 12.64 18.56 30.86
CA MET C 182 14.01 19.03 30.96
C MET C 182 14.19 20.52 31.19
N GLY C 183 13.32 21.32 30.59
CA GLY C 183 13.44 22.76 30.74
C GLY C 183 14.40 23.53 29.85
N VAL C 184 14.80 22.94 28.73
CA VAL C 184 15.66 23.67 27.84
C VAL C 184 14.89 24.89 27.37
N LYS C 185 15.50 26.06 27.46
CA LYS C 185 14.85 27.25 26.97
C LYS C 185 15.57 27.82 25.78
N LYS C 186 16.73 27.24 25.49
CA LYS C 186 17.60 27.73 24.43
C LYS C 186 16.99 27.65 23.05
N ILE C 187 16.20 26.63 22.81
CA ILE C 187 15.73 26.35 21.48
C ILE C 187 14.93 27.51 20.94
N ARG C 188 15.13 27.79 19.67
CA ARG C 188 14.39 28.83 19.00
C ARG C 188 13.70 28.20 17.85
N PHE C 189 12.55 28.73 17.46
CA PHE C 189 11.87 28.19 16.32
C PHE C 189 11.66 26.72 16.49
N PRO C 190 11.06 26.34 17.60
CA PRO C 190 10.79 24.95 17.91
C PRO C 190 9.82 24.24 16.98
N GLU C 191 8.78 24.92 16.54
CA GLU C 191 7.84 24.32 15.63
C GLU C 191 8.51 24.18 14.30
N HIS C 192 8.11 23.20 13.51
CA HIS C 192 8.67 23.08 12.19
C HIS C 192 10.18 23.01 12.24
N CYS C 193 10.68 22.14 13.09
CA CYS C 193 12.08 22.11 13.38
C CYS C 193 12.54 20.67 13.51
N GLY C 194 13.82 20.41 13.26
CA GLY C 194 14.31 19.06 13.24
C GLY C 194 15.45 18.89 14.19
N ILE C 195 15.60 17.72 14.77
CA ILE C 195 16.53 17.53 15.87
C ILE C 195 17.57 16.47 15.63
N GLY C 196 18.75 16.67 16.19
CA GLY C 196 19.82 15.70 16.09
C GLY C 196 20.51 15.54 17.40
N ILE C 197 21.15 14.41 17.63
CA ILE C 197 21.77 14.12 18.92
C ILE C 197 23.23 13.76 18.83
N LYS C 198 24.05 14.35 19.68
CA LYS C 198 25.48 14.10 19.69
C LYS C 198 25.96 13.66 21.05
N PRO C 199 26.75 12.61 21.15
CA PRO C 199 27.17 12.10 22.45
C PRO C 199 28.67 11.92 22.52
N CYS C 200 29.24 12.00 23.71
CA CYS C 200 30.67 11.80 23.92
C CYS C 200 30.81 10.79 25.02
N SER C 201 31.63 9.76 24.83
CA SER C 201 31.76 8.74 25.85
C SER C 201 33.16 8.57 26.38
N GLU C 202 33.29 8.48 27.69
CA GLU C 202 34.60 8.41 28.28
C GLU C 202 35.24 7.20 27.71
N GLU C 203 34.47 6.14 27.60
CA GLU C 203 35.01 4.92 27.07
C GLU C 203 35.39 5.15 25.64
N GLY C 204 34.53 5.83 24.90
CA GLY C 204 34.87 6.06 23.53
C GLY C 204 36.08 6.95 23.38
N THR C 205 36.10 8.05 24.10
CA THR C 205 37.19 8.99 23.96
C THR C 205 38.54 8.46 24.38
N LYS C 206 38.57 7.80 25.52
CA LYS C 206 39.79 7.24 25.99
C LYS C 206 40.21 6.24 24.98
N ARG C 207 39.24 5.54 24.44
CA ARG C 207 39.54 4.38 23.65
C ARG C 207 40.35 4.78 22.46
N LEU C 208 39.93 5.82 21.78
CA LEU C 208 40.70 6.31 20.66
C LEU C 208 42.02 6.86 21.09
N VAL C 209 41.96 7.73 22.08
CA VAL C 209 43.08 8.53 22.52
C VAL C 209 44.17 7.62 23.00
N ARG C 210 43.78 6.54 23.63
CA ARG C 210 44.76 5.59 24.06
C ARG C 210 45.41 5.11 22.81
N ALA C 211 44.63 5.07 21.74
CA ALA C 211 45.06 4.51 20.48
C ALA C 211 46.17 5.25 19.79
N ALA C 212 46.06 6.56 19.65
CA ALA C 212 47.14 7.31 19.08
C ALA C 212 48.34 7.25 19.95
N ILE C 213 48.12 7.54 21.22
CA ILE C 213 49.19 7.85 22.13
C ILE C 213 50.09 6.67 22.12
N GLU C 214 49.48 5.51 22.08
CA GLU C 214 50.27 4.33 21.99
C GLU C 214 50.97 4.39 20.67
N TYR C 215 50.32 4.99 19.68
CA TYR C 215 50.89 4.96 18.37
C TYR C 215 52.17 5.72 18.35
N ALA C 216 52.15 6.91 18.89
CA ALA C 216 53.28 7.77 18.75
C ALA C 216 54.43 7.08 19.37
N ILE C 217 54.18 6.54 20.54
CA ILE C 217 55.21 5.94 21.32
C ILE C 217 55.74 4.83 20.45
N ALA C 218 54.85 4.16 19.76
CA ALA C 218 55.24 3.06 18.93
C ALA C 218 56.13 3.51 17.81
N ASN C 219 55.81 4.66 17.25
CA ASN C 219 56.57 5.18 16.11
C ASN C 219 57.47 6.40 16.37
N ASP C 220 57.69 6.75 17.61
CA ASP C 220 58.51 7.91 17.92
C ASP C 220 58.08 9.21 17.27
N ARG C 221 56.81 9.50 17.37
CA ARG C 221 56.31 10.80 16.97
C ARG C 221 56.63 11.73 18.10
N ASP C 222 56.50 13.04 17.87
CA ASP C 222 56.89 14.02 18.86
C ASP C 222 55.79 14.61 19.73
N SER C 223 54.54 14.54 19.33
CA SER C 223 53.50 15.14 20.14
C SER C 223 52.17 14.54 19.84
N VAL C 224 51.21 14.67 20.73
CA VAL C 224 49.86 14.24 20.47
C VAL C 224 48.94 15.41 20.66
N THR C 225 48.02 15.62 19.73
CA THR C 225 47.21 16.79 19.80
C THR C 225 45.75 16.48 19.84
N LEU C 226 45.02 17.17 20.70
CA LEU C 226 43.62 16.93 20.81
C LEU C 226 42.93 18.08 20.17
N VAL C 227 42.13 17.82 19.16
CA VAL C 227 41.44 18.86 18.45
C VAL C 227 39.98 18.83 18.81
N HIS C 228 39.45 19.94 19.26
CA HIS C 228 38.08 19.97 19.66
C HIS C 228 37.63 21.40 19.63
N LYS C 229 36.35 21.63 19.36
CA LYS C 229 35.78 22.93 19.59
C LYS C 229 35.32 22.93 21.02
N GLY C 230 36.28 22.83 21.90
CA GLY C 230 36.01 22.75 23.31
C GLY C 230 35.31 23.94 23.87
N ASN C 231 35.65 25.14 23.41
CA ASN C 231 35.10 26.32 24.05
C ASN C 231 33.61 26.53 23.93
N ILE C 232 33.06 26.42 22.73
CA ILE C 232 31.62 26.52 22.61
C ILE C 232 30.86 25.36 23.23
N MET C 233 31.24 24.13 22.92
CA MET C 233 30.54 23.00 23.52
C MET C 233 31.42 22.37 24.55
N LYS C 234 31.23 22.72 25.81
CA LYS C 234 32.08 22.14 26.80
C LYS C 234 31.89 20.66 26.90
N PHE C 235 30.64 20.27 27.04
CA PHE C 235 30.31 18.94 27.50
C PHE C 235 30.66 17.75 26.64
N THR C 236 30.46 17.85 25.34
CA THR C 236 30.72 16.71 24.49
C THR C 236 32.08 16.72 23.85
N GLU C 237 32.40 17.78 23.11
CA GLU C 237 33.75 17.92 22.59
C GLU C 237 34.76 18.20 23.66
N GLY C 238 34.43 19.15 24.50
CA GLY C 238 35.35 19.62 25.49
C GLY C 238 35.70 18.47 26.37
N ALA C 239 34.69 17.70 26.71
CA ALA C 239 34.91 16.59 27.57
C ALA C 239 35.90 15.68 26.89
N PHE C 240 36.07 15.87 25.60
CA PHE C 240 37.06 15.12 24.88
C PHE C 240 38.42 15.48 25.39
N LYS C 241 38.69 16.77 25.49
CA LYS C 241 39.98 17.20 25.96
C LYS C 241 40.15 16.76 27.37
N ASP C 242 39.12 16.98 28.16
CA ASP C 242 39.30 16.79 29.56
C ASP C 242 39.66 15.35 29.71
N TRP C 243 38.92 14.48 29.06
CA TRP C 243 39.15 13.06 29.19
C TRP C 243 40.49 12.60 28.66
N GLY C 244 40.86 13.10 27.50
CA GLY C 244 42.08 12.65 26.89
C GLY C 244 43.29 12.98 27.70
N TYR C 245 43.41 14.20 28.15
CA TYR C 245 44.60 14.60 28.86
C TYR C 245 44.67 13.68 30.04
N GLN C 246 43.52 13.51 30.64
CA GLN C 246 43.43 12.81 31.90
C GLN C 246 43.99 11.46 31.64
N LEU C 247 43.78 10.95 30.45
CA LEU C 247 44.21 9.62 30.15
C LEU C 247 45.69 9.60 30.28
N ALA C 248 46.31 10.64 29.80
CA ALA C 248 47.74 10.67 29.79
C ALA C 248 48.24 10.63 31.19
N ARG C 249 47.68 11.46 32.04
CA ARG C 249 48.21 11.55 33.37
C ARG C 249 48.06 10.25 34.08
N GLU C 250 46.86 9.69 34.08
CA GLU C 250 46.66 8.44 34.77
C GLU C 250 47.38 7.26 34.17
N GLU C 251 47.07 6.94 32.91
CA GLU C 251 47.69 5.82 32.24
C GLU C 251 49.15 5.92 31.85
N PHE C 252 49.53 7.02 31.23
CA PHE C 252 50.88 7.14 30.72
C PHE C 252 51.78 8.04 31.55
N GLY C 253 51.30 8.51 32.68
CA GLY C 253 52.15 9.26 33.57
C GLY C 253 52.83 10.43 32.92
N GLY C 254 52.05 11.36 32.40
CA GLY C 254 52.57 12.61 31.89
C GLY C 254 52.77 13.65 32.98
N GLU C 255 53.79 14.47 32.83
CA GLU C 255 54.11 15.48 33.83
C GLU C 255 53.74 16.84 33.30
N LEU C 256 52.99 17.58 34.08
CA LEU C 256 52.40 18.79 33.61
C LEU C 256 53.49 19.74 33.23
N ILE C 257 53.20 20.62 32.28
CA ILE C 257 54.10 21.70 31.98
C ILE C 257 53.52 23.07 32.28
N ASP C 258 53.83 23.59 33.46
CA ASP C 258 53.55 24.99 33.80
C ASP C 258 52.12 25.19 34.20
N GLY C 259 51.39 24.10 34.34
CA GLY C 259 50.07 24.12 34.91
C GLY C 259 49.03 24.39 33.86
N GLY C 260 49.53 24.85 32.73
CA GLY C 260 48.74 24.98 31.54
C GLY C 260 48.53 23.54 31.25
N PRO C 261 47.55 23.19 30.47
CA PRO C 261 47.15 21.80 30.40
C PRO C 261 48.29 20.94 29.94
N TRP C 262 49.13 21.45 29.07
CA TRP C 262 49.97 20.60 28.26
C TRP C 262 50.81 19.76 29.18
N LEU C 263 51.23 18.61 28.68
CA LEU C 263 51.99 17.67 29.47
C LEU C 263 53.01 16.96 28.63
N LYS C 264 54.03 16.40 29.25
CA LYS C 264 55.06 15.69 28.54
C LYS C 264 55.04 14.24 28.96
N VAL C 265 54.86 13.33 28.02
CA VAL C 265 54.90 11.91 28.32
C VAL C 265 56.20 11.30 27.85
N LYS C 266 56.90 10.61 28.73
CA LYS C 266 58.12 9.93 28.34
C LYS C 266 57.81 8.76 27.46
N ASN C 267 58.67 8.48 26.50
CA ASN C 267 58.47 7.36 25.60
C ASN C 267 59.41 6.28 26.04
N PRO C 268 58.89 5.14 26.40
CA PRO C 268 59.73 4.14 27.05
C PRO C 268 60.85 3.65 26.16
N ASN C 269 60.52 3.21 24.97
CA ASN C 269 61.56 2.76 24.05
C ASN C 269 62.44 3.90 23.58
N THR C 270 61.80 4.99 23.19
CA THR C 270 62.50 6.14 22.67
C THR C 270 63.36 6.91 23.65
N GLY C 271 62.78 7.27 24.77
CA GLY C 271 63.44 8.14 25.70
C GLY C 271 63.25 9.58 25.28
N LYS C 272 62.62 9.77 24.13
CA LYS C 272 62.20 11.09 23.69
C LYS C 272 60.99 11.43 24.52
N GLU C 273 60.58 12.68 24.50
CA GLU C 273 59.39 13.07 25.22
C GLU C 273 58.34 13.52 24.25
N ILE C 274 57.17 12.94 24.36
CA ILE C 274 56.07 13.25 23.50
C ILE C 274 55.29 14.27 24.25
N VAL C 275 54.77 15.27 23.56
CA VAL C 275 53.98 16.30 24.19
C VAL C 275 52.54 15.98 23.97
N ILE C 276 51.68 16.28 24.93
CA ILE C 276 50.25 16.17 24.73
C ILE C 276 49.62 17.55 24.76
N LYS C 277 48.82 17.88 23.75
CA LYS C 277 48.25 19.21 23.65
C LYS C 277 46.92 19.25 22.96
N ASP C 278 46.22 20.36 23.11
CA ASP C 278 44.89 20.50 22.57
C ASP C 278 44.78 21.81 21.87
N VAL C 279 43.99 21.86 20.81
CA VAL C 279 43.73 23.11 20.14
C VAL C 279 42.36 23.09 19.51
N ILE C 280 41.74 24.24 19.41
CA ILE C 280 40.40 24.35 18.89
C ILE C 280 40.32 24.06 17.41
N ALA C 281 39.30 23.34 17.00
CA ALA C 281 39.15 22.99 15.61
C ALA C 281 38.97 24.22 14.78
N ASP C 282 38.27 25.21 15.30
CA ASP C 282 37.95 26.35 14.48
C ASP C 282 39.29 26.88 14.10
N ALA C 283 40.11 27.18 15.09
CA ALA C 283 41.41 27.72 14.86
C ALA C 283 42.27 26.75 14.12
N PHE C 284 42.15 25.50 14.45
CA PHE C 284 43.14 24.55 14.03
C PHE C 284 43.22 24.53 12.55
N LEU C 285 42.10 24.72 11.88
CA LEU C 285 42.09 24.67 10.44
C LEU C 285 42.93 25.77 9.91
N GLN C 286 42.85 26.92 10.54
CA GLN C 286 43.66 28.03 10.13
C GLN C 286 45.09 27.67 10.35
N GLN C 287 45.37 27.04 11.48
CA GLN C 287 46.72 26.75 11.86
C GLN C 287 47.45 25.82 10.95
N ILE C 288 46.75 24.87 10.36
CA ILE C 288 47.43 23.87 9.58
C ILE C 288 48.16 24.41 8.37
N LEU C 289 47.61 25.41 7.71
CA LEU C 289 48.32 26.04 6.62
C LEU C 289 49.54 26.80 7.07
N LEU C 290 49.35 27.66 8.05
CA LEU C 290 50.43 28.46 8.60
C LEU C 290 51.49 27.69 9.34
N ARG C 291 51.10 26.80 10.22
CA ARG C 291 52.06 26.06 11.01
C ARG C 291 51.78 24.58 11.03
N PRO C 292 52.11 23.86 9.97
CA PRO C 292 51.87 22.44 9.97
C PRO C 292 53.04 21.68 10.52
N ALA C 293 54.16 22.34 10.69
CA ALA C 293 55.33 21.69 11.22
C ALA C 293 55.06 21.23 12.62
N GLU C 294 54.30 22.03 13.33
CA GLU C 294 54.12 21.87 14.75
C GLU C 294 53.46 20.60 15.14
N TYR C 295 52.54 20.15 14.32
CA TYR C 295 51.68 19.05 14.69
C TYR C 295 52.11 17.77 14.04
N ASP C 296 52.35 16.75 14.85
CA ASP C 296 52.67 15.47 14.29
C ASP C 296 51.47 14.57 14.25
N VAL C 297 50.85 14.34 15.39
CA VAL C 297 49.78 13.38 15.47
C VAL C 297 48.55 14.07 15.97
N ILE C 298 47.38 13.62 15.54
CA ILE C 298 46.15 14.25 15.96
C ILE C 298 45.16 13.23 16.40
N ALA C 299 44.31 13.57 17.34
CA ALA C 299 43.20 12.74 17.70
C ALA C 299 42.01 13.64 17.78
N CYS C 300 40.88 13.24 17.23
CA CYS C 300 39.70 14.10 17.25
C CYS C 300 38.39 13.38 17.10
N MET C 301 37.32 14.13 17.29
CA MET C 301 36.02 13.56 17.41
C MET C 301 35.79 13.04 16.05
N ASN C 302 34.67 12.39 15.83
CA ASN C 302 34.36 11.85 14.53
C ASN C 302 34.21 12.91 13.48
N LEU C 303 33.44 13.95 13.77
CA LEU C 303 33.22 14.98 12.78
C LEU C 303 34.46 15.73 12.39
N ASN C 304 35.23 16.15 13.35
CA ASN C 304 36.37 16.95 13.03
C ASN C 304 37.20 16.14 12.09
N GLY C 305 37.13 14.83 12.23
CA GLY C 305 37.96 13.96 11.44
C GLY C 305 37.72 14.00 9.96
N ASP C 306 36.49 13.99 9.50
CA ASP C 306 36.31 14.05 8.09
C ASP C 306 36.86 15.37 7.66
N TYR C 307 36.40 16.44 8.28
CA TYR C 307 36.70 17.74 7.74
C TYR C 307 38.19 17.91 7.73
N ILE C 308 38.85 17.63 8.83
CA ILE C 308 40.27 17.80 8.92
C ILE C 308 41.09 16.88 8.03
N SER C 309 40.82 15.60 8.10
CA SER C 309 41.61 14.67 7.33
C SER C 309 41.39 14.98 5.88
N ASP C 310 40.14 15.16 5.52
CA ASP C 310 39.80 15.34 4.14
C ASP C 310 40.52 16.58 3.72
N ALA C 311 40.47 17.56 4.59
CA ALA C 311 41.02 18.88 4.38
C ALA C 311 42.51 18.97 4.26
N LEU C 312 43.24 18.19 5.03
CA LEU C 312 44.69 18.26 4.97
C LEU C 312 45.16 17.81 3.62
N ALA C 313 44.55 16.78 3.12
CA ALA C 313 45.02 16.08 1.97
C ALA C 313 45.07 16.97 0.77
N ALA C 314 44.14 17.89 0.66
CA ALA C 314 44.07 18.73 -0.50
C ALA C 314 45.33 19.54 -0.59
N GLN C 315 45.80 19.99 0.55
CA GLN C 315 47.00 20.80 0.58
C GLN C 315 48.17 19.99 0.13
N VAL C 316 48.22 18.75 0.55
CA VAL C 316 49.28 17.87 0.18
C VAL C 316 49.02 17.28 -1.18
N GLY C 317 47.89 17.62 -1.77
CA GLY C 317 47.59 17.18 -3.10
C GLY C 317 47.33 15.71 -3.10
N GLY C 318 46.98 15.20 -1.95
CA GLY C 318 46.98 13.78 -1.71
C GLY C 318 45.71 13.01 -1.85
N ILE C 319 44.65 13.63 -2.31
CA ILE C 319 43.41 12.91 -2.32
C ILE C 319 43.60 11.71 -3.21
N GLY C 320 44.29 11.90 -4.31
CA GLY C 320 44.44 10.82 -5.25
C GLY C 320 45.16 9.68 -4.62
N ILE C 321 46.15 9.98 -3.82
CA ILE C 321 46.99 8.99 -3.21
C ILE C 321 46.73 8.87 -1.73
N ALA C 322 45.54 9.23 -1.29
CA ALA C 322 45.22 9.18 0.11
C ALA C 322 45.28 7.76 0.58
N PRO C 323 45.70 7.56 1.82
CA PRO C 323 45.80 6.24 2.38
C PRO C 323 44.92 6.15 3.58
N GLY C 324 44.43 4.97 3.94
CA GLY C 324 43.51 4.85 5.05
C GLY C 324 43.47 3.48 5.69
N ALA C 325 42.94 3.39 6.91
CA ALA C 325 42.72 2.11 7.52
C ALA C 325 41.69 2.28 8.59
N ASN C 326 41.05 1.20 9.02
CA ASN C 326 40.11 1.25 10.12
C ASN C 326 40.58 0.25 11.13
N ILE C 327 40.49 0.54 12.41
CA ILE C 327 41.11 -0.34 13.37
C ILE C 327 40.22 -0.73 14.53
N GLY C 328 40.55 -1.85 15.16
CA GLY C 328 39.64 -2.54 16.05
C GLY C 328 40.31 -3.28 17.16
N ASP C 329 39.51 -3.82 18.06
CA ASP C 329 40.03 -4.54 19.19
C ASP C 329 40.77 -5.80 18.80
N GLU C 330 40.32 -6.45 17.74
CA GLU C 330 40.95 -7.69 17.32
C GLU C 330 41.52 -7.74 15.92
N CYS C 331 41.37 -6.68 15.14
CA CYS C 331 41.85 -6.68 13.76
C CYS C 331 42.05 -5.29 13.25
N ALA C 332 42.85 -5.13 12.21
CA ALA C 332 42.97 -3.86 11.53
C ALA C 332 42.89 -4.11 10.06
N LEU C 333 42.16 -3.31 9.29
CA LEU C 333 42.06 -3.57 7.87
C LEU C 333 42.39 -2.37 7.01
N PHE C 334 43.33 -2.52 6.09
CA PHE C 334 43.86 -1.40 5.34
C PHE C 334 43.45 -1.41 3.90
N GLU C 335 42.89 -0.31 3.45
CA GLU C 335 42.15 -0.26 2.22
C GLU C 335 42.60 0.85 1.33
N ALA C 336 42.35 0.69 0.04
CA ALA C 336 42.47 1.76 -0.89
C ALA C 336 41.28 2.58 -0.61
N THR C 337 41.32 3.86 -0.93
CA THR C 337 40.24 4.74 -0.54
C THR C 337 39.60 5.45 -1.71
N HIS C 338 39.48 4.78 -2.84
CA HIS C 338 39.01 5.45 -4.05
C HIS C 338 37.96 4.68 -4.81
N GLY C 339 37.25 5.39 -5.67
CA GLY C 339 36.15 4.80 -6.37
C GLY C 339 36.71 3.77 -7.28
N THR C 340 35.87 2.83 -7.69
CA THR C 340 36.27 1.80 -8.61
C THR C 340 36.57 2.31 -9.99
N ALA C 341 35.84 3.33 -10.42
CA ALA C 341 36.17 3.86 -11.72
C ALA C 341 36.09 2.71 -12.66
N PRO C 342 34.90 2.25 -12.96
CA PRO C 342 34.72 1.08 -13.80
C PRO C 342 35.29 1.30 -15.17
N LYS C 343 35.18 2.52 -15.66
CA LYS C 343 35.39 2.79 -17.05
C LYS C 343 36.78 2.38 -17.36
N TYR C 344 37.66 2.61 -16.42
CA TYR C 344 39.06 2.39 -16.61
C TYR C 344 39.42 1.06 -16.00
N ALA C 345 38.48 0.14 -15.95
CA ALA C 345 38.77 -1.11 -15.33
C ALA C 345 39.62 -1.96 -16.24
N GLY C 346 40.83 -2.25 -15.80
CA GLY C 346 41.73 -3.15 -16.49
C GLY C 346 42.57 -2.49 -17.55
N GLN C 347 42.26 -1.24 -17.84
CA GLN C 347 42.94 -0.48 -18.86
C GLN C 347 44.40 -0.27 -18.53
N ASP C 348 44.68 -0.19 -17.24
CA ASP C 348 45.99 0.08 -16.71
C ASP C 348 46.30 1.54 -16.49
N LYS C 349 45.35 2.42 -16.76
CA LYS C 349 45.57 3.85 -16.61
C LYS C 349 45.83 4.37 -15.21
N VAL C 350 45.05 3.94 -14.24
CA VAL C 350 44.96 4.59 -12.94
C VAL C 350 46.21 4.45 -12.10
N ASN C 351 46.37 5.31 -11.09
CA ASN C 351 47.57 5.28 -10.27
C ASN C 351 47.31 4.84 -8.84
N PRO C 352 47.95 3.77 -8.42
CA PRO C 352 47.70 3.23 -7.10
C PRO C 352 48.59 3.79 -6.00
N GLY C 353 48.57 5.09 -5.79
CA GLY C 353 49.25 5.59 -4.63
C GLY C 353 48.56 5.09 -3.40
N SER C 354 47.25 5.20 -3.36
CA SER C 354 46.54 5.01 -2.12
C SER C 354 46.74 3.65 -1.60
N ILE C 355 46.58 2.66 -2.45
CA ILE C 355 46.65 1.31 -1.98
C ILE C 355 48.00 0.88 -1.53
N ILE C 356 49.04 1.33 -2.20
CA ILE C 356 50.37 0.98 -1.74
C ILE C 356 50.54 1.61 -0.39
N LEU C 357 50.23 2.88 -0.35
CA LEU C 357 50.55 3.63 0.82
C LEU C 357 49.84 2.98 1.94
N SER C 358 48.64 2.49 1.70
CA SER C 358 47.92 1.81 2.75
C SER C 358 48.73 0.63 3.19
N ALA C 359 49.42 0.00 2.25
CA ALA C 359 50.26 -1.12 2.60
C ALA C 359 51.29 -0.58 3.52
N GLU C 360 51.74 0.62 3.23
CA GLU C 360 52.76 1.23 4.01
C GLU C 360 52.31 1.41 5.43
N MET C 361 51.04 1.70 5.63
CA MET C 361 50.50 1.77 6.96
C MET C 361 50.59 0.42 7.57
N MET C 362 50.31 -0.57 6.77
CA MET C 362 50.12 -1.88 7.29
C MET C 362 51.37 -2.37 7.93
N LEU C 363 52.46 -2.22 7.19
CA LEU C 363 53.76 -2.69 7.61
C LEU C 363 54.27 -1.99 8.85
N ARG C 364 54.07 -0.69 8.93
CA ARG C 364 54.53 0.02 10.09
C ARG C 364 53.80 -0.57 11.24
N HIS C 365 52.51 -0.76 11.03
CA HIS C 365 51.63 -1.26 12.05
C HIS C 365 52.02 -2.68 12.39
N MET C 366 52.81 -3.28 11.53
CA MET C 366 53.34 -4.60 11.76
C MET C 366 54.70 -4.49 12.40
N GLY C 367 55.19 -3.28 12.56
CA GLY C 367 56.47 -3.09 13.21
C GLY C 367 57.61 -3.30 12.27
N TRP C 368 57.28 -3.61 11.03
CA TRP C 368 58.28 -3.82 10.02
C TRP C 368 58.59 -2.44 9.55
N THR C 369 59.07 -1.65 10.49
CA THR C 369 59.20 -0.25 10.24
C THR C 369 60.13 0.04 9.12
N GLU C 370 61.19 -0.73 9.00
CA GLU C 370 62.20 -0.43 8.00
C GLU C 370 61.68 -0.55 6.58
N ALA C 371 60.93 -1.60 6.29
CA ALA C 371 60.47 -1.82 4.95
C ALA C 371 59.58 -0.72 4.43
N ALA C 372 58.68 -0.26 5.27
CA ALA C 372 57.74 0.75 4.85
C ALA C 372 58.52 1.98 4.53
N ASP C 373 59.66 2.12 5.17
CA ASP C 373 60.48 3.30 4.99
C ASP C 373 60.97 3.39 3.58
N LEU C 374 61.21 2.25 2.95
CA LEU C 374 61.57 2.19 1.54
C LEU C 374 60.46 2.65 0.64
N ILE C 375 59.26 2.23 0.96
CA ILE C 375 58.15 2.48 0.08
C ILE C 375 58.03 3.97 -0.03
N VAL C 376 58.21 4.64 1.08
CA VAL C 376 58.13 6.08 1.08
C VAL C 376 59.25 6.62 0.26
N LYS C 377 60.40 5.96 0.33
CA LYS C 377 61.53 6.36 -0.47
C LYS C 377 61.12 6.17 -1.89
N GLY C 378 60.55 5.02 -2.17
CA GLY C 378 60.18 4.75 -3.54
C GLY C 378 59.19 5.74 -4.02
N MET C 379 58.13 5.97 -3.28
CA MET C 379 57.12 6.84 -3.77
C MET C 379 57.74 8.19 -3.97
N GLU C 380 58.57 8.61 -3.04
CA GLU C 380 59.12 9.94 -3.12
C GLU C 380 59.99 10.13 -4.33
N GLY C 381 60.93 9.23 -4.54
CA GLY C 381 61.83 9.40 -5.64
C GLY C 381 61.07 9.37 -6.92
N ALA C 382 60.12 8.47 -7.01
CA ALA C 382 59.41 8.27 -8.25
C ALA C 382 58.63 9.48 -8.66
N ILE C 383 57.88 10.07 -7.76
CA ILE C 383 57.16 11.28 -8.09
C ILE C 383 58.05 12.48 -8.35
N ASN C 384 59.09 12.66 -7.57
CA ASN C 384 59.92 13.84 -7.75
C ASN C 384 60.50 13.76 -9.11
N ALA C 385 60.85 12.56 -9.51
CA ALA C 385 61.50 12.34 -10.77
C ALA C 385 60.56 12.67 -11.89
N LYS C 386 59.30 12.88 -11.53
CA LYS C 386 58.31 13.26 -12.50
C LYS C 386 57.95 12.16 -13.46
N THR C 387 58.15 10.91 -13.08
CA THR C 387 57.65 9.80 -13.87
C THR C 387 56.42 9.33 -13.16
N VAL C 388 55.26 9.40 -13.78
CA VAL C 388 54.04 9.11 -13.08
C VAL C 388 52.89 8.76 -13.96
N THR C 389 51.79 8.48 -13.31
CA THR C 389 50.59 7.99 -13.93
C THR C 389 49.94 9.17 -14.57
N TYR C 390 48.80 8.95 -15.20
CA TYR C 390 48.13 10.01 -15.88
C TYR C 390 47.68 11.07 -14.93
N ASP C 391 47.16 10.67 -13.78
CA ASP C 391 46.39 11.59 -13.01
C ASP C 391 47.26 12.72 -12.62
N PHE C 392 48.42 12.41 -12.09
CA PHE C 392 49.36 13.46 -11.76
C PHE C 392 49.89 14.15 -12.97
N GLU C 393 50.28 13.37 -13.94
CA GLU C 393 51.08 13.85 -15.00
C GLU C 393 50.36 14.95 -15.69
N ARG C 394 49.06 14.85 -15.79
CA ARG C 394 48.34 15.79 -16.60
C ARG C 394 48.63 17.13 -15.98
N LEU C 395 48.75 17.14 -14.67
CA LEU C 395 49.09 18.33 -13.92
C LEU C 395 50.51 18.90 -14.04
N MET C 396 51.52 18.03 -13.99
CA MET C 396 52.89 18.49 -13.91
C MET C 396 53.44 18.95 -15.22
N ASP C 397 54.65 19.47 -15.19
CA ASP C 397 55.31 19.93 -16.37
C ASP C 397 56.43 19.00 -16.70
N GLY C 398 56.48 18.52 -17.93
CA GLY C 398 57.54 17.61 -18.31
C GLY C 398 57.70 16.33 -17.54
N ALA C 399 56.60 15.65 -17.26
CA ALA C 399 56.63 14.33 -16.63
C ALA C 399 56.90 13.30 -17.68
N LYS C 400 57.10 12.06 -17.27
CA LYS C 400 57.09 10.95 -18.21
C LYS C 400 55.93 10.08 -17.78
N LEU C 401 54.89 9.96 -18.60
CA LEU C 401 53.69 9.25 -18.21
C LEU C 401 53.91 7.77 -18.12
N LEU C 402 53.27 7.15 -17.14
CA LEU C 402 53.41 5.72 -16.93
C LEU C 402 52.10 5.00 -16.75
N LYS C 403 52.07 3.74 -17.15
CA LYS C 403 50.94 2.89 -17.00
C LYS C 403 50.97 2.53 -15.56
N CYS C 404 49.91 1.93 -15.08
CA CYS C 404 49.83 1.59 -13.70
C CYS C 404 50.88 0.58 -13.32
N SER C 405 51.04 -0.44 -14.14
CA SER C 405 51.89 -1.55 -13.81
C SER C 405 53.31 -1.12 -13.63
N GLU C 406 53.80 -0.32 -14.57
CA GLU C 406 55.16 0.17 -14.59
C GLU C 406 55.53 1.07 -13.44
N PHE C 407 54.62 1.92 -13.04
CA PHE C 407 54.90 2.92 -12.03
C PHE C 407 55.31 2.15 -10.83
N GLY C 408 54.58 1.10 -10.56
CA GLY C 408 54.82 0.28 -9.41
C GLY C 408 56.22 -0.22 -9.55
N ASP C 409 56.69 -0.37 -10.78
CA ASP C 409 58.08 -0.62 -11.00
C ASP C 409 58.84 0.61 -10.62
N ALA C 410 58.31 1.74 -11.05
CA ALA C 410 59.04 2.96 -10.97
C ALA C 410 59.33 3.18 -9.54
N ILE C 411 58.39 2.81 -8.70
CA ILE C 411 58.60 3.00 -7.31
C ILE C 411 59.78 2.16 -6.97
N ILE C 412 59.83 0.95 -7.48
CA ILE C 412 60.89 0.05 -7.12
C ILE C 412 62.23 0.58 -7.53
N GLU C 413 62.29 1.22 -8.68
CA GLU C 413 63.56 1.67 -9.20
C GLU C 413 64.11 2.62 -8.19
N ASN C 414 63.22 3.39 -7.60
CA ASN C 414 63.62 4.44 -6.71
C ASN C 414 63.75 3.93 -5.31
N MET C 415 63.59 2.63 -5.13
CA MET C 415 63.67 2.03 -3.81
C MET C 415 65.07 1.95 -3.31
N GLU D 1 20.17 62.13 31.70
CA GLU D 1 19.73 61.58 30.44
C GLU D 1 20.92 61.26 29.60
N SER D 2 20.69 60.91 28.35
CA SER D 2 21.75 60.47 27.47
C SER D 2 22.74 61.58 27.22
N LYS D 3 23.98 61.20 27.02
CA LYS D 3 25.05 62.15 26.85
C LYS D 3 25.58 62.10 25.44
N VAL D 4 24.71 61.79 24.49
CA VAL D 4 25.07 61.79 23.10
C VAL D 4 24.26 62.80 22.32
N VAL D 5 24.92 63.67 21.58
CA VAL D 5 24.24 64.60 20.73
C VAL D 5 23.71 63.88 19.52
N VAL D 6 22.56 64.27 19.03
CA VAL D 6 22.08 63.74 17.77
C VAL D 6 22.37 64.82 16.77
N PRO D 7 23.16 64.52 15.76
CA PRO D 7 23.68 65.59 14.93
C PRO D 7 22.57 66.34 14.26
N ALA D 8 22.65 67.65 14.19
CA ALA D 8 21.54 68.36 13.61
C ALA D 8 21.35 68.03 12.16
N GLN D 9 22.43 68.12 11.39
CA GLN D 9 22.36 68.03 9.94
C GLN D 9 21.85 66.70 9.39
N GLY D 10 22.06 65.63 10.13
CA GLY D 10 21.77 64.28 9.67
C GLY D 10 20.32 63.91 9.61
N LYS D 11 20.00 62.78 9.00
CA LYS D 11 18.65 62.28 8.96
C LYS D 11 18.67 60.80 9.24
N LYS D 12 17.60 60.31 9.85
CA LYS D 12 17.48 58.93 10.28
C LYS D 12 17.33 58.00 9.10
N ILE D 13 18.14 56.97 9.08
CA ILE D 13 18.00 55.95 8.08
C ILE D 13 16.64 55.45 8.42
N THR D 14 15.88 54.99 7.44
CA THR D 14 14.58 54.47 7.72
C THR D 14 14.29 53.29 6.83
N LEU D 15 13.48 52.37 7.33
CA LEU D 15 13.07 51.21 6.55
C LEU D 15 11.58 51.09 6.46
N GLN D 16 11.07 51.09 5.25
CA GLN D 16 9.67 50.78 5.03
C GLN D 16 9.62 49.71 3.97
N ASN D 17 8.80 48.70 4.20
CA ASN D 17 8.64 47.62 3.26
C ASN D 17 9.80 46.67 3.32
N GLY D 18 10.63 46.86 4.33
CA GLY D 18 11.70 45.93 4.60
C GLY D 18 12.85 46.17 3.67
N LYS D 19 12.70 47.16 2.81
CA LYS D 19 13.80 47.55 1.96
C LYS D 19 14.27 48.88 2.43
N LEU D 20 15.55 48.95 2.78
CA LEU D 20 16.09 50.11 3.40
C LEU D 20 15.99 51.30 2.49
N ASN D 21 15.57 52.42 3.04
CA ASN D 21 15.63 53.67 2.32
C ASN D 21 16.66 54.47 3.05
N VAL D 22 17.76 54.79 2.38
CA VAL D 22 18.83 55.49 3.04
C VAL D 22 18.98 56.90 2.52
N PRO D 23 18.85 57.86 3.39
CA PRO D 23 18.94 59.26 2.98
C PRO D 23 20.35 59.56 2.58
N GLU D 24 20.56 60.64 1.86
CA GLU D 24 21.88 61.09 1.48
C GLU D 24 22.73 61.49 2.67
N ASN D 25 22.07 62.09 3.65
CA ASN D 25 22.68 62.90 4.67
C ASN D 25 22.77 62.12 5.95
N PRO D 26 22.96 60.84 5.85
CA PRO D 26 22.59 59.89 6.90
C PRO D 26 23.34 60.05 8.18
N ILE D 27 22.77 59.55 9.26
CA ILE D 27 23.38 59.56 10.56
C ILE D 27 23.77 58.15 10.88
N ILE D 28 25.02 57.93 11.25
CA ILE D 28 25.48 56.60 11.56
C ILE D 28 26.07 56.54 12.94
N PRO D 29 25.74 55.52 13.71
CA PRO D 29 26.15 55.44 15.11
C PRO D 29 27.32 54.51 15.30
N TYR D 30 28.40 54.96 15.93
CA TYR D 30 29.59 54.16 16.04
C TYR D 30 30.12 54.10 17.45
N ILE D 31 30.82 53.03 17.78
CA ILE D 31 31.39 52.85 19.10
C ILE D 31 32.90 52.80 18.98
N GLU D 32 33.60 53.69 19.65
CA GLU D 32 35.01 53.76 19.39
C GLU D 32 35.61 52.44 19.72
N GLY D 33 35.29 51.91 20.89
CA GLY D 33 35.81 50.63 21.30
C GLY D 33 36.95 50.66 22.30
N ASP D 34 37.14 49.54 22.96
CA ASP D 34 38.15 49.41 23.98
C ASP D 34 39.52 49.34 23.37
N GLY D 35 40.54 49.67 24.13
CA GLY D 35 41.88 49.43 23.69
C GLY D 35 42.20 50.08 22.38
N ILE D 36 42.64 49.29 21.43
CA ILE D 36 43.19 49.78 20.19
C ILE D 36 42.15 50.46 19.35
N GLY D 37 40.91 50.32 19.74
CA GLY D 37 39.83 50.79 18.92
C GLY D 37 40.06 52.25 18.70
N VAL D 38 40.67 52.89 19.66
CA VAL D 38 40.96 54.30 19.57
C VAL D 38 41.92 54.50 18.44
N ASP D 39 42.89 53.60 18.34
CA ASP D 39 43.89 53.73 17.34
C ASP D 39 43.27 53.64 15.98
N VAL D 40 42.59 52.52 15.76
CA VAL D 40 41.91 52.21 14.52
C VAL D 40 40.68 53.00 14.13
N THR D 41 39.76 53.19 15.06
CA THR D 41 38.44 53.68 14.72
C THR D 41 38.51 55.02 14.10
N PRO D 42 39.38 55.87 14.58
CA PRO D 42 39.43 57.21 14.04
C PRO D 42 39.79 57.17 12.58
N ALA D 43 40.68 56.27 12.19
CA ALA D 43 41.18 56.26 10.83
C ALA D 43 40.04 56.01 9.90
N MET D 44 39.20 55.09 10.28
CA MET D 44 38.15 54.62 9.42
C MET D 44 37.30 55.79 9.07
N LEU D 45 37.16 56.70 10.01
CA LEU D 45 36.36 57.85 9.77
C LEU D 45 37.03 58.62 8.68
N LYS D 46 38.35 58.72 8.76
CA LYS D 46 39.05 59.52 7.79
C LYS D 46 38.84 58.91 6.44
N VAL D 47 39.09 57.62 6.34
CA VAL D 47 38.99 56.98 5.05
C VAL D 47 37.60 57.02 4.53
N VAL D 48 36.67 56.65 5.38
CA VAL D 48 35.34 56.40 4.92
C VAL D 48 34.85 57.65 4.30
N ASP D 49 35.07 58.75 4.97
CA ASP D 49 34.58 60.02 4.49
C ASP D 49 35.26 60.36 3.18
N ALA D 50 36.52 59.99 3.08
CA ALA D 50 37.24 60.30 1.88
C ALA D 50 36.60 59.56 0.76
N ALA D 51 36.36 58.30 0.99
CA ALA D 51 35.82 57.47 -0.04
C ALA D 51 34.50 58.06 -0.40
N VAL D 52 33.79 58.52 0.61
CA VAL D 52 32.53 59.18 0.37
C VAL D 52 32.61 60.52 -0.34
N GLU D 53 33.59 61.34 -0.01
CA GLU D 53 33.70 62.61 -0.68
C GLU D 53 34.05 62.50 -2.14
N LYS D 54 35.08 61.73 -2.44
CA LYS D 54 35.51 61.64 -3.81
C LYS D 54 34.43 61.01 -4.65
N ALA D 55 33.89 59.93 -4.15
CA ALA D 55 33.05 59.05 -4.94
C ALA D 55 31.79 59.71 -5.43
N TYR D 56 31.11 60.40 -4.54
CA TYR D 56 29.84 60.99 -4.88
C TYR D 56 29.96 62.47 -5.17
N LYS D 57 31.18 62.96 -5.25
CA LYS D 57 31.42 64.33 -5.66
C LYS D 57 31.22 65.31 -4.54
N GLY D 58 31.00 64.82 -3.35
CA GLY D 58 30.71 65.69 -2.22
C GLY D 58 29.25 66.02 -2.08
N GLU D 59 28.43 65.38 -2.89
CA GLU D 59 27.01 65.55 -2.77
C GLU D 59 26.50 65.03 -1.43
N ARG D 60 27.12 63.97 -0.93
CA ARG D 60 26.67 63.35 0.29
C ARG D 60 27.76 63.31 1.34
N LYS D 61 27.38 63.44 2.61
CA LYS D 61 28.33 63.36 3.70
C LYS D 61 27.65 62.63 4.82
N ILE D 62 28.41 62.03 5.70
CA ILE D 62 27.84 61.21 6.74
C ILE D 62 27.90 61.91 8.07
N SER D 63 26.81 61.87 8.82
CA SER D 63 26.83 62.50 10.11
C SER D 63 27.06 61.46 11.16
N TRP D 64 28.30 61.35 11.60
CA TRP D 64 28.67 60.38 12.58
C TRP D 64 28.06 60.72 13.89
N MET D 65 27.67 59.71 14.65
CA MET D 65 27.30 59.89 16.03
C MET D 65 28.00 58.84 16.85
N GLU D 66 28.55 59.22 17.99
CA GLU D 66 29.27 58.26 18.80
C GLU D 66 28.38 57.77 19.89
N ILE D 67 27.84 56.58 19.78
CA ILE D 67 27.20 55.97 20.91
C ILE D 67 28.32 55.38 21.73
N TYR D 68 28.09 55.05 22.99
CA TYR D 68 29.17 54.58 23.85
C TYR D 68 28.86 53.22 24.44
N THR D 69 29.87 52.40 24.59
CA THR D 69 29.70 51.15 25.28
C THR D 69 31.09 50.73 25.67
N GLY D 70 31.18 49.92 26.71
CA GLY D 70 32.48 49.48 27.14
C GLY D 70 33.14 50.49 28.02
N GLU D 71 34.44 50.38 28.14
CA GLU D 71 35.17 51.00 29.21
C GLU D 71 34.88 52.45 29.12
N LYS D 72 34.87 52.97 27.92
CA LYS D 72 34.49 54.35 27.74
C LYS D 72 33.07 54.48 28.21
N SER D 73 32.39 53.36 28.24
CA SER D 73 31.02 53.36 28.63
C SER D 73 31.05 53.88 30.05
N THR D 74 32.00 53.37 30.81
CA THR D 74 32.16 53.72 32.21
C THR D 74 32.52 55.15 32.45
N GLN D 75 33.42 55.65 31.62
CA GLN D 75 33.97 56.96 31.82
C GLN D 75 32.90 58.00 31.68
N VAL D 76 31.85 57.70 30.94
CA VAL D 76 30.83 58.69 30.71
C VAL D 76 29.57 58.48 31.52
N TYR D 77 28.82 57.46 31.15
CA TYR D 77 27.54 57.23 31.79
C TYR D 77 27.60 56.85 33.26
N GLY D 78 28.48 55.92 33.60
CA GLY D 78 28.43 55.29 34.90
C GLY D 78 29.74 54.67 35.29
N GLN D 79 29.77 54.03 36.44
CA GLN D 79 30.92 53.27 36.83
C GLN D 79 30.74 51.79 36.62
N ASP D 80 29.51 51.36 36.40
CA ASP D 80 29.30 50.02 35.92
C ASP D 80 28.24 49.89 34.86
N VAL D 81 27.94 51.00 34.21
CA VAL D 81 27.04 50.97 33.11
C VAL D 81 27.92 50.63 31.94
N TRP D 82 28.37 49.38 31.90
CA TRP D 82 29.16 48.96 30.79
C TRP D 82 28.35 49.01 29.52
N LEU D 83 27.07 48.64 29.58
CA LEU D 83 26.21 48.67 28.40
C LEU D 83 24.85 49.34 28.58
N PRO D 84 24.78 50.65 28.45
CA PRO D 84 23.51 51.33 28.68
C PRO D 84 22.48 50.96 27.67
N ALA D 85 21.23 51.03 28.06
CA ALA D 85 20.11 50.65 27.23
C ALA D 85 20.00 51.52 26.00
N GLU D 86 20.34 52.78 26.15
CA GLU D 86 20.01 53.74 25.14
C GLU D 86 20.66 53.25 23.89
N THR D 87 21.83 52.67 24.04
CA THR D 87 22.60 52.35 22.88
C THR D 87 21.77 51.41 22.04
N LEU D 88 21.21 50.40 22.66
CA LEU D 88 20.58 49.37 21.87
C LEU D 88 19.50 50.07 21.11
N ASP D 89 18.78 50.92 21.82
CA ASP D 89 17.68 51.62 21.23
C ASP D 89 18.18 52.48 20.11
N LEU D 90 19.39 52.98 20.26
CA LEU D 90 19.97 53.76 19.20
C LEU D 90 20.22 52.93 17.97
N ILE D 91 20.83 51.77 18.15
CA ILE D 91 21.11 50.92 17.01
C ILE D 91 19.84 50.45 16.36
N ARG D 92 18.84 50.12 17.16
CA ARG D 92 17.61 49.60 16.59
C ARG D 92 16.89 50.63 15.73
N GLU D 93 16.72 51.84 16.23
CA GLU D 93 16.08 52.87 15.43
C GLU D 93 16.90 53.32 14.25
N TYR D 94 18.16 53.59 14.49
CA TYR D 94 19.04 54.03 13.42
C TYR D 94 19.34 53.01 12.34
N ARG D 95 19.44 51.75 12.70
CA ARG D 95 19.32 50.67 11.77
C ARG D 95 20.61 50.21 11.18
N VAL D 96 21.63 51.05 11.24
CA VAL D 96 22.94 50.60 10.80
C VAL D 96 24.00 51.29 11.62
N ALA D 97 24.99 50.57 12.12
CA ALA D 97 26.05 51.21 12.88
C ALA D 97 27.29 50.38 12.94
N ILE D 98 28.40 50.97 13.36
CA ILE D 98 29.69 50.31 13.32
C ILE D 98 30.50 50.53 14.57
N LYS D 99 31.30 49.56 14.96
CA LYS D 99 31.98 49.59 16.23
C LYS D 99 33.40 49.12 16.17
N GLY D 100 34.18 49.58 17.12
CA GLY D 100 35.52 49.09 17.31
C GLY D 100 35.31 47.83 18.09
N PRO D 101 36.36 47.14 18.50
CA PRO D 101 36.20 45.92 19.28
C PRO D 101 35.97 46.18 20.73
N LEU D 102 35.50 45.18 21.46
CA LEU D 102 35.27 45.31 22.89
C LEU D 102 35.97 44.17 23.59
N THR D 103 36.23 44.32 24.87
CA THR D 103 37.04 43.32 25.53
C THR D 103 36.34 42.01 25.55
N THR D 104 37.02 41.03 25.00
CA THR D 104 36.58 39.68 25.04
C THR D 104 36.74 39.29 26.48
N PRO D 105 35.94 38.36 26.97
CA PRO D 105 36.07 37.92 28.36
C PRO D 105 36.56 36.53 28.41
N VAL D 106 37.82 36.34 28.78
CA VAL D 106 38.40 35.02 28.87
C VAL D 106 37.78 34.16 29.94
N GLY D 107 37.49 34.75 31.08
CA GLY D 107 37.00 33.98 32.20
C GLY D 107 35.68 33.35 31.87
N GLY D 108 35.37 32.25 32.53
CA GLY D 108 34.14 31.52 32.29
C GLY D 108 32.81 32.16 32.60
N GLY D 109 32.70 32.80 33.75
CA GLY D 109 31.41 33.29 34.18
C GLY D 109 31.09 34.73 33.82
N ILE D 110 32.05 35.43 33.22
CA ILE D 110 31.87 36.84 32.94
C ILE D 110 30.88 37.09 31.82
N ARG D 111 30.34 38.30 31.78
CA ARG D 111 29.34 38.71 30.82
C ARG D 111 30.04 39.45 29.70
N SER D 112 29.81 39.02 28.46
CA SER D 112 30.62 39.45 27.35
C SER D 112 29.88 40.50 26.59
N LEU D 113 30.50 41.64 26.42
CA LEU D 113 29.87 42.75 25.74
C LEU D 113 29.60 42.47 24.28
N ASN D 114 30.53 41.83 23.61
CA ASN D 114 30.42 41.65 22.20
C ASN D 114 29.18 40.87 21.97
N VAL D 115 29.04 39.80 22.71
CA VAL D 115 27.93 38.90 22.53
C VAL D 115 26.63 39.57 22.80
N ALA D 116 26.58 40.32 23.88
CA ALA D 116 25.32 40.76 24.35
C ALA D 116 24.73 41.56 23.25
N LEU D 117 25.57 42.34 22.60
CA LEU D 117 25.05 43.25 21.61
C LEU D 117 24.41 42.46 20.52
N ARG D 118 25.10 41.48 19.98
CA ARG D 118 24.49 40.73 18.91
C ARG D 118 23.32 39.98 19.44
N GLN D 119 23.49 39.33 20.56
CA GLN D 119 22.43 38.47 21.06
C GLN D 119 21.17 39.24 21.37
N GLU D 120 21.32 40.36 22.06
CA GLU D 120 20.16 41.10 22.51
C GLU D 120 19.31 41.62 21.38
N LEU D 121 19.94 42.08 20.32
CA LEU D 121 19.19 42.62 19.19
C LEU D 121 18.86 41.55 18.20
N ASP D 122 19.22 40.32 18.53
CA ASP D 122 18.90 39.23 17.66
C ASP D 122 19.41 39.45 16.25
N LEU D 123 20.70 39.74 16.12
CA LEU D 123 21.28 39.79 14.80
C LEU D 123 21.68 38.37 14.58
N TYR D 124 20.90 37.65 13.80
CA TYR D 124 21.07 36.20 13.69
C TYR D 124 21.95 35.71 12.57
N ILE D 125 22.37 36.60 11.69
CA ILE D 125 23.18 36.20 10.55
C ILE D 125 24.51 36.81 10.77
N CYS D 126 25.57 36.03 10.63
CA CYS D 126 26.89 36.61 10.73
C CYS D 126 27.53 36.51 9.38
N LEU D 127 27.72 37.63 8.71
CA LEU D 127 28.14 37.60 7.34
C LEU D 127 29.55 38.04 7.29
N ARG D 128 30.43 37.17 6.82
CA ARG D 128 31.78 37.57 6.63
C ARG D 128 32.13 37.37 5.19
N PRO D 129 32.75 38.35 4.56
CA PRO D 129 33.16 38.25 3.18
C PRO D 129 34.65 38.19 3.10
N VAL D 130 35.20 37.29 2.30
CA VAL D 130 36.62 37.11 2.23
C VAL D 130 37.08 37.29 0.81
N ARG D 131 38.20 37.97 0.63
CA ARG D 131 38.63 38.39 -0.67
C ARG D 131 40.10 38.55 -0.49
N TYR D 132 40.84 38.69 -1.57
CA TYR D 132 42.27 38.82 -1.48
C TYR D 132 42.64 40.18 -1.94
N TYR D 133 43.53 40.82 -1.20
CA TYR D 133 43.98 42.14 -1.55
C TYR D 133 45.39 42.04 -2.01
N GLN D 134 45.65 42.55 -3.20
CA GLN D 134 46.82 42.20 -3.95
C GLN D 134 48.08 42.58 -3.23
N GLY D 135 49.08 41.72 -3.32
CA GLY D 135 50.37 41.94 -2.71
C GLY D 135 50.42 41.40 -1.31
N THR D 136 49.26 40.98 -0.81
CA THR D 136 49.13 40.42 0.50
C THR D 136 49.87 39.14 0.50
N PRO D 137 50.32 38.71 1.66
CA PRO D 137 51.14 37.51 1.76
C PRO D 137 50.33 36.34 2.24
N SER D 138 50.32 35.25 1.50
CA SER D 138 49.47 34.14 1.85
C SER D 138 50.07 32.78 1.58
N PRO D 139 49.59 31.76 2.25
CA PRO D 139 50.11 30.42 2.08
C PRO D 139 49.88 29.79 0.72
N VAL D 140 48.69 29.96 0.17
CA VAL D 140 48.30 29.35 -1.08
C VAL D 140 48.94 30.02 -2.26
N LYS D 141 49.25 29.27 -3.30
CA LYS D 141 49.92 29.83 -4.45
C LYS D 141 49.11 30.87 -5.17
N HIS D 142 47.85 30.57 -5.41
CA HIS D 142 47.03 31.38 -6.27
C HIS D 142 45.79 31.75 -5.52
N PRO D 143 45.95 32.73 -4.66
CA PRO D 143 44.87 33.21 -3.83
C PRO D 143 44.19 34.37 -4.48
N GLU D 144 44.62 34.68 -5.69
CA GLU D 144 44.06 35.76 -6.44
C GLU D 144 42.62 35.41 -6.68
N LEU D 145 42.38 34.14 -6.84
CA LEU D 145 41.09 33.59 -7.22
C LEU D 145 39.95 33.78 -6.24
N THR D 146 40.24 33.85 -4.95
CA THR D 146 39.17 33.85 -3.97
C THR D 146 38.43 35.16 -3.83
N ASP D 147 37.16 35.16 -4.20
CA ASP D 147 36.19 36.15 -3.76
C ASP D 147 35.00 35.39 -3.29
N MET D 148 34.67 35.46 -2.01
CA MET D 148 33.51 34.79 -1.49
C MET D 148 32.92 35.63 -0.39
N VAL D 149 31.63 35.41 -0.15
CA VAL D 149 30.94 36.02 0.95
C VAL D 149 30.26 34.94 1.73
N ILE D 150 30.42 34.89 3.04
CA ILE D 150 29.96 33.76 3.81
C ILE D 150 28.84 34.07 4.75
N PHE D 151 27.73 33.37 4.61
CA PHE D 151 26.60 33.58 5.48
C PHE D 151 26.44 32.39 6.39
N ARG D 152 26.46 32.64 7.69
CA ARG D 152 26.34 31.62 8.71
C ARG D 152 25.32 32.16 9.66
N GLU D 153 24.74 31.33 10.50
CA GLU D 153 23.78 31.82 11.43
C GLU D 153 24.14 31.54 12.87
N ASN D 154 24.17 32.60 13.65
CA ASN D 154 24.52 32.50 15.03
C ASN D 154 23.53 31.71 15.84
N SER D 155 22.26 31.92 15.61
CA SER D 155 21.26 31.19 16.34
C SER D 155 21.15 29.76 15.86
N GLU D 156 20.52 28.92 16.65
CA GLU D 156 20.01 27.68 16.11
C GLU D 156 20.97 26.75 15.40
N ASP D 157 21.87 26.16 16.16
CA ASP D 157 22.67 25.04 15.68
C ASP D 157 23.25 24.39 16.91
N ILE D 158 24.26 23.57 16.75
CA ILE D 158 24.87 22.99 17.92
C ILE D 158 25.35 24.12 18.82
N TYR D 159 25.28 25.30 18.26
CA TYR D 159 25.77 26.50 18.89
C TYR D 159 24.72 27.09 19.81
N ALA D 160 23.67 26.32 20.00
CA ALA D 160 22.71 26.58 21.04
C ALA D 160 23.47 26.43 22.33
N GLY D 161 24.39 25.49 22.35
CA GLY D 161 25.08 25.20 23.58
C GLY D 161 24.26 24.35 24.53
N ILE D 162 23.36 23.56 23.98
CA ILE D 162 22.49 22.75 24.82
C ILE D 162 23.11 21.40 25.04
N GLU D 163 23.56 21.14 26.25
CA GLU D 163 24.28 19.93 26.53
C GLU D 163 24.21 19.62 28.00
N TRP D 164 24.50 18.39 28.38
CA TRP D 164 24.56 18.05 29.78
C TRP D 164 25.78 17.24 30.14
N LYS D 165 26.44 17.61 31.23
CA LYS D 165 27.71 17.05 31.58
C LYS D 165 27.51 15.60 31.84
N ALA D 166 28.53 14.79 31.62
CA ALA D 166 28.38 13.37 31.74
C ALA D 166 28.06 13.03 33.17
N ASP D 167 27.13 12.11 33.38
CA ASP D 167 26.78 11.79 34.74
C ASP D 167 26.18 12.98 35.45
N SER D 168 25.33 13.71 34.74
CA SER D 168 24.71 14.88 35.28
C SER D 168 23.40 14.58 35.96
N ALA D 169 23.02 13.32 36.01
CA ALA D 169 21.77 13.02 36.61
C ALA D 169 20.79 13.50 35.60
N ASP D 170 20.88 14.78 35.30
CA ASP D 170 19.97 15.32 34.32
C ASP D 170 20.23 14.64 33.01
N ALA D 171 21.48 14.53 32.63
CA ALA D 171 21.78 13.91 31.36
C ALA D 171 21.33 12.47 31.37
N GLU D 172 21.60 11.79 32.46
CA GLU D 172 21.26 10.39 32.56
C GLU D 172 19.78 10.29 32.41
N LYS D 173 19.09 11.32 32.84
CA LYS D 173 17.67 11.32 32.68
C LYS D 173 17.43 11.29 31.21
N VAL D 174 18.18 12.10 30.49
CA VAL D 174 17.96 12.24 29.06
C VAL D 174 18.24 11.00 28.27
N ILE D 175 19.26 10.25 28.63
CA ILE D 175 19.52 9.07 27.87
C ILE D 175 18.29 8.21 27.99
N LYS D 176 17.83 8.06 29.22
CA LYS D 176 16.80 7.09 29.53
C LYS D 176 15.61 7.46 28.69
N PHE D 177 15.42 8.75 28.54
CA PHE D 177 14.31 9.25 27.78
C PHE D 177 14.54 8.70 26.39
N LEU D 178 15.72 8.95 25.86
CA LEU D 178 16.06 8.49 24.53
C LEU D 178 16.17 7.00 24.39
N ARG D 179 16.97 6.40 25.25
CA ARG D 179 17.32 5.03 25.05
C ARG D 179 16.07 4.18 25.13
N GLU D 180 15.24 4.41 26.12
CA GLU D 180 14.08 3.55 26.29
C GLU D 180 12.77 4.10 25.79
N GLU D 181 12.40 5.30 26.18
CA GLU D 181 11.16 5.85 25.66
C GLU D 181 11.24 6.10 24.18
N MET D 182 12.27 6.83 23.77
CA MET D 182 12.64 6.96 22.37
C MET D 182 13.18 5.65 21.81
N GLY D 183 13.91 4.93 22.65
CA GLY D 183 14.47 3.66 22.26
C GLY D 183 15.42 3.63 21.10
N VAL D 184 16.34 4.59 21.06
CA VAL D 184 17.41 4.59 20.08
C VAL D 184 18.43 3.52 20.39
N LYS D 185 18.84 2.77 19.39
CA LYS D 185 19.80 1.72 19.60
C LYS D 185 21.20 2.13 19.18
N LYS D 186 21.35 3.38 18.82
CA LYS D 186 22.56 3.87 18.18
C LYS D 186 23.64 4.39 19.11
N ILE D 187 23.45 4.34 20.42
CA ILE D 187 24.49 4.84 21.31
C ILE D 187 25.35 3.70 21.79
N ARG D 188 26.55 3.61 21.27
CA ARG D 188 27.41 2.51 21.62
C ARG D 188 27.74 2.55 23.09
N PHE D 189 28.05 3.72 23.60
CA PHE D 189 28.38 3.83 25.00
C PHE D 189 27.40 4.75 25.65
N PRO D 190 26.56 4.24 26.54
CA PRO D 190 25.55 5.07 27.18
C PRO D 190 25.87 5.42 28.61
N GLU D 191 27.05 5.09 29.08
CA GLU D 191 27.39 5.39 30.45
C GLU D 191 28.57 6.31 30.45
N HIS D 192 28.64 7.21 31.41
CA HIS D 192 29.76 8.10 31.43
C HIS D 192 29.79 8.73 30.07
N CYS D 193 28.66 9.30 29.69
CA CYS D 193 28.54 9.95 28.42
C CYS D 193 27.86 11.26 28.61
N GLY D 194 28.12 12.20 27.72
CA GLY D 194 27.59 13.54 27.82
C GLY D 194 26.94 13.86 26.52
N ILE D 195 25.93 14.71 26.54
CA ILE D 195 25.13 14.93 25.35
C ILE D 195 24.89 16.37 25.01
N GLY D 196 24.55 16.59 23.76
CA GLY D 196 24.29 17.91 23.23
C GLY D 196 23.12 17.76 22.31
N ILE D 197 22.48 18.86 21.98
CA ILE D 197 21.36 18.79 21.08
C ILE D 197 21.60 19.74 19.94
N LYS D 198 21.45 19.24 18.73
CA LYS D 198 21.58 20.08 17.57
C LYS D 198 20.25 20.14 16.93
N PRO D 199 19.75 21.31 16.62
CA PRO D 199 18.45 21.41 15.96
C PRO D 199 18.50 22.27 14.74
N CYS D 200 17.58 22.10 13.79
CA CYS D 200 17.37 23.11 12.75
C CYS D 200 15.91 23.42 12.39
N SER D 201 15.55 24.68 12.33
CA SER D 201 14.19 25.09 12.04
C SER D 201 13.97 25.02 10.57
N GLU D 202 12.73 24.98 10.15
CA GLU D 202 12.45 25.43 8.82
C GLU D 202 12.69 26.91 8.87
N GLU D 203 12.16 27.54 9.90
CA GLU D 203 12.15 28.97 9.97
C GLU D 203 13.52 29.51 10.06
N GLY D 204 14.33 28.91 10.91
CA GLY D 204 15.63 29.47 11.16
C GLY D 204 16.41 29.44 9.88
N THR D 205 16.29 28.32 9.18
CA THR D 205 17.08 28.11 8.00
C THR D 205 16.76 29.12 6.93
N LYS D 206 15.48 29.28 6.66
CA LYS D 206 15.08 30.19 5.62
C LYS D 206 15.34 31.61 6.06
N ARG D 207 15.69 31.78 7.33
CA ARG D 207 15.83 33.10 7.89
C ARG D 207 16.91 33.76 7.10
N LEU D 208 17.99 33.03 6.85
CA LEU D 208 19.17 33.58 6.19
C LEU D 208 19.27 33.36 4.69
N VAL D 209 18.98 32.14 4.28
CA VAL D 209 19.12 31.79 2.89
C VAL D 209 18.24 32.72 2.13
N ARG D 210 17.20 33.21 2.77
CA ARG D 210 16.43 34.25 2.16
C ARG D 210 17.36 35.42 2.05
N ALA D 211 18.17 35.63 3.07
CA ALA D 211 19.04 36.77 3.07
C ALA D 211 20.06 36.68 1.98
N ALA D 212 20.70 35.54 1.88
CA ALA D 212 21.85 35.46 1.03
C ALA D 212 21.39 35.83 -0.33
N ILE D 213 20.21 35.37 -0.67
CA ILE D 213 19.72 35.52 -2.00
C ILE D 213 19.56 36.98 -2.32
N GLU D 214 19.11 37.75 -1.35
CA GLU D 214 19.02 39.18 -1.53
C GLU D 214 20.35 39.87 -1.66
N TYR D 215 21.34 39.42 -0.89
CA TYR D 215 22.66 40.00 -0.96
C TYR D 215 23.17 39.74 -2.34
N ALA D 216 23.05 38.52 -2.78
CA ALA D 216 23.55 38.14 -4.07
C ALA D 216 22.83 38.92 -5.10
N ILE D 217 21.54 39.04 -4.93
CA ILE D 217 20.76 39.73 -5.93
C ILE D 217 21.19 41.16 -6.01
N ALA D 218 21.35 41.79 -4.87
CA ALA D 218 21.63 43.20 -4.83
C ALA D 218 22.94 43.55 -5.45
N ASN D 219 23.92 42.67 -5.28
CA ASN D 219 25.30 42.96 -5.64
C ASN D 219 25.85 42.22 -6.84
N ASP D 220 24.97 41.69 -7.67
CA ASP D 220 25.37 41.01 -8.89
C ASP D 220 26.30 39.82 -8.75
N ARG D 221 26.06 38.98 -7.74
CA ARG D 221 26.80 37.76 -7.60
C ARG D 221 26.31 36.66 -8.52
N ASP D 222 27.23 35.82 -8.96
CA ASP D 222 26.91 34.69 -9.81
C ASP D 222 26.07 33.58 -9.22
N SER D 223 26.28 33.20 -7.97
CA SER D 223 25.56 32.07 -7.41
C SER D 223 25.54 31.98 -5.90
N VAL D 224 24.74 31.07 -5.39
CA VAL D 224 24.65 30.80 -3.95
C VAL D 224 24.81 29.32 -3.67
N THR D 225 25.61 28.97 -2.69
CA THR D 225 25.88 27.59 -2.38
C THR D 225 25.43 27.25 -0.98
N LEU D 226 24.71 26.16 -0.81
CA LEU D 226 24.26 25.77 0.49
C LEU D 226 25.05 24.59 0.92
N VAL D 227 25.78 24.73 2.02
CA VAL D 227 26.72 23.74 2.46
C VAL D 227 26.13 22.97 3.60
N HIS D 228 26.21 21.67 3.54
CA HIS D 228 25.56 20.84 4.51
C HIS D 228 26.22 19.51 4.51
N LYS D 229 25.95 18.74 5.52
CA LYS D 229 26.47 17.40 5.62
C LYS D 229 25.36 16.43 5.34
N GLY D 230 24.37 16.90 4.61
CA GLY D 230 23.14 16.18 4.47
C GLY D 230 23.37 14.78 3.99
N ASN D 231 24.58 14.27 4.12
CA ASN D 231 24.77 12.87 3.81
C ASN D 231 25.02 12.03 5.03
N ILE D 232 25.16 12.66 6.18
CA ILE D 232 25.29 11.90 7.39
C ILE D 232 24.20 12.24 8.39
N MET D 233 23.69 13.45 8.32
CA MET D 233 22.60 13.85 9.16
C MET D 233 21.59 14.61 8.35
N LYS D 234 20.79 13.88 7.61
CA LYS D 234 19.94 14.47 6.61
C LYS D 234 18.89 15.41 7.11
N PHE D 235 18.12 14.98 8.10
CA PHE D 235 17.03 15.78 8.62
C PHE D 235 17.43 17.03 9.34
N THR D 236 18.41 16.90 10.21
CA THR D 236 19.00 18.05 10.87
C THR D 236 19.81 18.94 9.94
N GLU D 237 20.77 18.38 9.23
CA GLU D 237 21.60 19.17 8.35
C GLU D 237 21.09 19.07 6.95
N GLY D 238 20.59 17.91 6.60
CA GLY D 238 20.11 17.67 5.26
C GLY D 238 19.00 18.64 4.98
N ALA D 239 18.26 18.97 6.00
CA ALA D 239 17.09 19.78 5.87
C ALA D 239 17.50 21.10 5.31
N PHE D 240 18.68 21.54 5.67
CA PHE D 240 19.08 22.86 5.32
C PHE D 240 19.04 22.95 3.82
N LYS D 241 19.57 21.95 3.17
CA LYS D 241 19.55 21.96 1.73
C LYS D 241 18.13 21.93 1.31
N ASP D 242 17.34 21.06 1.91
CA ASP D 242 16.04 20.82 1.35
C ASP D 242 15.23 22.09 1.38
N TRP D 243 15.26 22.82 2.48
CA TRP D 243 14.55 24.09 2.54
C TRP D 243 15.12 25.17 1.63
N GLY D 244 16.44 25.26 1.58
CA GLY D 244 17.02 26.35 0.84
C GLY D 244 16.60 26.23 -0.60
N TYR D 245 16.71 25.05 -1.17
CA TYR D 245 16.33 24.91 -2.54
C TYR D 245 14.87 25.25 -2.60
N GLN D 246 14.10 24.76 -1.65
CA GLN D 246 12.68 24.93 -1.70
C GLN D 246 12.41 26.41 -1.68
N LEU D 247 13.15 27.13 -0.86
CA LEU D 247 12.85 28.52 -0.70
C LEU D 247 13.00 29.12 -2.05
N ALA D 248 14.00 28.70 -2.77
CA ALA D 248 14.28 29.37 -3.99
C ALA D 248 13.10 29.25 -4.88
N ARG D 249 12.59 28.06 -5.06
CA ARG D 249 11.53 27.90 -6.00
C ARG D 249 10.36 28.72 -5.54
N GLU D 250 10.03 28.57 -4.28
CA GLU D 250 8.82 29.19 -3.75
C GLU D 250 8.76 30.70 -3.74
N GLU D 251 9.83 31.37 -3.36
CA GLU D 251 9.77 32.82 -3.31
C GLU D 251 10.35 33.47 -4.54
N PHE D 252 11.44 32.91 -5.03
CA PHE D 252 12.25 33.57 -6.03
C PHE D 252 12.15 33.00 -7.42
N GLY D 253 11.10 32.24 -7.69
CA GLY D 253 10.91 31.76 -9.04
C GLY D 253 12.08 31.04 -9.65
N GLY D 254 12.51 29.94 -9.03
CA GLY D 254 13.63 29.22 -9.57
C GLY D 254 13.23 28.06 -10.44
N GLU D 255 13.56 28.18 -11.71
CA GLU D 255 13.32 27.12 -12.67
C GLU D 255 14.39 26.07 -12.54
N LEU D 256 14.07 24.84 -12.90
CA LEU D 256 14.96 23.72 -12.70
C LEU D 256 16.14 23.69 -13.63
N ILE D 257 17.16 22.93 -13.25
CA ILE D 257 18.26 22.64 -14.15
C ILE D 257 18.55 21.14 -14.21
N ASP D 258 18.04 20.47 -15.23
CA ASP D 258 18.48 19.15 -15.60
C ASP D 258 18.08 18.14 -14.57
N GLY D 259 17.21 18.56 -13.67
CA GLY D 259 16.70 17.66 -12.68
C GLY D 259 17.71 17.48 -11.57
N GLY D 260 18.89 18.02 -11.81
CA GLY D 260 19.89 18.07 -10.79
C GLY D 260 19.20 19.01 -9.86
N PRO D 261 19.51 19.00 -8.59
CA PRO D 261 18.67 19.72 -7.65
C PRO D 261 18.65 21.17 -8.02
N TRP D 262 19.79 21.66 -8.44
CA TRP D 262 20.07 23.08 -8.49
C TRP D 262 19.12 23.73 -9.45
N LEU D 263 18.83 25.00 -9.21
CA LEU D 263 17.88 25.77 -10.01
C LEU D 263 18.48 27.11 -10.28
N LYS D 264 18.00 27.80 -11.32
CA LYS D 264 18.57 29.06 -11.71
C LYS D 264 17.61 30.19 -11.44
N VAL D 265 18.05 31.18 -10.67
CA VAL D 265 17.16 32.26 -10.26
C VAL D 265 17.47 33.52 -10.98
N LYS D 266 16.47 34.06 -11.66
CA LYS D 266 16.60 35.28 -12.41
C LYS D 266 16.77 36.43 -11.47
N ASN D 267 17.55 37.43 -11.85
CA ASN D 267 17.80 38.55 -10.97
C ASN D 267 16.96 39.70 -11.41
N PRO D 268 16.07 40.14 -10.55
CA PRO D 268 15.12 41.16 -10.93
C PRO D 268 15.83 42.44 -11.29
N ASN D 269 16.85 42.79 -10.53
CA ASN D 269 17.55 44.03 -10.78
C ASN D 269 18.28 44.12 -12.10
N THR D 270 18.99 43.05 -12.46
CA THR D 270 19.77 43.07 -13.68
C THR D 270 19.28 42.14 -14.78
N GLY D 271 18.53 41.10 -14.43
CA GLY D 271 18.02 40.16 -15.39
C GLY D 271 18.91 38.97 -15.67
N LYS D 272 20.10 39.01 -15.09
CA LYS D 272 21.07 37.94 -15.21
C LYS D 272 20.60 36.79 -14.35
N GLU D 273 21.27 35.66 -14.46
CA GLU D 273 20.84 34.48 -13.75
C GLU D 273 21.69 34.22 -12.54
N ILE D 274 21.13 34.42 -11.36
CA ILE D 274 21.78 33.98 -10.15
C ILE D 274 21.64 32.49 -10.15
N VAL D 275 22.59 31.78 -9.57
CA VAL D 275 22.52 30.33 -9.57
C VAL D 275 22.65 29.77 -8.19
N ILE D 276 21.89 28.74 -7.90
CA ILE D 276 21.90 28.13 -6.59
C ILE D 276 22.34 26.69 -6.67
N LYS D 277 23.37 26.31 -5.94
CA LYS D 277 23.88 24.96 -5.95
C LYS D 277 24.35 24.58 -4.59
N ASP D 278 24.54 23.30 -4.35
CA ASP D 278 24.90 22.84 -3.04
C ASP D 278 26.05 21.92 -3.14
N VAL D 279 26.91 21.93 -2.13
CA VAL D 279 28.01 21.01 -2.05
C VAL D 279 28.27 20.62 -0.62
N ILE D 280 28.70 19.40 -0.41
CA ILE D 280 28.90 18.87 0.92
C ILE D 280 30.01 19.62 1.56
N ALA D 281 29.95 19.80 2.87
CA ALA D 281 30.96 20.56 3.57
C ALA D 281 32.32 19.94 3.65
N ASP D 282 32.41 18.70 4.05
CA ASP D 282 33.73 18.20 4.31
C ASP D 282 34.49 18.25 3.04
N ALA D 283 33.84 17.87 1.95
CA ALA D 283 34.41 17.98 0.62
C ALA D 283 34.66 19.40 0.23
N PHE D 284 33.77 20.28 0.62
CA PHE D 284 33.83 21.65 0.16
C PHE D 284 35.11 22.30 0.59
N LEU D 285 35.58 21.95 1.77
CA LEU D 285 36.78 22.54 2.27
C LEU D 285 37.87 22.20 1.31
N GLN D 286 37.79 21.04 0.69
CA GLN D 286 38.75 20.65 -0.31
C GLN D 286 38.66 21.55 -1.51
N GLN D 287 37.45 21.86 -1.91
CA GLN D 287 37.20 22.65 -3.11
C GLN D 287 37.67 24.08 -3.11
N ILE D 288 37.57 24.75 -1.99
CA ILE D 288 37.95 26.13 -1.96
C ILE D 288 39.42 26.28 -2.28
N LEU D 289 40.27 25.43 -1.74
CA LEU D 289 41.65 25.58 -2.07
C LEU D 289 41.78 25.34 -3.54
N LEU D 290 41.33 24.19 -3.98
CA LEU D 290 41.50 23.76 -5.36
C LEU D 290 40.77 24.58 -6.40
N ARG D 291 39.54 24.93 -6.13
CA ARG D 291 38.82 25.70 -7.09
C ARG D 291 38.14 26.86 -6.45
N PRO D 292 38.90 27.82 -6.03
CA PRO D 292 38.36 28.99 -5.37
C PRO D 292 37.49 29.79 -6.30
N ALA D 293 37.66 29.58 -7.58
CA ALA D 293 37.00 30.35 -8.61
C ALA D 293 35.49 30.22 -8.64
N GLU D 294 34.99 29.07 -8.28
CA GLU D 294 33.62 28.72 -8.60
C GLU D 294 32.56 29.02 -7.58
N TYR D 295 32.90 29.65 -6.46
CA TYR D 295 31.92 29.67 -5.39
C TYR D 295 31.21 30.93 -4.89
N ASP D 296 31.75 32.12 -5.01
CA ASP D 296 30.95 33.31 -4.72
C ASP D 296 30.26 33.32 -3.35
N VAL D 297 28.96 33.58 -3.33
CA VAL D 297 28.18 33.69 -2.10
C VAL D 297 27.78 32.39 -1.46
N ILE D 298 27.91 32.27 -0.14
CA ILE D 298 27.69 31.01 0.55
C ILE D 298 26.75 31.18 1.73
N ALA D 299 25.86 30.23 1.94
CA ALA D 299 25.00 30.29 3.11
C ALA D 299 25.06 28.99 3.85
N CYS D 300 25.42 29.00 5.11
CA CYS D 300 25.65 27.75 5.81
C CYS D 300 25.29 27.79 7.28
N MET D 301 25.30 26.63 7.91
CA MET D 301 24.94 26.49 9.30
C MET D 301 26.06 26.94 10.18
N ASN D 302 25.77 27.14 11.44
CA ASN D 302 26.62 27.89 12.30
C ASN D 302 27.96 27.22 12.37
N LEU D 303 27.95 25.90 12.52
CA LEU D 303 29.22 25.20 12.65
C LEU D 303 30.08 25.18 11.43
N ASN D 304 29.50 24.83 10.30
CA ASN D 304 30.32 24.75 9.13
C ASN D 304 30.85 26.15 8.98
N GLY D 305 30.03 27.12 9.28
CA GLY D 305 30.39 28.48 9.02
C GLY D 305 31.65 28.94 9.71
N ASP D 306 31.84 28.63 10.98
CA ASP D 306 33.04 29.12 11.60
C ASP D 306 34.15 28.46 10.86
N TYR D 307 34.03 27.18 10.61
CA TYR D 307 35.16 26.48 10.08
C TYR D 307 35.46 27.09 8.74
N ILE D 308 34.45 27.25 7.92
CA ILE D 308 34.68 27.76 6.57
C ILE D 308 35.21 29.18 6.51
N SER D 309 34.58 30.09 7.22
CA SER D 309 35.03 31.45 7.16
C SER D 309 36.40 31.52 7.73
N ASP D 310 36.59 30.83 8.83
CA ASP D 310 37.83 30.94 9.53
C ASP D 310 38.87 30.45 8.57
N ALA D 311 38.56 29.40 7.84
CA ALA D 311 39.50 28.80 6.89
C ALA D 311 39.90 29.58 5.67
N LEU D 312 38.96 30.24 5.00
CA LEU D 312 39.30 30.91 3.78
C LEU D 312 40.29 31.96 4.10
N ALA D 313 40.04 32.65 5.19
CA ALA D 313 40.78 33.83 5.55
C ALA D 313 42.24 33.52 5.72
N ALA D 314 42.57 32.36 6.23
CA ALA D 314 43.95 31.99 6.34
C ALA D 314 44.49 31.93 4.95
N GLN D 315 43.69 31.43 4.05
CA GLN D 315 44.12 31.19 2.69
C GLN D 315 44.53 32.46 2.02
N VAL D 316 43.90 33.55 2.39
CA VAL D 316 44.24 34.83 1.79
C VAL D 316 44.96 35.73 2.77
N GLY D 317 45.44 35.16 3.87
CA GLY D 317 46.32 35.85 4.76
C GLY D 317 45.66 37.06 5.35
N GLY D 318 44.36 36.97 5.49
CA GLY D 318 43.54 38.07 5.92
C GLY D 318 43.00 37.98 7.32
N ILE D 319 43.53 37.09 8.13
CA ILE D 319 42.95 36.92 9.42
C ILE D 319 43.03 38.26 10.07
N GLY D 320 44.13 38.94 9.83
CA GLY D 320 44.33 40.22 10.44
C GLY D 320 43.32 41.24 10.00
N ILE D 321 42.97 41.19 8.73
CA ILE D 321 42.13 42.22 8.16
C ILE D 321 40.76 41.76 7.77
N ALA D 322 40.30 40.66 8.31
CA ALA D 322 39.00 40.19 7.98
C ALA D 322 38.01 41.19 8.45
N PRO D 323 36.93 41.36 7.74
CA PRO D 323 35.87 42.24 8.17
C PRO D 323 34.69 41.40 8.47
N GLY D 324 33.84 41.84 9.37
CA GLY D 324 32.71 41.03 9.74
C GLY D 324 31.57 41.94 10.04
N ALA D 325 30.36 41.42 10.05
CA ALA D 325 29.26 42.19 10.53
C ALA D 325 28.23 41.18 10.89
N ASN D 326 27.26 41.56 11.70
CA ASN D 326 26.12 40.70 11.98
C ASN D 326 24.87 41.48 11.65
N ILE D 327 23.81 40.79 11.31
CA ILE D 327 22.63 41.44 10.79
C ILE D 327 21.35 40.91 11.42
N GLY D 328 20.30 41.70 11.37
CA GLY D 328 19.15 41.49 12.20
C GLY D 328 17.88 41.82 11.46
N ASP D 329 16.75 41.50 12.04
CA ASP D 329 15.52 41.67 11.33
C ASP D 329 15.34 43.12 11.01
N GLU D 330 15.53 43.98 11.99
CA GLU D 330 15.46 45.40 11.73
C GLU D 330 16.68 46.20 12.18
N CYS D 331 17.80 45.53 12.42
CA CYS D 331 19.04 46.21 12.79
C CYS D 331 20.23 45.50 12.20
N ALA D 332 21.26 46.24 11.80
CA ALA D 332 22.51 45.61 11.35
C ALA D 332 23.73 46.27 11.95
N LEU D 333 24.72 45.50 12.38
CA LEU D 333 25.90 46.07 13.02
C LEU D 333 27.21 45.58 12.45
N PHE D 334 28.13 46.48 12.15
CA PHE D 334 29.36 46.07 11.48
C PHE D 334 30.53 46.22 12.38
N GLU D 335 31.28 45.14 12.55
CA GLU D 335 32.22 45.03 13.63
C GLU D 335 33.65 44.85 13.18
N ALA D 336 34.58 45.42 13.92
CA ALA D 336 35.96 45.06 13.76
C ALA D 336 36.04 43.71 14.38
N THR D 337 36.81 42.82 13.78
CA THR D 337 36.78 41.43 14.15
C THR D 337 37.98 40.97 14.94
N HIS D 338 38.68 41.87 15.59
CA HIS D 338 39.93 41.53 16.24
C HIS D 338 40.03 42.02 17.67
N GLY D 339 41.05 41.56 18.34
CA GLY D 339 41.14 41.68 19.77
C GLY D 339 41.41 43.10 20.17
N THR D 340 41.21 43.38 21.44
CA THR D 340 41.47 44.68 21.99
C THR D 340 42.93 44.96 21.90
N ALA D 341 43.74 43.96 22.16
CA ALA D 341 45.16 44.12 21.96
C ALA D 341 45.54 45.37 22.68
N PRO D 342 45.25 45.42 23.96
CA PRO D 342 45.39 46.65 24.71
C PRO D 342 46.81 47.20 24.76
N LYS D 343 47.80 46.34 24.79
CA LYS D 343 49.13 46.79 25.14
C LYS D 343 49.62 47.85 24.19
N TYR D 344 49.28 47.72 22.92
CA TYR D 344 49.81 48.63 21.94
C TYR D 344 48.97 49.87 21.87
N ALA D 345 47.86 49.86 22.57
CA ALA D 345 46.85 50.87 22.36
C ALA D 345 47.37 52.25 22.64
N GLY D 346 46.98 53.18 21.80
CA GLY D 346 47.36 54.55 21.94
C GLY D 346 48.69 54.82 21.28
N GLN D 347 49.37 53.76 20.91
CA GLN D 347 50.63 53.90 20.20
C GLN D 347 50.38 54.15 18.73
N ASP D 348 49.16 53.94 18.28
CA ASP D 348 48.82 54.21 16.91
C ASP D 348 49.62 53.35 15.97
N LYS D 349 50.04 52.19 16.43
CA LYS D 349 50.81 51.31 15.58
C LYS D 349 50.07 50.19 14.87
N VAL D 350 48.83 49.92 15.21
CA VAL D 350 48.14 48.76 14.67
C VAL D 350 47.49 48.89 13.31
N ASN D 351 47.07 47.75 12.79
CA ASN D 351 46.56 47.62 11.46
C ASN D 351 45.07 47.70 11.47
N PRO D 352 44.55 48.57 10.62
CA PRO D 352 43.18 49.03 10.65
C PRO D 352 42.32 48.48 9.56
N GLY D 353 42.75 47.47 8.82
CA GLY D 353 41.93 47.00 7.74
C GLY D 353 40.60 46.42 8.10
N SER D 354 40.56 45.51 9.07
CA SER D 354 39.34 44.77 9.26
C SER D 354 38.27 45.72 9.60
N ILE D 355 38.59 46.68 10.44
CA ILE D 355 37.61 47.65 10.82
C ILE D 355 37.19 48.50 9.65
N ILE D 356 38.15 48.98 8.88
CA ILE D 356 37.83 49.78 7.73
C ILE D 356 37.09 48.92 6.78
N LEU D 357 37.57 47.72 6.63
CA LEU D 357 37.06 46.84 5.62
C LEU D 357 35.62 46.64 5.97
N SER D 358 35.30 46.62 7.25
CA SER D 358 33.93 46.47 7.67
C SER D 358 33.14 47.61 7.15
N ALA D 359 33.78 48.75 7.01
CA ALA D 359 33.06 49.91 6.54
C ALA D 359 32.54 49.64 5.16
N GLU D 360 33.27 48.92 4.34
CA GLU D 360 32.86 48.75 2.98
C GLU D 360 31.51 48.13 3.06
N MET D 361 31.42 47.12 3.90
CA MET D 361 30.23 46.35 3.94
C MET D 361 29.16 47.31 4.32
N MET D 362 29.47 48.19 5.26
CA MET D 362 28.43 49.04 5.74
C MET D 362 28.00 49.87 4.58
N LEU D 363 28.97 50.46 3.92
CA LEU D 363 28.70 51.38 2.84
C LEU D 363 28.02 50.67 1.70
N ARG D 364 28.45 49.47 1.44
CA ARG D 364 27.85 48.71 0.38
C ARG D 364 26.43 48.51 0.79
N HIS D 365 26.23 48.26 2.07
CA HIS D 365 24.95 47.81 2.57
C HIS D 365 23.90 48.83 2.30
N MET D 366 24.30 50.09 2.35
CA MET D 366 23.37 51.19 2.24
C MET D 366 23.24 51.63 0.81
N GLY D 367 23.82 50.89 -0.10
CA GLY D 367 23.64 51.21 -1.51
C GLY D 367 24.58 52.27 -2.02
N TRP D 368 25.54 52.67 -1.20
CA TRP D 368 26.57 53.56 -1.68
C TRP D 368 27.65 52.69 -2.27
N THR D 369 27.30 51.93 -3.28
CA THR D 369 28.22 50.95 -3.75
C THR D 369 29.42 51.71 -4.18
N GLU D 370 29.19 52.82 -4.84
CA GLU D 370 30.24 53.38 -5.62
C GLU D 370 31.37 53.71 -4.71
N ALA D 371 31.07 54.35 -3.60
CA ALA D 371 32.10 54.75 -2.69
C ALA D 371 32.78 53.54 -2.13
N ALA D 372 31.99 52.55 -1.78
CA ALA D 372 32.48 51.44 -1.01
C ALA D 372 33.58 50.83 -1.81
N ASP D 373 33.38 50.84 -3.11
CA ASP D 373 34.37 50.30 -4.00
C ASP D 373 35.64 51.11 -3.86
N LEU D 374 35.52 52.40 -3.64
CA LEU D 374 36.69 53.23 -3.68
C LEU D 374 37.64 52.77 -2.64
N ILE D 375 37.12 52.39 -1.49
CA ILE D 375 38.00 52.02 -0.41
C ILE D 375 38.78 50.85 -0.90
N VAL D 376 38.11 49.96 -1.59
CA VAL D 376 38.73 48.72 -1.96
C VAL D 376 39.88 49.05 -2.83
N LYS D 377 39.68 49.95 -3.76
CA LYS D 377 40.74 50.25 -4.68
C LYS D 377 41.85 50.80 -3.87
N GLY D 378 41.53 51.70 -2.97
CA GLY D 378 42.57 52.32 -2.21
C GLY D 378 43.27 51.30 -1.37
N MET D 379 42.52 50.47 -0.69
CA MET D 379 43.15 49.54 0.23
C MET D 379 44.04 48.50 -0.40
N GLU D 380 43.65 47.92 -1.52
CA GLU D 380 44.55 47.00 -2.21
C GLU D 380 45.76 47.69 -2.79
N GLY D 381 45.55 48.86 -3.32
CA GLY D 381 46.61 49.58 -3.97
C GLY D 381 47.68 49.92 -2.98
N ALA D 382 47.28 50.30 -1.79
CA ALA D 382 48.23 50.71 -0.79
C ALA D 382 49.15 49.59 -0.41
N ILE D 383 48.61 48.39 -0.27
CA ILE D 383 49.44 47.23 -0.02
C ILE D 383 50.35 46.91 -1.17
N ASN D 384 49.81 46.90 -2.37
CA ASN D 384 50.61 46.49 -3.49
C ASN D 384 51.75 47.45 -3.54
N ALA D 385 51.48 48.68 -3.16
CA ALA D 385 52.52 49.64 -3.00
C ALA D 385 53.43 49.12 -1.92
N LYS D 386 52.93 48.21 -1.12
CA LYS D 386 53.73 47.68 -0.05
C LYS D 386 54.08 48.76 0.93
N THR D 387 53.19 49.70 1.13
CA THR D 387 53.35 50.67 2.20
C THR D 387 52.38 50.20 3.23
N VAL D 388 52.88 49.78 4.37
CA VAL D 388 52.01 49.13 5.31
C VAL D 388 52.48 49.14 6.74
N THR D 389 51.63 48.65 7.61
CA THR D 389 51.80 48.71 9.03
C THR D 389 52.74 47.63 9.50
N TYR D 390 52.91 47.54 10.80
CA TYR D 390 53.90 46.66 11.39
C TYR D 390 53.63 45.21 11.12
N ASP D 391 52.37 44.86 11.04
CA ASP D 391 52.02 43.47 10.88
C ASP D 391 52.51 42.90 9.59
N PHE D 392 52.23 43.57 8.50
CA PHE D 392 52.74 43.16 7.20
C PHE D 392 54.22 43.29 6.96
N GLU D 393 54.77 44.44 7.31
CA GLU D 393 56.03 44.85 6.78
C GLU D 393 57.04 43.82 7.12
N ARG D 394 56.90 43.27 8.29
CA ARG D 394 57.87 42.31 8.75
C ARG D 394 57.78 41.16 7.81
N LEU D 395 56.56 40.82 7.46
CA LEU D 395 56.30 39.69 6.59
C LEU D 395 56.77 39.84 5.16
N MET D 396 56.55 41.01 4.58
CA MET D 396 56.83 41.23 3.17
C MET D 396 58.00 42.17 2.99
N ASP D 397 58.96 41.75 2.18
CA ASP D 397 60.21 42.46 2.05
C ASP D 397 60.13 43.77 1.31
N GLY D 398 61.13 44.60 1.49
CA GLY D 398 61.21 45.83 0.74
C GLY D 398 59.99 46.67 0.94
N ALA D 399 59.47 46.68 2.15
CA ALA D 399 58.22 47.35 2.45
C ALA D 399 58.42 48.47 3.44
N LYS D 400 57.54 49.47 3.40
CA LYS D 400 57.72 50.66 4.20
C LYS D 400 56.74 50.72 5.35
N LEU D 401 57.25 50.82 6.57
CA LEU D 401 56.43 50.70 7.76
C LEU D 401 55.70 51.96 8.09
N LEU D 402 54.39 51.87 8.24
CA LEU D 402 53.59 53.05 8.45
C LEU D 402 52.82 53.04 9.74
N LYS D 403 52.86 54.17 10.44
CA LYS D 403 52.17 54.29 11.70
C LYS D 403 50.77 54.13 11.23
N CYS D 404 49.88 53.72 12.12
CA CYS D 404 48.57 53.33 11.70
C CYS D 404 47.84 54.48 11.11
N SER D 405 47.95 55.61 11.76
CA SER D 405 47.15 56.73 11.37
C SER D 405 47.51 57.01 9.95
N GLU D 406 48.77 56.81 9.63
CA GLU D 406 49.28 57.10 8.31
C GLU D 406 48.61 56.22 7.30
N PHE D 407 48.38 54.98 7.66
CA PHE D 407 48.01 53.98 6.70
C PHE D 407 46.75 54.44 6.05
N GLY D 408 45.92 55.10 6.82
CA GLY D 408 44.62 55.47 6.32
C GLY D 408 44.84 56.34 5.13
N ASP D 409 45.86 57.17 5.22
CA ASP D 409 46.20 58.07 4.15
C ASP D 409 46.63 57.28 2.95
N ALA D 410 47.45 56.27 3.18
CA ALA D 410 47.96 55.50 2.08
C ALA D 410 46.78 54.91 1.41
N ILE D 411 45.82 54.50 2.21
CA ILE D 411 44.67 53.87 1.67
C ILE D 411 44.04 54.86 0.78
N ILE D 412 43.90 56.07 1.28
CA ILE D 412 43.26 57.13 0.54
C ILE D 412 43.99 57.55 -0.70
N GLU D 413 45.29 57.70 -0.62
CA GLU D 413 46.03 58.20 -1.75
C GLU D 413 45.92 57.26 -2.91
N ASN D 414 46.05 55.98 -2.62
CA ASN D 414 46.01 54.96 -3.65
C ASN D 414 44.65 55.02 -4.30
N MET D 415 43.64 55.39 -3.53
CA MET D 415 42.29 55.59 -4.02
C MET D 415 42.37 56.39 -5.29
P AMP E . -45.28 -9.75 7.79
O1P AMP E . -46.02 -9.49 9.08
O2P AMP E . -43.92 -10.36 7.98
O3P AMP E . -46.05 -10.44 6.68
O5' AMP E . -44.99 -8.28 7.19
C5' AMP E . -44.65 -8.20 5.80
C4' AMP E . -45.01 -6.84 5.25
O4' AMP E . -46.42 -6.66 5.44
C3' AMP E . -44.28 -5.78 6.03
O3' AMP E . -43.59 -4.92 5.14
C2' AMP E . -45.34 -5.06 6.83
O2' AMP E . -45.14 -3.64 6.87
C1' AMP E . -46.67 -5.46 6.18
N9 AMP E . -47.69 -5.61 7.27
C8 AMP E . -47.88 -6.68 8.04
N7 AMP E . -48.85 -6.47 8.95
C5 AMP E . -49.29 -5.23 8.76
C6 AMP E . -50.31 -4.40 9.38
N6 AMP E . -51.06 -4.87 10.41
N1 AMP E . -50.48 -3.15 8.90
C2 AMP E . -49.74 -2.69 7.88
N3 AMP E . -48.81 -3.42 7.28
C4 AMP E . -48.54 -4.67 7.67
PB ADP F . -69.28 -18.75 4.02
O1B ADP F . -68.91 -17.65 5.06
O2B ADP F . -68.35 -19.91 4.29
O3B ADP F . -70.73 -19.26 3.78
PA ADP F . -67.70 -16.99 2.38
O1A ADP F . -67.16 -17.21 1.02
O2A ADP F . -66.82 -16.98 3.59
O3A ADP F . -68.87 -18.13 2.56
O5' ADP F . -68.28 -15.50 2.22
C5' ADP F . -69.59 -15.46 1.65
C4' ADP F . -69.85 -14.24 0.79
O4' ADP F . -68.76 -13.33 0.88
C3' ADP F . -70.02 -14.59 -0.68
O3' ADP F . -71.34 -14.98 -1.05
C2' ADP F . -69.65 -13.31 -1.35
O2' ADP F . -70.76 -12.40 -1.35
C1' ADP F . -68.57 -12.77 -0.43
N9 ADP F . -67.25 -13.11 -1.01
C8 ADP F . -66.38 -14.01 -0.53
N7 ADP F . -65.27 -14.07 -1.30
C5 ADP F . -65.43 -13.18 -2.28
C6 ADP F . -64.61 -12.76 -3.41
N6 ADP F . -63.41 -13.34 -3.59
N1 ADP F . -65.11 -11.80 -4.20
C2 ADP F . -66.34 -11.25 -3.98
N3 ADP F . -67.15 -11.59 -2.97
C4 ADP F . -66.73 -12.54 -2.10
PB ADP G . 16.67 -10.15 1.57
O1B ADP G . 17.24 -8.70 1.54
O2B ADP G . 17.54 -10.80 2.62
O3B ADP G . 16.42 -11.00 0.33
PA ADP G . 14.22 -11.32 2.90
O1A ADP G . 13.28 -10.31 3.52
O2A ADP G . 15.16 -11.91 3.89
O3A ADP G . 15.06 -10.31 1.89
O5' ADP G . 13.36 -12.58 2.26
C5' ADP G . 13.71 -13.50 1.20
C4' ADP G . 14.65 -14.69 1.52
O4' ADP G . 14.02 -15.86 2.09
C3' ADP G . 15.37 -15.24 0.26
O3' ADP G . 16.77 -14.91 0.20
C2' ADP G . 15.22 -16.75 0.23
O2' ADP G . 16.46 -17.46 0.40
C1' ADP G . 14.20 -17.08 1.32
N9 ADP G . 12.94 -17.40 0.63
C8 ADP G . 11.89 -16.60 0.69
N7 ADP G . 10.86 -17.05 -0.05
C5 ADP G . 11.24 -18.16 -0.65
C6 ADP G . 10.57 -19.09 -1.57
N6 ADP G . 9.30 -18.85 -1.96
N1 ADP G . 11.28 -20.16 -1.99
C2 ADP G . 12.56 -20.35 -1.57
N3 ADP G . 13.22 -19.51 -0.73
C4 ADP G . 12.62 -18.40 -0.22
P AMP H . -9.06 -17.63 9.70
O1P AMP H . -9.68 -16.88 8.57
O2P AMP H . -9.60 -17.18 11.04
O3P AMP H . -7.57 -17.74 9.55
O5' AMP H . -9.50 -19.17 9.48
C5' AMP H . -9.86 -19.68 8.20
C4' AMP H . -9.24 -21.04 8.03
O4' AMP H . -7.94 -20.90 8.56
C3' AMP H . -9.93 -22.15 8.82
O3' AMP H . -9.82 -23.44 8.21
C2' AMP H . -9.16 -22.18 10.13
O2' AMP H . -9.33 -23.42 10.82
C1' AMP H . -7.78 -21.93 9.54
N9 AMP H . -6.74 -21.50 10.51
C8 AMP H . -6.51 -20.27 10.98
N7 AMP H . -5.46 -20.27 11.82
C5 AMP H . -5.00 -21.52 11.87
C6 AMP H . -3.90 -22.23 12.55
N6 AMP H . -3.09 -21.54 13.37
N1 AMP H . -3.76 -23.55 12.34
C2 AMP H . -4.58 -24.22 11.50
N3 AMP H . -5.59 -23.65 10.83
C4 AMP H . -5.84 -22.33 10.99
#